data_1YAH
#
_entry.id   1YAH
#
_cell.length_a   55.500
_cell.length_b   181.150
_cell.length_c   203.010
_cell.angle_alpha   90.00
_cell.angle_beta   90.00
_cell.angle_gamma   90.00
#
_symmetry.space_group_name_H-M   'P 21 21 21'
#
loop_
_entity.id
_entity.type
_entity.pdbx_description
1 polymer 'CES1 protein'
2 non-polymer 2-acetamido-2-deoxy-beta-D-glucopyranose
3 non-polymer 'N-acetyl-alpha-neuraminic acid'
4 non-polymer 'SULFATE ION'
5 non-polymer 'ETHYL ACETATE'
6 water water
#
_entity_poly.entity_id   1
_entity_poly.type   'polypeptide(L)'
_entity_poly.pdbx_seq_one_letter_code
;SSPPVVDTVHGKVLGKFVSLEGFAQPVAIFLGIPFAKPPLGPLRFTPPQPAEPWSFVKNATSYPPMCTQDPKAGQLLSEL
FTNRKENIPLKLSEDCLYLNIYTPADLTKKNRLPVMVWIHGGGLMVGAASTYDGLALAAHENVVVVTIQYRLGIWGFFST
GDEHSRGNWGHLDQVAALRWVQDNIASFGGNPGSVTIFGESAGGESVSVLVLSPLAKNLFHRAISESGVALTSVLVKKGD
VKPLAEQIAITAGCKTTTSAVMVHCLRQKTEEELLETTLKMKFLSLDLQGDPRESQPLLGTVIDGMLLLKTPEELQAERN
FHTVPYMVGINKQEFGWLIPMLMSYPLSEGQLDQKTAMSLLWKSYPLVCIAKELIPEATEKYLGGTDDTVKKKDLFLDLI
ADVMFGVPSVIVARNHRDAGAPTYMYEFQYRPSFSSDMKPKTVIGDHGDELFSVFGAPFLKEGASEEEIRLSKMVMKFWA
NFARNGNPNGEGLPHWPEYNQKEGYLQIGANTQAAQKLKDKEVAFWTNLFAK
;
_entity_poly.pdbx_strand_id   A,B,C
#
# COMPACT_ATOMS: atom_id res chain seq x y z
N SER A 1 19.37 39.95 -10.62
CA SER A 1 20.80 39.59 -10.39
C SER A 1 21.01 38.07 -10.26
N SER A 2 20.38 37.46 -9.26
CA SER A 2 20.46 36.02 -9.03
C SER A 2 19.04 35.54 -8.71
N PRO A 3 18.60 34.45 -9.36
CA PRO A 3 17.25 33.92 -9.11
C PRO A 3 16.97 33.81 -7.62
N PRO A 4 15.71 34.08 -7.21
CA PRO A 4 15.27 34.03 -5.82
C PRO A 4 15.28 32.61 -5.25
N VAL A 5 15.99 32.41 -4.14
CA VAL A 5 16.01 31.09 -3.50
C VAL A 5 15.51 31.19 -2.08
N VAL A 6 14.30 30.68 -1.86
CA VAL A 6 13.67 30.70 -0.55
C VAL A 6 13.80 29.33 0.09
N ASP A 7 13.95 29.32 1.41
CA ASP A 7 14.06 28.07 2.15
C ASP A 7 12.75 27.79 2.88
N THR A 8 12.04 26.74 2.46
CA THR A 8 10.78 26.39 3.12
C THR A 8 11.06 25.27 4.11
N VAL A 9 10.03 24.80 4.79
CA VAL A 9 10.24 23.74 5.76
C VAL A 9 10.74 22.45 5.09
N HIS A 10 10.18 22.12 3.93
CA HIS A 10 10.56 20.90 3.22
C HIS A 10 11.82 20.97 2.37
N GLY A 11 12.37 22.17 2.17
CA GLY A 11 13.58 22.29 1.38
C GLY A 11 13.68 23.62 0.66
N LYS A 12 14.80 23.85 -0.03
CA LYS A 12 15.01 25.11 -0.75
C LYS A 12 14.24 25.17 -2.07
N VAL A 13 13.82 26.39 -2.42
CA VAL A 13 13.06 26.58 -3.63
C VAL A 13 13.66 27.71 -4.44
N LEU A 14 13.78 27.48 -5.73
CA LEU A 14 14.37 28.45 -6.65
C LEU A 14 13.28 28.96 -7.57
N GLY A 15 13.11 30.29 -7.62
CA GLY A 15 12.11 30.88 -8.49
C GLY A 15 12.72 31.79 -9.54
N LYS A 16 11.96 32.76 -10.01
CA LYS A 16 12.46 33.69 -11.03
C LYS A 16 11.94 35.11 -10.81
N PHE A 17 12.75 36.10 -11.17
CA PHE A 17 12.36 37.49 -11.03
C PHE A 17 11.63 38.01 -12.26
N VAL A 18 10.59 38.80 -12.04
CA VAL A 18 9.79 39.39 -13.11
C VAL A 18 9.36 40.81 -12.74
N SER A 19 9.77 41.79 -13.54
CA SER A 19 9.41 43.19 -13.26
C SER A 19 8.16 43.62 -13.99
N LEU A 20 7.29 44.36 -13.29
CA LEU A 20 6.07 44.86 -13.91
C LEU A 20 6.32 46.30 -14.30
N GLU A 21 5.68 46.73 -15.39
CA GLU A 21 5.84 48.09 -15.88
C GLU A 21 5.50 49.13 -14.81
N GLY A 22 6.50 49.92 -14.44
CA GLY A 22 6.29 50.94 -13.43
C GLY A 22 6.58 50.55 -12.00
N PHE A 23 7.28 49.43 -11.80
CA PHE A 23 7.64 48.96 -10.46
C PHE A 23 9.10 48.57 -10.39
N ALA A 24 9.83 49.23 -9.51
CA ALA A 24 11.25 48.97 -9.36
C ALA A 24 11.51 47.56 -8.84
N GLN A 25 10.96 47.25 -7.67
CA GLN A 25 11.13 45.95 -7.05
C GLN A 25 10.52 44.81 -7.87
N PRO A 26 11.36 43.98 -8.50
CA PRO A 26 10.86 42.87 -9.29
C PRO A 26 10.14 41.86 -8.39
N VAL A 27 9.12 41.23 -8.94
CA VAL A 27 8.34 40.25 -8.20
C VAL A 27 8.97 38.85 -8.30
N ALA A 28 9.11 38.19 -7.15
CA ALA A 28 9.66 36.83 -7.11
C ALA A 28 8.49 35.86 -7.35
N ILE A 29 8.61 35.07 -8.39
CA ILE A 29 7.56 34.13 -8.76
C ILE A 29 8.03 32.69 -8.66
N PHE A 30 7.28 31.89 -7.91
CA PHE A 30 7.58 30.48 -7.74
C PHE A 30 6.41 29.67 -8.25
N LEU A 31 6.68 28.81 -9.23
CA LEU A 31 5.63 28.00 -9.84
C LEU A 31 5.72 26.52 -9.47
N GLY A 32 4.57 25.94 -9.15
CA GLY A 32 4.56 24.54 -8.82
C GLY A 32 5.28 24.11 -7.55
N ILE A 33 4.97 24.74 -6.43
CA ILE A 33 5.59 24.35 -5.18
C ILE A 33 4.65 23.31 -4.59
N PRO A 34 5.13 22.08 -4.37
CA PRO A 34 4.28 21.02 -3.81
C PRO A 34 3.88 21.31 -2.35
N PHE A 35 2.59 21.23 -2.06
CA PHE A 35 2.10 21.47 -0.70
C PHE A 35 1.51 20.19 -0.12
N ALA A 36 1.66 19.09 -0.86
CA ALA A 36 1.17 17.79 -0.42
C ALA A 36 1.86 16.66 -1.20
N LYS A 37 1.69 15.44 -0.69
CA LYS A 37 2.28 14.27 -1.32
C LYS A 37 1.35 13.89 -2.47
N PRO A 38 1.89 13.63 -3.67
CA PRO A 38 1.05 13.27 -4.82
C PRO A 38 0.01 12.22 -4.44
N PRO A 39 -1.28 12.53 -4.65
CA PRO A 39 -2.36 11.60 -4.30
C PRO A 39 -2.48 10.46 -5.31
N LEU A 40 -1.37 9.79 -5.59
CA LEU A 40 -1.33 8.69 -6.54
C LEU A 40 -1.57 7.31 -5.92
N GLY A 41 -2.09 6.39 -6.74
CA GLY A 41 -2.34 5.05 -6.25
C GLY A 41 -3.34 4.97 -5.11
N PRO A 42 -2.97 4.32 -4.00
CA PRO A 42 -3.79 4.13 -2.80
C PRO A 42 -4.16 5.43 -2.08
N LEU A 43 -3.42 6.50 -2.37
CA LEU A 43 -3.71 7.79 -1.74
C LEU A 43 -4.93 8.42 -2.37
N ARG A 44 -5.35 7.87 -3.51
CA ARG A 44 -6.53 8.37 -4.19
C ARG A 44 -7.72 8.22 -3.25
N PHE A 45 -8.60 9.21 -3.24
CA PHE A 45 -9.79 9.19 -2.37
C PHE A 45 -9.40 9.14 -0.88
N THR A 46 -8.36 9.87 -0.52
CA THR A 46 -7.94 9.92 0.87
C THR A 46 -7.41 11.32 1.12
N PRO A 47 -7.47 11.78 2.38
CA PRO A 47 -6.99 13.11 2.73
C PRO A 47 -5.57 13.36 2.21
N PRO A 48 -5.26 14.62 1.88
CA PRO A 48 -3.93 14.98 1.39
C PRO A 48 -2.88 14.81 2.49
N GLN A 49 -1.74 14.23 2.15
CA GLN A 49 -0.67 14.06 3.13
C GLN A 49 0.51 15.02 2.93
N PRO A 50 1.28 15.27 3.98
CA PRO A 50 2.44 16.16 3.95
C PRO A 50 3.38 15.76 2.84
N ALA A 51 3.99 16.75 2.20
CA ALA A 51 4.92 16.50 1.13
C ALA A 51 6.26 16.01 1.67
N GLU A 52 6.92 15.14 0.91
CA GLU A 52 8.23 14.63 1.33
C GLU A 52 9.24 15.74 1.14
N PRO A 53 10.16 15.90 2.09
CA PRO A 53 11.18 16.95 1.98
C PRO A 53 12.24 16.59 0.93
N TRP A 54 12.73 17.61 0.21
CA TRP A 54 13.75 17.40 -0.81
C TRP A 54 15.12 17.81 -0.31
N SER A 55 16.14 17.20 -0.89
CA SER A 55 17.54 17.41 -0.50
C SER A 55 18.30 18.64 -0.94
N PHE A 56 18.00 19.18 -2.12
CA PHE A 56 18.76 20.34 -2.52
C PHE A 56 17.86 21.53 -2.83
N VAL A 57 18.05 22.15 -3.99
CA VAL A 57 17.24 23.30 -4.37
C VAL A 57 16.27 22.87 -5.46
N LYS A 58 14.98 22.94 -5.17
CA LYS A 58 13.94 22.54 -6.13
C LYS A 58 13.52 23.71 -7.01
N ASN A 59 13.52 23.48 -8.32
CA ASN A 59 13.17 24.49 -9.30
C ASN A 59 11.69 24.73 -9.44
N ALA A 60 11.20 25.81 -8.84
CA ALA A 60 9.80 26.17 -8.94
C ALA A 60 9.66 27.15 -10.09
N THR A 61 10.14 26.73 -11.26
CA THR A 61 10.13 27.58 -12.44
C THR A 61 9.25 27.14 -13.60
N SER A 62 8.53 26.03 -13.45
CA SER A 62 7.64 25.52 -14.50
C SER A 62 6.23 25.36 -13.98
N TYR A 63 5.24 25.73 -14.78
CA TYR A 63 3.84 25.61 -14.40
C TYR A 63 3.52 24.17 -14.06
N PRO A 64 2.78 23.94 -12.96
CA PRO A 64 2.43 22.57 -12.58
C PRO A 64 1.29 22.06 -13.46
N PRO A 65 0.99 20.75 -13.39
CA PRO A 65 -0.10 20.21 -14.20
C PRO A 65 -1.40 20.63 -13.53
N MET A 66 -2.49 20.62 -14.29
CA MET A 66 -3.77 20.94 -13.69
C MET A 66 -4.40 19.57 -13.43
N CYS A 67 -5.11 19.42 -12.32
CA CYS A 67 -5.71 18.13 -11.98
C CYS A 67 -6.54 17.57 -13.14
N THR A 68 -6.57 16.25 -13.22
CA THR A 68 -7.27 15.59 -14.29
C THR A 68 -8.69 16.12 -14.40
N GLN A 69 -9.03 16.52 -15.62
CA GLN A 69 -10.34 17.09 -15.91
C GLN A 69 -10.53 17.00 -17.40
N ASP A 70 -11.72 17.37 -17.87
CA ASP A 70 -12.02 17.37 -19.30
C ASP A 70 -11.00 18.33 -19.91
N PRO A 71 -10.03 17.81 -20.68
CA PRO A 71 -9.03 18.68 -21.30
C PRO A 71 -9.59 19.83 -22.13
N LYS A 72 -10.61 19.53 -22.94
CA LYS A 72 -11.22 20.54 -23.79
C LYS A 72 -11.87 21.66 -22.99
N ALA A 73 -12.78 21.28 -22.09
CA ALA A 73 -13.48 22.24 -21.25
C ALA A 73 -12.50 23.03 -20.37
N GLY A 74 -11.60 22.30 -19.73
CA GLY A 74 -10.63 22.94 -18.86
C GLY A 74 -9.83 23.99 -19.57
N GLN A 75 -9.42 23.69 -20.78
CA GLN A 75 -8.64 24.66 -21.54
C GLN A 75 -9.50 25.87 -21.86
N LEU A 76 -10.71 25.60 -22.33
CA LEU A 76 -11.64 26.66 -22.69
C LEU A 76 -11.87 27.63 -21.55
N LEU A 77 -12.13 27.09 -20.36
CA LEU A 77 -12.38 27.96 -19.21
C LEU A 77 -11.12 28.76 -18.87
N SER A 78 -9.95 28.14 -19.05
CA SER A 78 -8.70 28.80 -18.76
C SER A 78 -8.48 29.97 -19.70
N GLU A 79 -8.83 29.80 -20.97
CA GLU A 79 -8.67 30.85 -21.96
C GLU A 79 -9.61 32.00 -21.62
N LEU A 80 -10.85 31.66 -21.31
CA LEU A 80 -11.90 32.62 -20.97
C LEU A 80 -11.66 33.40 -19.68
N PHE A 81 -10.89 32.86 -18.73
CA PHE A 81 -10.67 33.55 -17.47
C PHE A 81 -9.27 34.13 -17.26
N THR A 82 -8.29 33.58 -17.98
CA THR A 82 -6.92 34.06 -17.81
C THR A 82 -6.84 35.57 -17.91
N ASN A 83 -5.95 36.16 -17.10
CA ASN A 83 -5.76 37.60 -17.10
C ASN A 83 -4.45 37.96 -17.81
N ARG A 84 -3.72 36.93 -18.27
CA ARG A 84 -2.47 37.15 -18.98
C ARG A 84 -2.76 37.23 -20.47
N LYS A 85 -1.92 37.91 -21.24
CA LYS A 85 -2.13 38.04 -22.67
C LYS A 85 -2.23 36.68 -23.35
N GLU A 86 -1.18 35.87 -23.23
CA GLU A 86 -1.17 34.54 -23.83
C GLU A 86 -1.68 33.50 -22.84
N ASN A 87 -2.64 32.67 -23.23
CA ASN A 87 -3.11 31.64 -22.31
C ASN A 87 -2.06 30.53 -22.29
N ILE A 88 -1.69 30.09 -21.08
CA ILE A 88 -0.69 29.05 -20.93
C ILE A 88 -1.33 27.67 -21.06
N PRO A 89 -0.88 26.86 -22.02
CA PRO A 89 -1.44 25.52 -22.21
C PRO A 89 -0.94 24.62 -21.06
N LEU A 90 -1.84 23.85 -20.46
CA LEU A 90 -1.46 22.99 -19.33
C LEU A 90 -1.55 21.50 -19.62
N LYS A 91 -0.96 20.72 -18.73
CA LYS A 91 -0.97 19.28 -18.85
C LYS A 91 -1.84 18.72 -17.75
N LEU A 92 -2.42 17.55 -17.99
CA LEU A 92 -3.28 16.91 -17.00
C LEU A 92 -2.49 15.86 -16.25
N SER A 93 -2.74 15.76 -14.94
CA SER A 93 -2.05 14.78 -14.12
C SER A 93 -2.75 14.60 -12.80
N GLU A 94 -2.62 13.43 -12.21
CA GLU A 94 -3.22 13.20 -10.91
C GLU A 94 -2.32 13.91 -9.92
N ASP A 95 -1.06 14.09 -10.33
CA ASP A 95 -0.07 14.78 -9.52
C ASP A 95 -0.28 16.26 -9.79
N CYS A 96 -1.13 16.89 -8.98
CA CYS A 96 -1.46 18.30 -9.20
C CYS A 96 -1.58 19.16 -7.96
N LEU A 97 -1.30 18.61 -6.79
CA LEU A 97 -1.42 19.41 -5.59
C LEU A 97 -0.24 20.35 -5.45
N TYR A 98 -0.29 21.45 -6.20
CA TYR A 98 0.76 22.46 -6.15
C TYR A 98 0.13 23.82 -5.98
N LEU A 99 0.96 24.81 -5.71
CA LEU A 99 0.49 26.19 -5.56
C LEU A 99 1.55 27.12 -6.16
N ASN A 100 1.12 28.29 -6.61
CA ASN A 100 2.01 29.26 -7.20
C ASN A 100 2.09 30.48 -6.28
N ILE A 101 3.28 31.04 -6.13
CA ILE A 101 3.46 32.20 -5.27
C ILE A 101 4.03 33.41 -5.99
N TYR A 102 3.38 34.55 -5.82
CA TYR A 102 3.81 35.80 -6.42
C TYR A 102 4.05 36.76 -5.27
N THR A 103 5.32 37.00 -4.94
CA THR A 103 5.62 37.89 -3.84
C THR A 103 6.38 39.13 -4.28
N PRO A 104 5.83 40.32 -4.00
CA PRO A 104 6.44 41.60 -4.36
C PRO A 104 7.50 42.03 -3.37
N ALA A 105 7.56 41.35 -2.24
CA ALA A 105 8.54 41.70 -1.20
C ALA A 105 9.98 41.50 -1.65
N ASP A 106 10.90 42.26 -1.06
CA ASP A 106 12.30 42.09 -1.36
C ASP A 106 12.74 41.04 -0.36
N LEU A 107 12.93 39.83 -0.89
CA LEU A 107 13.31 38.67 -0.08
C LEU A 107 14.58 38.80 0.73
N THR A 108 15.39 39.80 0.40
CA THR A 108 16.64 40.03 1.11
C THR A 108 16.41 40.73 2.44
N LYS A 109 15.14 40.96 2.77
CA LYS A 109 14.77 41.61 4.02
C LYS A 109 13.57 40.93 4.64
N LYS A 110 13.29 41.20 5.89
CA LYS A 110 12.14 40.58 6.53
C LYS A 110 10.89 41.39 6.19
N ASN A 111 9.90 40.74 5.60
CA ASN A 111 8.66 41.41 5.27
C ASN A 111 7.52 40.57 5.74
N ARG A 112 6.43 41.23 6.08
CA ARG A 112 5.25 40.51 6.52
C ARG A 112 4.04 41.16 5.87
N LEU A 113 3.97 41.00 4.55
CA LEU A 113 2.90 41.56 3.75
C LEU A 113 1.64 40.70 3.85
N PRO A 114 0.46 41.31 3.69
CA PRO A 114 -0.75 40.49 3.78
C PRO A 114 -0.81 39.41 2.68
N VAL A 115 -1.26 38.22 3.04
CA VAL A 115 -1.34 37.14 2.07
C VAL A 115 -2.73 36.85 1.53
N MET A 116 -2.83 36.77 0.20
CA MET A 116 -4.10 36.47 -0.46
C MET A 116 -4.00 35.15 -1.21
N VAL A 117 -4.75 34.15 -0.73
CA VAL A 117 -4.77 32.84 -1.34
C VAL A 117 -6.01 32.72 -2.23
N TRP A 118 -5.77 32.49 -3.52
CA TRP A 118 -6.83 32.37 -4.52
C TRP A 118 -7.28 30.95 -4.81
N ILE A 119 -8.59 30.74 -4.77
CA ILE A 119 -9.14 29.43 -5.08
C ILE A 119 -9.93 29.51 -6.38
N HIS A 120 -9.38 28.94 -7.44
CA HIS A 120 -10.01 28.96 -8.75
C HIS A 120 -11.32 28.20 -8.77
N GLY A 121 -12.24 28.63 -9.63
CA GLY A 121 -13.50 27.97 -9.73
C GLY A 121 -13.52 27.01 -10.92
N GLY A 122 -14.71 26.55 -11.27
CA GLY A 122 -14.84 25.63 -12.38
C GLY A 122 -15.73 24.48 -12.00
N GLY A 123 -16.81 24.80 -11.28
CA GLY A 123 -17.75 23.78 -10.86
C GLY A 123 -17.12 22.59 -10.14
N LEU A 124 -15.92 22.77 -9.60
CA LEU A 124 -15.24 21.67 -8.90
C LEU A 124 -14.92 20.50 -9.84
N MET A 125 -15.06 20.74 -11.14
CA MET A 125 -14.79 19.73 -12.17
C MET A 125 -13.55 20.06 -13.01
N VAL A 126 -13.39 21.35 -13.33
CA VAL A 126 -12.25 21.81 -14.13
C VAL A 126 -11.64 23.04 -13.45
N GLY A 127 -10.53 23.54 -14.00
CA GLY A 127 -9.89 24.71 -13.42
C GLY A 127 -8.42 24.45 -13.14
N ALA A 128 -7.65 25.52 -12.91
CA ALA A 128 -6.21 25.42 -12.62
C ALA A 128 -5.70 26.72 -12.01
N ALA A 129 -4.63 26.64 -11.22
CA ALA A 129 -4.11 27.85 -10.59
C ALA A 129 -3.31 28.68 -11.58
N SER A 130 -2.63 28.02 -12.52
CA SER A 130 -1.81 28.71 -13.50
C SER A 130 -2.61 29.64 -14.40
N THR A 131 -3.92 29.42 -14.46
CA THR A 131 -4.80 30.26 -15.26
C THR A 131 -4.63 31.70 -14.77
N TYR A 132 -4.56 31.85 -13.45
CA TYR A 132 -4.45 33.16 -12.82
C TYR A 132 -3.02 33.61 -12.55
N ASP A 133 -2.70 34.77 -13.08
CA ASP A 133 -1.38 35.38 -12.95
C ASP A 133 -1.46 36.49 -11.88
N GLY A 134 -0.78 36.26 -10.76
CA GLY A 134 -0.83 37.24 -9.67
C GLY A 134 0.16 38.39 -9.74
N LEU A 135 0.93 38.48 -10.82
CA LEU A 135 1.95 39.52 -10.98
C LEU A 135 1.46 40.96 -10.76
N ALA A 136 0.36 41.34 -11.42
CA ALA A 136 -0.19 42.69 -11.32
C ALA A 136 -0.75 43.02 -9.93
N LEU A 137 -1.57 42.12 -9.39
CA LEU A 137 -2.15 42.36 -8.08
C LEU A 137 -1.08 42.43 -7.00
N ALA A 138 -0.08 41.56 -7.08
CA ALA A 138 0.99 41.52 -6.10
C ALA A 138 1.83 42.81 -6.08
N ALA A 139 2.21 43.27 -7.27
CA ALA A 139 3.02 44.49 -7.38
C ALA A 139 2.19 45.74 -7.05
N HIS A 140 1.02 45.84 -7.64
CA HIS A 140 0.16 46.98 -7.43
C HIS A 140 -0.28 47.23 -6.00
N GLU A 141 -0.75 46.19 -5.31
CA GLU A 141 -1.20 46.36 -3.93
C GLU A 141 -0.22 45.84 -2.89
N ASN A 142 0.96 45.46 -3.34
CA ASN A 142 1.99 45.00 -2.44
C ASN A 142 1.49 43.94 -1.45
N VAL A 143 1.02 42.82 -1.98
CA VAL A 143 0.52 41.70 -1.19
C VAL A 143 1.05 40.42 -1.84
N VAL A 144 1.16 39.35 -1.05
CA VAL A 144 1.65 38.09 -1.59
C VAL A 144 0.45 37.33 -2.15
N VAL A 145 0.49 37.03 -3.44
CA VAL A 145 -0.61 36.28 -4.02
C VAL A 145 -0.23 34.81 -4.15
N VAL A 146 -1.12 33.94 -3.70
CA VAL A 146 -0.92 32.50 -3.74
C VAL A 146 -2.09 31.82 -4.43
N THR A 147 -1.84 31.24 -5.59
CA THR A 147 -2.88 30.55 -6.34
C THR A 147 -2.72 29.06 -6.10
N ILE A 148 -3.71 28.42 -5.47
CA ILE A 148 -3.63 27.00 -5.19
C ILE A 148 -4.47 26.10 -6.10
N GLN A 149 -4.19 24.81 -6.04
CA GLN A 149 -4.92 23.82 -6.83
C GLN A 149 -5.41 22.75 -5.88
N TYR A 150 -6.47 22.07 -6.28
CA TYR A 150 -7.06 21.03 -5.46
C TYR A 150 -7.68 20.00 -6.39
N ARG A 151 -7.84 18.77 -5.90
CA ARG A 151 -8.42 17.69 -6.69
C ARG A 151 -9.83 18.03 -7.17
N LEU A 152 -10.07 17.80 -8.45
CA LEU A 152 -11.37 18.07 -9.04
C LEU A 152 -12.10 16.78 -9.42
N GLY A 153 -13.38 16.93 -9.74
CA GLY A 153 -14.21 15.81 -10.15
C GLY A 153 -14.13 14.58 -9.28
N ILE A 154 -14.17 13.42 -9.92
CA ILE A 154 -14.12 12.14 -9.24
C ILE A 154 -12.97 12.15 -8.22
N TRP A 155 -11.77 12.41 -8.70
CA TRP A 155 -10.60 12.45 -7.85
C TRP A 155 -10.76 13.24 -6.55
N GLY A 156 -11.41 14.39 -6.63
CA GLY A 156 -11.56 15.20 -5.44
C GLY A 156 -12.91 15.26 -4.77
N PHE A 157 -13.90 14.53 -5.27
CA PHE A 157 -15.21 14.58 -4.66
C PHE A 157 -16.01 13.29 -4.65
N PHE A 158 -15.38 12.19 -5.05
CA PHE A 158 -16.05 10.91 -5.06
C PHE A 158 -16.39 10.53 -3.63
N SER A 159 -17.67 10.28 -3.39
CA SER A 159 -18.15 9.91 -2.06
C SER A 159 -19.11 8.72 -2.05
N THR A 160 -18.84 7.75 -1.18
CA THR A 160 -19.71 6.58 -1.06
C THR A 160 -20.73 6.84 0.05
N GLY A 161 -20.58 7.97 0.73
CA GLY A 161 -21.51 8.32 1.79
C GLY A 161 -21.18 7.73 3.15
N ASP A 162 -20.14 6.90 3.20
CA ASP A 162 -19.73 6.29 4.46
C ASP A 162 -18.24 6.51 4.72
N GLU A 163 -17.70 5.79 5.69
CA GLU A 163 -16.31 5.93 6.06
C GLU A 163 -15.30 5.44 5.03
N HIS A 164 -15.76 4.67 4.05
CA HIS A 164 -14.86 4.14 3.04
C HIS A 164 -14.49 5.15 1.97
N SER A 165 -15.15 6.31 2.02
CA SER A 165 -14.87 7.40 1.10
C SER A 165 -15.83 8.52 1.42
N ARG A 166 -15.51 9.25 2.48
CA ARG A 166 -16.34 10.35 2.92
C ARG A 166 -16.59 11.35 1.80
N GLY A 167 -15.52 11.75 1.13
CA GLY A 167 -15.65 12.73 0.06
C GLY A 167 -14.96 14.01 0.47
N ASN A 168 -15.15 15.07 -0.32
CA ASN A 168 -14.56 16.37 -0.05
C ASN A 168 -13.04 16.41 -0.06
N TRP A 169 -12.42 15.47 -0.75
CA TRP A 169 -10.97 15.44 -0.84
C TRP A 169 -10.49 16.81 -1.30
N GLY A 170 -11.10 17.32 -2.36
CA GLY A 170 -10.73 18.62 -2.91
C GLY A 170 -10.65 19.69 -1.84
N HIS A 171 -11.69 19.79 -1.02
CA HIS A 171 -11.72 20.77 0.05
C HIS A 171 -10.59 20.53 1.03
N LEU A 172 -10.32 19.27 1.34
CA LEU A 172 -9.24 18.94 2.26
C LEU A 172 -7.90 19.39 1.70
N ASP A 173 -7.75 19.37 0.38
CA ASP A 173 -6.50 19.81 -0.25
C ASP A 173 -6.38 21.31 -0.03
N GLN A 174 -7.50 22.02 -0.12
CA GLN A 174 -7.54 23.46 0.07
C GLN A 174 -7.12 23.77 1.49
N VAL A 175 -7.64 23.00 2.44
CA VAL A 175 -7.25 23.20 3.82
C VAL A 175 -5.76 22.86 3.97
N ALA A 176 -5.31 21.80 3.30
CA ALA A 176 -3.90 21.40 3.36
C ALA A 176 -2.99 22.52 2.84
N ALA A 177 -3.46 23.24 1.82
CA ALA A 177 -2.71 24.34 1.22
C ALA A 177 -2.61 25.48 2.21
N LEU A 178 -3.73 25.82 2.86
CA LEU A 178 -3.72 26.89 3.85
C LEU A 178 -2.76 26.62 4.98
N ARG A 179 -2.60 25.35 5.35
CA ARG A 179 -1.67 24.98 6.43
C ARG A 179 -0.27 25.17 5.93
N TRP A 180 -0.07 24.91 4.64
CA TRP A 180 1.26 25.08 4.07
C TRP A 180 1.64 26.56 4.15
N VAL A 181 0.69 27.41 3.82
CA VAL A 181 0.90 28.86 3.87
C VAL A 181 1.29 29.30 5.29
N GLN A 182 0.60 28.75 6.28
CA GLN A 182 0.88 29.10 7.67
C GLN A 182 2.30 28.75 8.07
N ASP A 183 2.77 27.59 7.68
CA ASP A 183 4.11 27.18 8.05
C ASP A 183 5.22 27.66 7.11
N ASN A 184 4.86 28.24 5.97
CA ASN A 184 5.88 28.66 5.02
C ASN A 184 5.83 30.06 4.44
N ILE A 185 4.63 30.63 4.34
CA ILE A 185 4.49 31.92 3.70
C ILE A 185 5.43 33.03 4.19
N ALA A 186 5.87 32.94 5.45
CA ALA A 186 6.77 33.98 5.97
C ALA A 186 8.13 33.99 5.26
N SER A 187 8.55 32.85 4.73
CA SER A 187 9.82 32.77 4.02
C SER A 187 9.71 33.56 2.72
N PHE A 188 8.49 33.93 2.35
CA PHE A 188 8.26 34.67 1.11
C PHE A 188 7.80 36.10 1.34
N GLY A 189 8.02 36.64 2.52
CA GLY A 189 7.61 38.01 2.77
C GLY A 189 6.14 38.12 3.14
N GLY A 190 5.51 36.99 3.40
CA GLY A 190 4.11 37.02 3.78
C GLY A 190 3.91 36.96 5.29
N ASN A 191 2.80 37.52 5.73
CA ASN A 191 2.47 37.52 7.15
C ASN A 191 1.41 36.45 7.39
N PRO A 192 1.84 35.28 7.89
CA PRO A 192 0.90 34.17 8.15
C PRO A 192 -0.25 34.58 9.06
N GLY A 193 -0.11 35.75 9.69
CA GLY A 193 -1.13 36.23 10.60
C GLY A 193 -2.21 37.05 9.93
N SER A 194 -2.05 37.31 8.63
CA SER A 194 -3.03 38.08 7.90
C SER A 194 -3.28 37.41 6.54
N VAL A 195 -3.81 36.19 6.57
CA VAL A 195 -4.10 35.45 5.34
C VAL A 195 -5.56 35.61 4.89
N THR A 196 -5.77 36.06 3.66
CA THR A 196 -7.13 36.21 3.14
C THR A 196 -7.37 35.19 2.04
N ILE A 197 -8.49 34.48 2.11
CA ILE A 197 -8.83 33.52 1.07
C ILE A 197 -9.93 34.14 0.21
N PHE A 198 -9.85 33.95 -1.10
CA PHE A 198 -10.84 34.48 -2.00
C PHE A 198 -10.90 33.61 -3.25
N GLY A 199 -12.11 33.37 -3.73
CA GLY A 199 -12.27 32.53 -4.90
C GLY A 199 -13.51 32.94 -5.65
N GLU A 200 -13.57 32.52 -6.92
CA GLU A 200 -14.69 32.86 -7.78
C GLU A 200 -15.47 31.59 -8.19
N SER A 201 -16.80 31.68 -8.23
CA SER A 201 -17.66 30.57 -8.62
C SER A 201 -17.44 29.36 -7.68
N ALA A 202 -17.00 28.22 -8.23
CA ALA A 202 -16.75 27.02 -7.41
C ALA A 202 -15.73 27.35 -6.30
N GLY A 203 -14.89 28.35 -6.57
CA GLY A 203 -13.89 28.77 -5.60
C GLY A 203 -14.51 29.70 -4.57
N GLY A 204 -15.60 30.37 -4.98
CA GLY A 204 -16.31 31.25 -4.09
C GLY A 204 -17.07 30.38 -3.12
N GLU A 205 -17.56 29.25 -3.62
CA GLU A 205 -18.29 28.29 -2.81
C GLU A 205 -17.29 27.64 -1.85
N SER A 206 -16.09 27.34 -2.33
CA SER A 206 -15.08 26.74 -1.48
C SER A 206 -14.75 27.68 -0.31
N VAL A 207 -14.57 28.96 -0.61
CA VAL A 207 -14.27 29.92 0.43
C VAL A 207 -15.42 29.92 1.44
N SER A 208 -16.65 29.87 0.94
CA SER A 208 -17.83 29.86 1.79
C SER A 208 -17.84 28.61 2.69
N VAL A 209 -17.50 27.46 2.09
CA VAL A 209 -17.44 26.20 2.82
C VAL A 209 -16.38 26.29 3.90
N LEU A 210 -15.18 26.71 3.52
CA LEU A 210 -14.07 26.83 4.47
C LEU A 210 -14.38 27.72 5.65
N VAL A 211 -15.26 28.70 5.44
CA VAL A 211 -15.66 29.62 6.50
C VAL A 211 -16.55 28.88 7.51
N LEU A 212 -17.25 27.87 7.03
CA LEU A 212 -18.15 27.08 7.87
C LEU A 212 -17.48 25.87 8.49
N SER A 213 -16.33 25.47 7.94
CA SER A 213 -15.63 24.29 8.43
C SER A 213 -14.70 24.52 9.60
N PRO A 214 -14.76 23.61 10.60
CA PRO A 214 -13.95 23.64 11.81
C PRO A 214 -12.47 23.37 11.48
N LEU A 215 -12.23 22.58 10.43
CA LEU A 215 -10.87 22.23 10.03
C LEU A 215 -10.04 23.43 9.57
N ALA A 216 -10.66 24.33 8.83
CA ALA A 216 -9.96 25.49 8.30
C ALA A 216 -9.89 26.63 9.31
N LYS A 217 -10.40 26.40 10.51
CA LYS A 217 -10.38 27.44 11.53
C LYS A 217 -8.94 27.82 11.83
N ASN A 218 -8.65 29.12 11.81
CA ASN A 218 -7.33 29.66 12.11
C ASN A 218 -6.30 29.55 10.99
N LEU A 219 -6.77 29.24 9.78
CA LEU A 219 -5.86 29.13 8.64
C LEU A 219 -6.02 30.36 7.74
N PHE A 220 -6.96 31.23 8.08
CA PHE A 220 -7.23 32.45 7.33
C PHE A 220 -7.92 33.46 8.25
N HIS A 221 -7.85 34.74 7.89
CA HIS A 221 -8.43 35.80 8.72
C HIS A 221 -9.43 36.74 8.04
N ARG A 222 -9.72 36.48 6.76
CA ARG A 222 -10.67 37.26 5.97
C ARG A 222 -11.01 36.37 4.80
N ALA A 223 -12.21 36.51 4.26
CA ALA A 223 -12.62 35.69 3.15
C ALA A 223 -13.45 36.49 2.17
N ILE A 224 -13.29 36.20 0.88
CA ILE A 224 -14.04 36.89 -0.17
C ILE A 224 -14.65 35.85 -1.11
N SER A 225 -15.96 35.90 -1.28
CA SER A 225 -16.64 34.97 -2.17
C SER A 225 -17.20 35.73 -3.35
N GLU A 226 -16.67 35.47 -4.54
CA GLU A 226 -17.13 36.14 -5.75
C GLU A 226 -18.02 35.21 -6.58
N SER A 227 -19.31 35.55 -6.68
CA SER A 227 -20.24 34.75 -7.47
C SER A 227 -20.28 33.29 -7.03
N GLY A 228 -20.60 33.04 -5.76
CA GLY A 228 -20.65 31.68 -5.27
C GLY A 228 -20.51 31.55 -3.76
N VAL A 229 -21.47 30.87 -3.15
CA VAL A 229 -21.43 30.63 -1.72
C VAL A 229 -21.89 29.21 -1.44
N ALA A 230 -21.90 28.82 -0.18
CA ALA A 230 -22.27 27.46 0.24
C ALA A 230 -23.75 27.15 0.10
N LEU A 231 -24.55 28.13 -0.34
CA LEU A 231 -25.97 27.90 -0.53
C LEU A 231 -26.28 27.73 -2.02
N THR A 232 -25.23 27.77 -2.83
CA THR A 232 -25.35 27.57 -4.27
C THR A 232 -25.54 26.06 -4.42
N SER A 233 -26.80 25.67 -4.35
CA SER A 233 -27.22 24.27 -4.43
C SER A 233 -26.35 23.36 -5.30
N VAL A 234 -26.47 23.49 -6.62
CA VAL A 234 -25.73 22.66 -7.57
C VAL A 234 -24.39 22.07 -7.08
N LEU A 235 -23.63 22.82 -6.28
CA LEU A 235 -22.33 22.36 -5.78
C LEU A 235 -22.36 21.57 -4.45
N VAL A 236 -23.40 21.75 -3.66
CA VAL A 236 -23.53 21.05 -2.38
C VAL A 236 -24.56 19.92 -2.40
N LYS A 237 -24.05 18.69 -2.48
CA LYS A 237 -24.91 17.50 -2.53
C LYS A 237 -25.54 17.15 -1.19
N LYS A 238 -26.86 17.26 -1.11
CA LYS A 238 -27.58 16.90 0.11
C LYS A 238 -28.38 15.61 -0.15
N GLY A 239 -28.50 14.76 0.86
CA GLY A 239 -29.24 13.53 0.67
C GLY A 239 -28.30 12.34 0.52
N ASP A 240 -28.84 11.21 0.06
CA ASP A 240 -28.06 9.99 -0.12
C ASP A 240 -27.19 10.03 -1.39
N VAL A 241 -25.88 10.20 -1.22
CA VAL A 241 -24.96 10.26 -2.35
C VAL A 241 -24.60 8.86 -2.85
N LYS A 242 -25.08 7.84 -2.15
CA LYS A 242 -24.78 6.45 -2.49
C LYS A 242 -25.11 6.12 -3.94
N PRO A 243 -26.29 6.51 -4.41
CA PRO A 243 -26.64 6.22 -5.80
C PRO A 243 -25.64 6.77 -6.83
N LEU A 244 -25.21 8.01 -6.65
CA LEU A 244 -24.26 8.63 -7.57
C LEU A 244 -22.95 7.85 -7.54
N ALA A 245 -22.57 7.39 -6.36
CA ALA A 245 -21.32 6.64 -6.21
C ALA A 245 -21.39 5.38 -7.04
N GLU A 246 -22.53 4.69 -6.96
CA GLU A 246 -22.77 3.45 -7.68
C GLU A 246 -22.85 3.68 -9.18
N GLN A 247 -23.51 4.76 -9.58
CA GLN A 247 -23.64 5.06 -10.98
C GLN A 247 -22.24 5.32 -11.57
N ILE A 248 -21.37 5.96 -10.80
CA ILE A 248 -19.99 6.24 -11.26
C ILE A 248 -19.19 4.96 -11.32
N ALA A 249 -19.31 4.15 -10.26
CA ALA A 249 -18.62 2.87 -10.18
C ALA A 249 -18.96 2.03 -11.41
N ILE A 250 -20.25 1.87 -11.68
CA ILE A 250 -20.69 1.08 -12.82
C ILE A 250 -20.15 1.62 -14.15
N THR A 251 -20.20 2.94 -14.34
CA THR A 251 -19.72 3.58 -15.58
C THR A 251 -18.20 3.39 -15.77
N ALA A 252 -17.51 3.11 -14.68
CA ALA A 252 -16.07 2.88 -14.72
C ALA A 252 -15.79 1.38 -14.84
N GLY A 253 -16.85 0.58 -14.90
CA GLY A 253 -16.71 -0.86 -15.02
C GLY A 253 -16.34 -1.53 -13.72
N CYS A 254 -17.02 -1.13 -12.65
CA CYS A 254 -16.78 -1.65 -11.31
C CYS A 254 -17.99 -2.32 -10.67
N LYS A 255 -17.72 -3.24 -9.76
CA LYS A 255 -18.79 -3.91 -9.04
C LYS A 255 -19.32 -2.93 -8.01
N THR A 256 -20.49 -3.20 -7.45
CA THR A 256 -21.05 -2.31 -6.44
C THR A 256 -21.44 -3.07 -5.18
N THR A 257 -20.91 -4.28 -5.03
CA THR A 257 -21.21 -5.14 -3.88
C THR A 257 -21.27 -4.38 -2.56
N THR A 258 -20.24 -3.59 -2.28
CA THR A 258 -20.18 -2.80 -1.06
C THR A 258 -19.38 -1.52 -1.33
N SER A 259 -19.52 -0.54 -0.45
CA SER A 259 -18.80 0.70 -0.62
C SER A 259 -17.30 0.45 -0.63
N ALA A 260 -16.82 -0.41 0.25
CA ALA A 260 -15.40 -0.70 0.29
C ALA A 260 -14.92 -1.30 -1.04
N VAL A 261 -15.77 -2.09 -1.68
CA VAL A 261 -15.39 -2.70 -2.94
C VAL A 261 -15.32 -1.66 -4.04
N MET A 262 -16.27 -0.73 -4.06
CA MET A 262 -16.27 0.30 -5.09
C MET A 262 -15.00 1.15 -5.05
N VAL A 263 -14.62 1.62 -3.86
CA VAL A 263 -13.44 2.47 -3.65
C VAL A 263 -12.17 1.70 -4.02
N HIS A 264 -12.17 0.40 -3.71
CA HIS A 264 -11.02 -0.42 -4.03
C HIS A 264 -10.87 -0.51 -5.55
N CYS A 265 -11.97 -0.83 -6.22
CA CYS A 265 -11.98 -0.96 -7.67
C CYS A 265 -11.61 0.34 -8.37
N LEU A 266 -12.19 1.46 -7.94
CA LEU A 266 -11.89 2.74 -8.55
C LEU A 266 -10.43 3.15 -8.30
N ARG A 267 -9.86 2.64 -7.21
CA ARG A 267 -8.46 2.96 -6.91
C ARG A 267 -7.54 2.21 -7.85
N GLN A 268 -8.06 1.16 -8.48
CA GLN A 268 -7.28 0.34 -9.42
C GLN A 268 -7.32 0.91 -10.83
N LYS A 269 -8.33 1.71 -11.14
CA LYS A 269 -8.44 2.30 -12.46
C LYS A 269 -7.28 3.25 -12.71
N THR A 270 -6.90 3.40 -13.97
CA THR A 270 -5.84 4.30 -14.31
C THR A 270 -6.45 5.68 -14.44
N GLU A 271 -5.62 6.71 -14.34
CA GLU A 271 -6.10 8.09 -14.47
C GLU A 271 -6.91 8.24 -15.75
N GLU A 272 -6.43 7.62 -16.82
CA GLU A 272 -7.11 7.68 -18.11
C GLU A 272 -8.48 7.03 -18.06
N GLU A 273 -8.58 5.88 -17.42
CA GLU A 273 -9.86 5.18 -17.31
C GLU A 273 -10.87 6.06 -16.57
N LEU A 274 -10.42 6.74 -15.52
CA LEU A 274 -11.28 7.62 -14.75
C LEU A 274 -11.61 8.89 -15.53
N LEU A 275 -10.72 9.31 -16.41
CA LEU A 275 -10.99 10.50 -17.21
C LEU A 275 -12.08 10.15 -18.20
N GLU A 276 -12.04 8.93 -18.73
CA GLU A 276 -13.03 8.48 -19.69
C GLU A 276 -14.39 8.36 -19.04
N THR A 277 -14.40 7.93 -17.79
CA THR A 277 -15.64 7.79 -17.05
C THR A 277 -16.26 9.17 -16.91
N THR A 278 -15.42 10.14 -16.54
CA THR A 278 -15.81 11.53 -16.34
C THR A 278 -16.51 12.05 -17.58
N LEU A 279 -15.89 11.84 -18.74
CA LEU A 279 -16.45 12.29 -19.99
C LEU A 279 -17.75 11.55 -20.32
N LYS A 280 -17.85 10.29 -19.94
CA LYS A 280 -19.08 9.53 -20.19
C LYS A 280 -20.21 10.09 -19.35
N MET A 281 -19.89 10.51 -18.12
CA MET A 281 -20.89 11.04 -17.19
C MET A 281 -21.48 12.37 -17.67
N LYS A 282 -20.74 13.07 -18.53
CA LYS A 282 -21.22 14.36 -19.05
C LYS A 282 -21.72 15.28 -17.96
N PHE A 283 -20.77 15.68 -17.12
CA PHE A 283 -21.04 16.58 -16.04
C PHE A 283 -21.11 18.09 -16.14
N LEU A 284 -20.75 18.74 -17.23
CA LEU A 284 -20.71 20.20 -17.21
C LEU A 284 -21.93 20.61 -18.12
N SER A 285 -22.35 19.69 -19.02
CA SER A 285 -23.45 20.00 -19.95
C SER A 285 -24.83 19.68 -19.41
N LEU A 286 -25.84 20.36 -19.92
CA LEU A 286 -27.22 20.19 -19.48
C LEU A 286 -27.89 19.08 -20.25
N ASP A 287 -28.67 18.28 -19.53
CA ASP A 287 -29.38 17.15 -20.10
C ASP A 287 -30.73 17.63 -20.62
N LEU A 288 -31.02 17.38 -21.90
CA LEU A 288 -32.28 17.81 -22.50
C LEU A 288 -33.46 16.84 -22.34
N GLN A 289 -33.28 15.58 -22.75
CA GLN A 289 -34.35 14.59 -22.63
C GLN A 289 -34.13 13.64 -21.45
N GLY A 290 -35.22 13.15 -20.90
CA GLY A 290 -35.14 12.25 -19.76
C GLY A 290 -35.81 12.88 -18.55
N ASP A 291 -35.35 12.51 -17.36
CA ASP A 291 -35.92 13.06 -16.14
C ASP A 291 -34.90 13.99 -15.49
N PRO A 292 -35.24 15.27 -15.34
CA PRO A 292 -34.40 16.31 -14.74
C PRO A 292 -33.95 16.02 -13.29
N ARG A 293 -34.81 15.34 -12.53
CA ARG A 293 -34.52 15.00 -11.14
C ARG A 293 -33.46 13.91 -11.02
N GLU A 294 -33.03 13.37 -12.15
CA GLU A 294 -32.02 12.31 -12.18
C GLU A 294 -30.69 12.81 -12.72
N SER A 295 -30.74 13.80 -13.61
CA SER A 295 -29.54 14.38 -14.21
C SER A 295 -28.57 14.93 -13.16
N GLN A 296 -27.46 14.23 -12.94
CA GLN A 296 -26.47 14.66 -11.97
C GLN A 296 -25.50 15.67 -12.57
N PRO A 297 -25.58 16.96 -12.13
CA PRO A 297 -24.71 18.03 -12.64
C PRO A 297 -23.22 17.79 -12.44
N LEU A 298 -22.88 17.41 -11.21
CA LEU A 298 -21.49 17.14 -10.85
C LEU A 298 -21.35 16.44 -9.50
N LEU A 299 -20.11 16.26 -9.10
CA LEU A 299 -19.80 15.63 -7.84
C LEU A 299 -19.40 16.80 -6.97
N GLY A 300 -20.31 17.33 -6.16
CA GLY A 300 -19.93 18.45 -5.34
C GLY A 300 -19.53 18.17 -3.90
N THR A 301 -19.66 19.21 -3.09
CA THR A 301 -19.37 19.16 -1.68
C THR A 301 -20.44 18.31 -0.99
N VAL A 302 -20.05 17.53 0.01
CA VAL A 302 -21.01 16.70 0.73
C VAL A 302 -20.86 16.97 2.22
N ILE A 303 -21.75 16.39 3.02
CA ILE A 303 -21.70 16.55 4.47
C ILE A 303 -21.01 15.30 5.02
N ASP A 304 -19.67 15.33 5.01
CA ASP A 304 -18.85 14.21 5.46
C ASP A 304 -18.77 13.99 6.97
N GLY A 305 -19.01 15.04 7.74
CA GLY A 305 -18.92 14.92 9.17
C GLY A 305 -17.50 15.24 9.64
N MET A 306 -16.64 15.64 8.72
CA MET A 306 -15.27 16.00 9.04
C MET A 306 -15.07 17.47 8.69
N LEU A 307 -15.25 17.80 7.41
CA LEU A 307 -15.12 19.16 6.91
C LEU A 307 -16.39 19.96 7.23
N LEU A 308 -17.53 19.30 7.07
CA LEU A 308 -18.83 19.91 7.36
C LEU A 308 -19.63 18.92 8.21
N LEU A 309 -19.98 19.34 9.41
CA LEU A 309 -20.72 18.47 10.33
C LEU A 309 -22.22 18.42 10.05
N LYS A 310 -22.71 19.39 9.31
CA LYS A 310 -24.12 19.44 8.92
C LYS A 310 -24.23 20.35 7.72
N THR A 311 -25.44 20.53 7.20
CA THR A 311 -25.63 21.36 6.01
C THR A 311 -25.27 22.81 6.21
N PRO A 312 -24.89 23.50 5.12
CA PRO A 312 -24.53 24.91 5.18
C PRO A 312 -25.64 25.73 5.82
N GLU A 313 -26.88 25.37 5.49
CA GLU A 313 -28.06 26.05 6.04
C GLU A 313 -28.02 25.91 7.56
N GLU A 314 -27.98 24.66 8.03
CA GLU A 314 -27.94 24.37 9.46
C GLU A 314 -26.74 24.98 10.18
N LEU A 315 -25.58 24.93 9.54
CA LEU A 315 -24.35 25.46 10.11
C LEU A 315 -24.36 26.96 10.35
N GLN A 316 -24.89 27.72 9.39
CA GLN A 316 -24.92 29.18 9.50
C GLN A 316 -26.01 29.68 10.44
N ALA A 317 -26.84 28.77 10.94
CA ALA A 317 -27.91 29.15 11.85
C ALA A 317 -27.32 29.37 13.25
N GLU A 318 -26.15 28.79 13.49
CA GLU A 318 -25.46 28.91 14.78
C GLU A 318 -24.36 29.97 14.72
N ARG A 319 -24.06 30.57 15.86
CA ARG A 319 -23.01 31.59 15.94
C ARG A 319 -21.95 31.18 16.97
N ASN A 320 -21.98 29.91 17.37
CA ASN A 320 -21.04 29.36 18.36
C ASN A 320 -19.67 29.07 17.75
N PHE A 321 -19.43 29.56 16.55
CA PHE A 321 -18.16 29.33 15.86
C PHE A 321 -17.39 30.64 15.63
N HIS A 322 -16.09 30.51 15.35
CA HIS A 322 -15.19 31.63 15.07
C HIS A 322 -15.57 32.31 13.76
N THR A 323 -15.59 33.64 13.75
CA THR A 323 -15.94 34.38 12.54
C THR A 323 -14.87 35.38 12.10
N VAL A 324 -14.89 35.72 10.81
CA VAL A 324 -13.94 36.66 10.26
C VAL A 324 -14.61 37.59 9.24
N PRO A 325 -13.99 38.73 8.93
CA PRO A 325 -14.60 39.64 7.96
C PRO A 325 -14.86 38.85 6.68
N TYR A 326 -16.08 38.95 6.17
CA TYR A 326 -16.45 38.21 4.97
C TYR A 326 -17.03 39.15 3.91
N MET A 327 -16.53 39.04 2.68
CA MET A 327 -17.02 39.87 1.58
C MET A 327 -17.71 38.94 0.60
N VAL A 328 -18.96 39.24 0.29
CA VAL A 328 -19.73 38.41 -0.65
C VAL A 328 -20.26 39.26 -1.79
N GLY A 329 -20.02 38.80 -3.01
CA GLY A 329 -20.49 39.57 -4.15
C GLY A 329 -21.00 38.75 -5.31
N ILE A 330 -21.60 39.46 -6.27
CA ILE A 330 -22.16 38.85 -7.46
C ILE A 330 -22.02 39.82 -8.62
N ASN A 331 -22.24 39.33 -9.84
CA ASN A 331 -22.16 40.18 -11.01
C ASN A 331 -23.60 40.45 -11.49
N LYS A 332 -23.76 41.55 -12.22
CA LYS A 332 -25.06 41.95 -12.74
C LYS A 332 -25.78 40.80 -13.45
N GLN A 333 -25.11 40.15 -14.38
CA GLN A 333 -25.72 39.05 -15.13
C GLN A 333 -24.92 37.76 -15.01
N GLU A 334 -25.11 37.03 -13.90
CA GLU A 334 -24.40 35.78 -13.65
C GLU A 334 -24.65 34.70 -14.71
N PHE A 335 -25.87 34.64 -15.22
CA PHE A 335 -26.22 33.66 -16.24
C PHE A 335 -26.32 34.36 -17.59
N GLY A 336 -25.59 35.47 -17.70
CA GLY A 336 -25.58 36.26 -18.92
C GLY A 336 -25.13 35.55 -20.17
N TRP A 337 -23.96 34.93 -20.15
CA TRP A 337 -23.49 34.24 -21.34
C TRP A 337 -22.64 33.00 -21.06
N LEU A 338 -21.48 33.24 -20.45
CA LEU A 338 -20.50 32.21 -20.13
C LEU A 338 -21.05 30.85 -19.72
N ILE A 339 -21.81 30.82 -18.63
CA ILE A 339 -22.37 29.57 -18.12
C ILE A 339 -23.32 28.89 -19.12
N PRO A 340 -24.39 29.58 -19.55
CA PRO A 340 -25.32 28.97 -20.51
C PRO A 340 -24.57 28.42 -21.73
N MET A 341 -23.56 29.16 -22.16
CA MET A 341 -22.75 28.76 -23.31
C MET A 341 -21.95 27.47 -23.07
N LEU A 342 -21.34 27.35 -21.90
CA LEU A 342 -20.56 26.17 -21.57
C LEU A 342 -21.44 24.95 -21.36
N MET A 343 -22.66 25.18 -20.85
CA MET A 343 -23.59 24.11 -20.60
C MET A 343 -24.44 23.76 -21.82
N SER A 344 -24.21 24.50 -22.90
CA SER A 344 -24.93 24.29 -24.15
C SER A 344 -26.43 24.47 -23.95
N TYR A 345 -26.86 25.65 -23.56
CA TYR A 345 -28.28 25.89 -23.37
C TYR A 345 -29.01 26.08 -24.70
N PRO A 346 -30.26 25.59 -24.80
CA PRO A 346 -31.14 25.67 -25.97
C PRO A 346 -31.55 27.08 -26.40
N LEU A 347 -30.89 28.09 -25.84
CA LEU A 347 -31.20 29.48 -26.16
C LEU A 347 -30.51 29.98 -27.43
N SER A 348 -30.72 29.27 -28.53
CA SER A 348 -30.12 29.65 -29.81
C SER A 348 -31.04 30.56 -30.61
N GLU A 349 -32.28 30.70 -30.14
CA GLU A 349 -33.29 31.53 -30.79
C GLU A 349 -33.22 32.99 -30.35
N GLY A 350 -32.62 33.23 -29.19
CA GLY A 350 -32.51 34.59 -28.69
C GLY A 350 -33.83 35.09 -28.11
N GLN A 351 -34.85 34.23 -28.12
CA GLN A 351 -36.16 34.58 -27.58
C GLN A 351 -36.84 33.35 -27.01
N LEU A 352 -37.68 33.56 -26.00
CA LEU A 352 -38.36 32.47 -25.31
C LEU A 352 -39.78 32.87 -24.89
N ASP A 353 -40.68 31.90 -24.86
CA ASP A 353 -42.06 32.16 -24.47
C ASP A 353 -42.38 31.46 -23.15
N GLN A 354 -43.46 31.90 -22.50
CA GLN A 354 -43.91 31.35 -21.21
C GLN A 354 -43.85 29.83 -21.09
N LYS A 355 -44.33 29.12 -22.10
CA LYS A 355 -44.34 27.66 -22.08
C LYS A 355 -42.95 27.05 -22.19
N THR A 356 -42.18 27.49 -23.17
CA THR A 356 -40.83 26.97 -23.35
C THR A 356 -39.99 27.26 -22.12
N ALA A 357 -40.23 28.39 -21.48
CA ALA A 357 -39.49 28.79 -20.29
C ALA A 357 -39.72 27.78 -19.17
N MET A 358 -40.98 27.45 -18.92
CA MET A 358 -41.33 26.49 -17.88
C MET A 358 -40.69 25.14 -18.23
N SER A 359 -40.62 24.87 -19.54
CA SER A 359 -40.03 23.63 -20.04
C SER A 359 -38.53 23.60 -19.72
N LEU A 360 -37.85 24.71 -19.97
CA LEU A 360 -36.43 24.84 -19.69
C LEU A 360 -36.17 24.91 -18.18
N LEU A 361 -36.94 25.74 -17.49
CA LEU A 361 -36.78 25.89 -16.04
C LEU A 361 -36.89 24.52 -15.36
N TRP A 362 -37.58 23.59 -16.01
CA TRP A 362 -37.75 22.25 -15.45
C TRP A 362 -36.51 21.40 -15.69
N LYS A 363 -36.01 21.38 -16.93
CA LYS A 363 -34.82 20.61 -17.26
C LYS A 363 -33.58 21.22 -16.64
N SER A 364 -33.75 22.39 -16.00
CA SER A 364 -32.65 23.10 -15.35
C SER A 364 -32.63 22.71 -13.88
N TYR A 365 -33.47 21.74 -13.53
CA TYR A 365 -33.60 21.26 -12.16
C TYR A 365 -32.28 21.07 -11.44
N PRO A 366 -31.34 20.33 -12.05
CA PRO A 366 -30.04 20.11 -11.39
C PRO A 366 -29.25 21.39 -11.12
N LEU A 367 -29.74 22.51 -11.63
CA LEU A 367 -29.10 23.81 -11.45
C LEU A 367 -29.84 24.70 -10.44
N VAL A 368 -31.17 24.76 -10.58
CA VAL A 368 -31.98 25.60 -9.71
C VAL A 368 -32.80 24.83 -8.67
N CYS A 369 -32.92 23.51 -8.86
CA CYS A 369 -33.66 22.64 -7.94
C CYS A 369 -35.05 23.17 -7.62
N ILE A 370 -35.78 23.59 -8.63
CA ILE A 370 -37.12 24.11 -8.43
C ILE A 370 -38.14 23.02 -8.76
N ALA A 371 -39.05 22.77 -7.81
CA ALA A 371 -40.10 21.77 -7.98
C ALA A 371 -40.90 22.07 -9.24
N LYS A 372 -41.43 21.03 -9.88
CA LYS A 372 -42.21 21.22 -11.10
C LYS A 372 -43.54 21.91 -10.82
N GLU A 373 -43.95 21.90 -9.57
CA GLU A 373 -45.21 22.52 -9.19
C GLU A 373 -45.03 24.03 -9.03
N LEU A 374 -43.81 24.44 -8.68
CA LEU A 374 -43.48 25.85 -8.48
C LEU A 374 -43.15 26.55 -9.80
N ILE A 375 -42.66 25.78 -10.78
CA ILE A 375 -42.29 26.31 -12.10
C ILE A 375 -43.26 27.36 -12.63
N PRO A 376 -44.56 27.06 -12.63
CA PRO A 376 -45.56 28.02 -13.13
C PRO A 376 -45.45 29.40 -12.46
N GLU A 377 -45.53 29.41 -11.13
CA GLU A 377 -45.46 30.64 -10.36
C GLU A 377 -44.16 31.41 -10.60
N ALA A 378 -43.04 30.68 -10.57
CA ALA A 378 -41.72 31.28 -10.78
C ALA A 378 -41.62 31.94 -12.14
N THR A 379 -41.88 31.18 -13.20
CA THR A 379 -41.80 31.73 -14.55
C THR A 379 -42.72 32.94 -14.69
N GLU A 380 -43.89 32.87 -14.04
CA GLU A 380 -44.85 33.97 -14.11
C GLU A 380 -44.29 35.23 -13.46
N LYS A 381 -43.68 35.07 -12.29
CA LYS A 381 -43.11 36.19 -11.54
C LYS A 381 -42.00 36.94 -12.29
N TYR A 382 -41.29 36.25 -13.18
CA TYR A 382 -40.19 36.86 -13.94
C TYR A 382 -40.53 37.23 -15.38
N LEU A 383 -41.02 36.27 -16.15
CA LEU A 383 -41.34 36.50 -17.56
C LEU A 383 -42.73 37.12 -17.80
N GLY A 384 -43.60 37.06 -16.80
CA GLY A 384 -44.93 37.62 -16.94
C GLY A 384 -44.91 39.13 -17.07
N GLY A 385 -43.73 39.74 -16.91
CA GLY A 385 -43.60 41.18 -16.99
C GLY A 385 -44.04 41.76 -18.33
N THR A 386 -43.53 41.21 -19.42
CA THR A 386 -43.87 41.70 -20.74
C THR A 386 -44.24 40.56 -21.68
N ASP A 387 -44.58 40.93 -22.91
CA ASP A 387 -44.95 39.96 -23.93
C ASP A 387 -43.80 39.75 -24.91
N ASP A 388 -42.82 40.65 -24.83
CA ASP A 388 -41.65 40.58 -25.71
C ASP A 388 -40.91 39.28 -25.46
N THR A 389 -40.90 38.39 -26.46
CA THR A 389 -40.23 37.10 -26.31
C THR A 389 -38.75 37.24 -26.01
N VAL A 390 -38.10 38.25 -26.57
CA VAL A 390 -36.68 38.46 -26.30
C VAL A 390 -36.49 38.90 -24.85
N LYS A 391 -37.41 39.70 -24.32
CA LYS A 391 -37.31 40.16 -22.93
C LYS A 391 -37.54 38.98 -21.97
N LYS A 392 -38.32 38.00 -22.42
CA LYS A 392 -38.60 36.82 -21.61
C LYS A 392 -37.32 35.99 -21.51
N LYS A 393 -36.55 35.97 -22.58
CA LYS A 393 -35.29 35.24 -22.60
C LYS A 393 -34.40 35.82 -21.51
N ASP A 394 -34.10 37.11 -21.63
CA ASP A 394 -33.24 37.78 -20.67
C ASP A 394 -33.75 37.68 -19.23
N LEU A 395 -35.08 37.77 -19.05
CA LEU A 395 -35.68 37.67 -17.72
C LEU A 395 -35.57 36.25 -17.18
N PHE A 396 -35.51 35.28 -18.09
CA PHE A 396 -35.37 33.88 -17.72
C PHE A 396 -33.96 33.72 -17.18
N LEU A 397 -33.00 34.36 -17.86
CA LEU A 397 -31.60 34.33 -17.47
C LEU A 397 -31.38 34.98 -16.11
N ASP A 398 -32.21 35.95 -15.76
CA ASP A 398 -32.10 36.58 -14.45
C ASP A 398 -32.71 35.63 -13.43
N LEU A 399 -33.77 34.93 -13.85
CA LEU A 399 -34.46 33.97 -13.00
C LEU A 399 -33.39 33.03 -12.45
N ILE A 400 -32.71 32.35 -13.36
CA ILE A 400 -31.65 31.42 -13.00
C ILE A 400 -30.56 32.10 -12.17
N ALA A 401 -30.00 33.17 -12.71
CA ALA A 401 -28.92 33.90 -12.04
C ALA A 401 -29.26 34.24 -10.58
N ASP A 402 -30.52 34.54 -10.28
CA ASP A 402 -30.87 34.88 -8.90
C ASP A 402 -30.95 33.66 -8.00
N VAL A 403 -31.45 32.55 -8.54
CA VAL A 403 -31.59 31.32 -7.75
C VAL A 403 -30.23 30.71 -7.43
N MET A 404 -29.31 30.79 -8.38
CA MET A 404 -27.98 30.24 -8.20
C MET A 404 -27.00 31.12 -7.44
N PHE A 405 -27.07 32.44 -7.66
CA PHE A 405 -26.15 33.37 -6.99
C PHE A 405 -26.78 34.52 -6.21
N GLY A 406 -27.66 35.27 -6.86
CA GLY A 406 -28.29 36.39 -6.21
C GLY A 406 -28.82 36.13 -4.81
N VAL A 407 -29.86 35.33 -4.69
CA VAL A 407 -30.46 35.07 -3.39
C VAL A 407 -29.52 34.35 -2.44
N PRO A 408 -28.89 33.26 -2.89
CA PRO A 408 -27.97 32.52 -2.02
C PRO A 408 -26.95 33.46 -1.38
N SER A 409 -26.28 34.25 -2.22
CA SER A 409 -25.26 35.18 -1.75
C SER A 409 -25.75 36.15 -0.69
N VAL A 410 -26.94 36.72 -0.91
CA VAL A 410 -27.50 37.69 0.03
C VAL A 410 -27.94 37.07 1.36
N ILE A 411 -28.41 35.82 1.32
CA ILE A 411 -28.83 35.14 2.55
C ILE A 411 -27.57 34.90 3.37
N VAL A 412 -26.54 34.35 2.72
CA VAL A 412 -25.27 34.07 3.37
C VAL A 412 -24.72 35.33 4.04
N ALA A 413 -24.68 36.43 3.29
CA ALA A 413 -24.21 37.70 3.82
C ALA A 413 -25.00 38.11 5.06
N ARG A 414 -26.34 38.05 4.97
CA ARG A 414 -27.20 38.41 6.10
C ARG A 414 -26.94 37.55 7.31
N ASN A 415 -26.83 36.24 7.11
CA ASN A 415 -26.56 35.34 8.20
C ASN A 415 -25.23 35.68 8.88
N HIS A 416 -24.22 35.96 8.05
CA HIS A 416 -22.89 36.30 8.56
C HIS A 416 -22.97 37.59 9.36
N ARG A 417 -23.71 38.55 8.83
CA ARG A 417 -23.90 39.83 9.51
C ARG A 417 -24.56 39.55 10.85
N ASP A 418 -25.70 38.86 10.81
CA ASP A 418 -26.43 38.55 12.04
C ASP A 418 -25.61 37.73 13.03
N ALA A 419 -24.63 36.98 12.53
CA ALA A 419 -23.79 36.19 13.41
C ALA A 419 -22.85 37.12 14.17
N GLY A 420 -22.81 38.39 13.75
CA GLY A 420 -21.97 39.38 14.41
C GLY A 420 -20.61 39.68 13.80
N ALA A 421 -20.35 39.20 12.59
CA ALA A 421 -19.05 39.43 11.95
C ALA A 421 -19.14 40.50 10.84
N PRO A 422 -18.02 41.20 10.59
CA PRO A 422 -17.96 42.26 9.56
C PRO A 422 -18.31 41.69 8.19
N THR A 423 -19.41 42.19 7.59
CA THR A 423 -19.84 41.72 6.30
C THR A 423 -19.85 42.84 5.26
N TYR A 424 -19.59 42.49 4.00
CA TYR A 424 -19.57 43.45 2.91
C TYR A 424 -20.13 42.79 1.64
N MET A 425 -20.86 43.55 0.84
CA MET A 425 -21.41 43.01 -0.38
C MET A 425 -21.15 43.95 -1.55
N TYR A 426 -21.16 43.41 -2.75
CA TYR A 426 -20.94 44.23 -3.93
C TYR A 426 -21.65 43.63 -5.15
N GLU A 427 -21.94 44.47 -6.13
CA GLU A 427 -22.57 43.99 -7.35
C GLU A 427 -21.76 44.56 -8.49
N PHE A 428 -20.99 43.69 -9.15
CA PHE A 428 -20.14 44.10 -10.25
C PHE A 428 -20.94 44.20 -11.53
N GLN A 429 -20.94 45.39 -12.12
CA GLN A 429 -21.65 45.65 -13.36
C GLN A 429 -20.72 46.33 -14.36
N TYR A 430 -20.05 45.53 -15.18
CA TYR A 430 -19.12 46.05 -16.17
C TYR A 430 -18.81 44.97 -17.21
N ARG A 431 -18.58 45.37 -18.45
CA ARG A 431 -18.28 44.43 -19.51
C ARG A 431 -16.83 44.58 -19.92
N PRO A 432 -15.95 43.70 -19.42
CA PRO A 432 -14.53 43.79 -19.78
C PRO A 432 -14.29 43.76 -21.28
N SER A 433 -13.29 44.50 -21.73
CA SER A 433 -12.95 44.55 -23.13
C SER A 433 -12.30 43.23 -23.53
N PHE A 434 -11.99 42.41 -22.53
CA PHE A 434 -11.34 41.13 -22.77
C PHE A 434 -12.36 39.99 -22.94
N SER A 435 -13.65 40.34 -23.03
CA SER A 435 -14.69 39.35 -23.20
C SER A 435 -14.51 38.61 -24.52
N SER A 436 -15.06 37.41 -24.58
CA SER A 436 -14.98 36.61 -25.78
C SER A 436 -15.76 37.33 -26.89
N ASP A 437 -15.29 37.18 -28.12
CA ASP A 437 -15.96 37.80 -29.25
C ASP A 437 -17.37 37.24 -29.42
N MET A 438 -17.52 35.96 -29.12
CA MET A 438 -18.80 35.28 -29.24
C MET A 438 -19.82 35.74 -28.20
N LYS A 439 -19.37 36.55 -27.26
CA LYS A 439 -20.24 37.06 -26.19
C LYS A 439 -20.97 38.32 -26.63
N PRO A 440 -22.32 38.28 -26.64
CA PRO A 440 -23.12 39.45 -27.04
C PRO A 440 -22.70 40.73 -26.32
N LYS A 441 -22.59 41.80 -27.09
CA LYS A 441 -22.17 43.10 -26.55
C LYS A 441 -23.15 43.68 -25.55
N THR A 442 -24.36 43.13 -25.51
CA THR A 442 -25.36 43.62 -24.57
C THR A 442 -25.18 43.06 -23.15
N VAL A 443 -24.53 41.90 -23.03
CA VAL A 443 -24.29 41.27 -21.73
C VAL A 443 -23.21 42.02 -20.94
N ILE A 444 -23.62 42.55 -19.80
CA ILE A 444 -22.69 43.31 -18.95
C ILE A 444 -22.72 42.76 -17.53
N GLY A 445 -21.54 42.38 -17.02
CA GLY A 445 -21.46 41.83 -15.68
C GLY A 445 -21.73 40.33 -15.72
N ASP A 446 -21.22 39.67 -16.75
CA ASP A 446 -21.39 38.24 -16.93
C ASP A 446 -20.58 37.51 -15.87
N HIS A 447 -20.76 36.20 -15.78
CA HIS A 447 -20.05 35.38 -14.80
C HIS A 447 -18.52 35.51 -15.02
N GLY A 448 -17.81 35.76 -13.93
CA GLY A 448 -16.36 35.90 -13.98
C GLY A 448 -15.83 37.19 -14.55
N ASP A 449 -16.69 38.17 -14.83
CA ASP A 449 -16.26 39.43 -15.40
C ASP A 449 -15.43 40.32 -14.47
N GLU A 450 -15.56 40.11 -13.16
CA GLU A 450 -14.80 40.91 -12.21
C GLU A 450 -13.38 40.38 -12.09
N LEU A 451 -13.15 39.17 -12.56
CA LEU A 451 -11.83 38.55 -12.50
C LEU A 451 -10.78 39.41 -13.19
N PHE A 452 -11.15 40.09 -14.27
CA PHE A 452 -10.20 40.91 -14.99
C PHE A 452 -9.81 42.18 -14.23
N SER A 453 -10.69 42.63 -13.34
CA SER A 453 -10.39 43.82 -12.54
C SER A 453 -9.55 43.39 -11.34
N VAL A 454 -10.02 42.36 -10.64
CA VAL A 454 -9.35 41.83 -9.46
C VAL A 454 -7.89 41.45 -9.74
N PHE A 455 -7.65 40.72 -10.83
CA PHE A 455 -6.28 40.29 -11.18
C PHE A 455 -5.52 41.23 -12.11
N GLY A 456 -5.99 42.47 -12.21
CA GLY A 456 -5.33 43.45 -13.05
C GLY A 456 -5.02 43.03 -14.46
N ALA A 457 -6.04 42.52 -15.17
CA ALA A 457 -5.86 42.12 -16.55
C ALA A 457 -5.40 43.31 -17.41
N PRO A 458 -5.93 44.53 -17.13
CA PRO A 458 -5.57 45.74 -17.87
C PRO A 458 -4.08 46.05 -17.87
N PHE A 459 -3.34 45.41 -16.98
CA PHE A 459 -1.89 45.64 -16.90
C PHE A 459 -1.06 44.49 -17.46
N LEU A 460 -1.71 43.48 -18.01
CA LEU A 460 -0.99 42.35 -18.57
C LEU A 460 -1.43 42.15 -20.03
N LYS A 461 -2.71 42.36 -20.29
CA LYS A 461 -3.27 42.24 -21.63
C LYS A 461 -3.33 43.63 -22.26
N GLU A 462 -3.48 43.71 -23.58
CA GLU A 462 -3.52 45.00 -24.25
C GLU A 462 -4.88 45.52 -24.66
N GLY A 463 -4.95 46.84 -24.80
CA GLY A 463 -6.17 47.49 -25.22
C GLY A 463 -7.06 48.03 -24.13
N ALA A 464 -6.67 47.84 -22.89
CA ALA A 464 -7.51 48.34 -21.81
C ALA A 464 -7.61 49.85 -21.93
N SER A 465 -8.83 50.37 -21.85
CA SER A 465 -9.05 51.81 -21.91
C SER A 465 -8.69 52.38 -20.54
N GLU A 466 -8.47 53.68 -20.47
CA GLU A 466 -8.11 54.31 -19.19
C GLU A 466 -9.22 54.15 -18.18
N GLU A 467 -10.42 53.85 -18.66
CA GLU A 467 -11.57 53.67 -17.79
C GLU A 467 -11.47 52.29 -17.13
N GLU A 468 -11.08 51.29 -17.93
CA GLU A 468 -10.96 49.91 -17.49
C GLU A 468 -9.75 49.73 -16.59
N ILE A 469 -8.68 50.43 -16.93
CA ILE A 469 -7.46 50.38 -16.14
C ILE A 469 -7.80 50.95 -14.77
N ARG A 470 -8.42 52.12 -14.76
CA ARG A 470 -8.80 52.80 -13.53
C ARG A 470 -9.71 51.93 -12.66
N LEU A 471 -10.65 51.20 -13.27
CA LEU A 471 -11.57 50.33 -12.53
C LEU A 471 -10.79 49.22 -11.84
N SER A 472 -9.88 48.60 -12.59
CA SER A 472 -9.06 47.53 -12.03
C SER A 472 -8.25 48.03 -10.83
N LYS A 473 -7.66 49.22 -10.97
CA LYS A 473 -6.89 49.79 -9.87
C LYS A 473 -7.76 49.87 -8.63
N MET A 474 -8.95 50.43 -8.79
CA MET A 474 -9.87 50.58 -7.68
C MET A 474 -10.24 49.24 -7.02
N VAL A 475 -10.56 48.24 -7.82
CA VAL A 475 -10.93 46.93 -7.30
C VAL A 475 -9.77 46.28 -6.52
N MET A 476 -8.57 46.27 -7.10
CA MET A 476 -7.43 45.69 -6.41
C MET A 476 -7.20 46.43 -5.09
N LYS A 477 -7.39 47.74 -5.09
CA LYS A 477 -7.23 48.55 -3.90
C LYS A 477 -8.18 48.08 -2.80
N PHE A 478 -9.46 47.97 -3.16
CA PHE A 478 -10.51 47.52 -2.24
C PHE A 478 -10.19 46.13 -1.71
N TRP A 479 -9.88 45.22 -2.63
CA TRP A 479 -9.55 43.85 -2.26
C TRP A 479 -8.35 43.77 -1.31
N ALA A 480 -7.25 44.45 -1.66
CA ALA A 480 -6.07 44.45 -0.82
C ALA A 480 -6.33 45.17 0.52
N ASN A 481 -7.04 46.29 0.48
CA ASN A 481 -7.35 47.01 1.72
C ASN A 481 -8.10 46.07 2.65
N PHE A 482 -9.04 45.31 2.08
CA PHE A 482 -9.83 44.34 2.84
C PHE A 482 -8.89 43.29 3.41
N ALA A 483 -7.99 42.79 2.56
CA ALA A 483 -7.01 41.78 2.96
C ALA A 483 -6.15 42.31 4.08
N ARG A 484 -5.96 43.63 4.09
CA ARG A 484 -5.15 44.29 5.11
C ARG A 484 -5.84 44.56 6.42
N ASN A 485 -7.00 45.23 6.38
CA ASN A 485 -7.71 45.58 7.61
C ASN A 485 -9.07 44.92 7.77
N GLY A 486 -9.48 44.08 6.82
CA GLY A 486 -10.78 43.46 6.95
C GLY A 486 -11.88 44.46 6.63
N ASN A 487 -11.48 45.55 5.99
CA ASN A 487 -12.36 46.64 5.59
C ASN A 487 -11.83 47.12 4.25
N PRO A 488 -12.68 47.10 3.22
CA PRO A 488 -12.25 47.53 1.88
C PRO A 488 -11.85 49.00 1.79
N ASN A 489 -12.59 49.85 2.48
CA ASN A 489 -12.36 51.29 2.45
C ASN A 489 -10.92 51.74 2.59
N GLY A 490 -10.66 52.95 2.12
CA GLY A 490 -9.32 53.51 2.17
C GLY A 490 -9.34 54.83 1.43
N GLU A 491 -8.35 55.68 1.68
CA GLU A 491 -8.35 56.98 1.02
C GLU A 491 -8.22 56.84 -0.49
N GLY A 492 -8.90 57.73 -1.19
CA GLY A 492 -8.88 57.73 -2.64
C GLY A 492 -9.87 56.74 -3.21
N LEU A 493 -10.76 56.22 -2.37
CA LEU A 493 -11.74 55.24 -2.84
C LEU A 493 -13.14 55.58 -2.39
N PRO A 494 -14.15 55.22 -3.23
CA PRO A 494 -15.55 55.48 -2.93
C PRO A 494 -15.86 54.80 -1.60
N HIS A 495 -16.72 55.41 -0.78
CA HIS A 495 -17.05 54.78 0.47
C HIS A 495 -17.84 53.51 0.23
N TRP A 496 -17.40 52.43 0.86
CA TRP A 496 -18.06 51.13 0.73
C TRP A 496 -18.70 50.92 2.10
N PRO A 497 -20.04 51.01 2.16
CA PRO A 497 -20.78 50.81 3.43
C PRO A 497 -20.71 49.38 3.91
N GLU A 498 -20.68 49.17 5.22
CA GLU A 498 -20.64 47.82 5.73
C GLU A 498 -22.03 47.22 5.55
N TYR A 499 -22.09 45.93 5.22
CA TYR A 499 -23.39 45.31 5.04
C TYR A 499 -23.95 45.04 6.43
N ASN A 500 -24.62 46.05 6.98
CA ASN A 500 -25.23 45.98 8.30
C ASN A 500 -26.74 45.84 8.13
N GLN A 501 -27.52 46.44 9.04
CA GLN A 501 -28.97 46.36 8.97
C GLN A 501 -29.55 47.11 7.79
N LYS A 502 -28.95 48.23 7.42
CA LYS A 502 -29.41 49.01 6.28
C LYS A 502 -29.16 48.21 5.00
N GLU A 503 -28.34 47.17 5.12
CA GLU A 503 -28.00 46.32 3.99
C GLU A 503 -27.39 47.10 2.83
N GLY A 504 -26.49 48.03 3.17
CA GLY A 504 -25.82 48.82 2.17
C GLY A 504 -24.77 47.97 1.49
N TYR A 505 -24.57 48.19 0.19
CA TYR A 505 -23.59 47.44 -0.56
C TYR A 505 -22.95 48.35 -1.61
N LEU A 506 -21.89 47.87 -2.25
CA LEU A 506 -21.22 48.69 -3.27
C LEU A 506 -21.49 48.18 -4.68
N GLN A 507 -21.86 49.11 -5.57
CA GLN A 507 -22.10 48.76 -6.96
C GLN A 507 -20.84 49.21 -7.65
N ILE A 508 -20.06 48.24 -8.12
CA ILE A 508 -18.80 48.50 -8.79
C ILE A 508 -18.98 48.45 -10.28
N GLY A 509 -18.48 49.46 -10.97
CA GLY A 509 -18.58 49.51 -12.41
C GLY A 509 -18.08 50.86 -12.87
N ALA A 510 -18.50 51.29 -14.06
CA ALA A 510 -18.10 52.58 -14.61
C ALA A 510 -18.39 53.70 -13.62
N ASN A 511 -19.45 53.53 -12.85
CA ASN A 511 -19.83 54.50 -11.82
C ASN A 511 -19.99 53.70 -10.54
N THR A 512 -19.00 53.79 -9.68
CA THR A 512 -19.04 53.05 -8.43
C THR A 512 -19.63 53.91 -7.31
N GLN A 513 -20.74 53.45 -6.73
CA GLN A 513 -21.38 54.15 -5.63
C GLN A 513 -22.23 53.20 -4.79
N ALA A 514 -22.37 53.51 -3.51
CA ALA A 514 -23.14 52.69 -2.58
C ALA A 514 -24.63 52.61 -2.93
N ALA A 515 -25.29 51.60 -2.40
CA ALA A 515 -26.70 51.39 -2.63
C ALA A 515 -27.20 50.60 -1.44
N GLN A 516 -28.44 50.12 -1.48
CA GLN A 516 -28.97 49.36 -0.36
C GLN A 516 -29.90 48.23 -0.77
N LYS A 517 -30.06 47.28 0.15
CA LYS A 517 -30.93 46.11 -0.03
C LYS A 517 -30.84 45.38 -1.37
N LEU A 518 -29.63 44.95 -1.74
CA LEU A 518 -29.40 44.22 -2.97
C LEU A 518 -30.25 42.94 -3.00
N LYS A 519 -30.95 42.71 -4.11
CA LYS A 519 -31.78 41.53 -4.28
C LYS A 519 -32.74 41.27 -3.12
N ASP A 520 -33.02 42.30 -2.33
CA ASP A 520 -33.90 42.17 -1.18
C ASP A 520 -35.29 41.68 -1.59
N LYS A 521 -35.75 42.18 -2.73
CA LYS A 521 -37.06 41.82 -3.27
C LYS A 521 -37.13 40.36 -3.73
N GLU A 522 -36.08 39.88 -4.41
CA GLU A 522 -36.03 38.50 -4.89
C GLU A 522 -35.85 37.47 -3.78
N VAL A 523 -35.04 37.81 -2.79
CA VAL A 523 -34.80 36.91 -1.67
C VAL A 523 -36.13 36.61 -1.03
N ALA A 524 -36.95 37.65 -0.86
CA ALA A 524 -38.27 37.52 -0.27
C ALA A 524 -39.13 36.56 -1.08
N PHE A 525 -39.22 36.80 -2.39
CA PHE A 525 -40.00 35.95 -3.27
C PHE A 525 -39.59 34.48 -3.18
N TRP A 526 -38.31 34.22 -3.45
CA TRP A 526 -37.80 32.86 -3.43
C TRP A 526 -37.88 32.17 -2.07
N THR A 527 -37.82 32.94 -0.99
CA THR A 527 -37.90 32.34 0.33
C THR A 527 -39.29 31.72 0.55
N ASN A 528 -40.30 32.28 -0.11
CA ASN A 528 -41.66 31.76 0.02
C ASN A 528 -41.91 30.63 -0.97
N LEU A 529 -41.52 30.84 -2.22
CA LEU A 529 -41.70 29.81 -3.24
C LEU A 529 -41.09 28.49 -2.77
N PHE A 530 -39.87 28.54 -2.28
CA PHE A 530 -39.17 27.35 -1.80
C PHE A 530 -39.74 26.86 -0.48
N ALA A 531 -40.51 27.70 0.21
CA ALA A 531 -41.12 27.29 1.46
C ALA A 531 -42.37 26.50 1.07
N LYS A 532 -42.50 26.24 -0.23
CA LYS A 532 -43.61 25.48 -0.81
C LYS A 532 -44.96 26.08 -0.43
N SER B 1 26.92 -33.61 16.10
CA SER B 1 26.56 -33.54 14.69
C SER B 1 25.19 -32.86 14.45
N SER B 2 24.69 -32.15 15.47
CA SER B 2 23.40 -31.47 15.37
C SER B 2 23.59 -30.16 14.63
N PRO B 3 22.83 -29.95 13.54
CA PRO B 3 22.95 -28.70 12.78
C PRO B 3 23.02 -27.50 13.72
N PRO B 4 23.81 -26.47 13.36
CA PRO B 4 23.97 -25.25 14.17
C PRO B 4 22.68 -24.43 14.23
N VAL B 5 22.27 -24.01 15.44
CA VAL B 5 21.07 -23.17 15.54
C VAL B 5 21.37 -21.90 16.30
N VAL B 6 21.48 -20.80 15.57
CA VAL B 6 21.76 -19.50 16.16
C VAL B 6 20.48 -18.71 16.35
N ASP B 7 20.41 -17.99 17.46
CA ASP B 7 19.25 -17.18 17.76
C ASP B 7 19.58 -15.72 17.44
N THR B 8 18.89 -15.15 16.46
CA THR B 8 19.11 -13.76 16.08
C THR B 8 17.98 -12.94 16.67
N VAL B 9 18.05 -11.62 16.49
CA VAL B 9 17.02 -10.74 17.01
C VAL B 9 15.64 -11.11 16.49
N HIS B 10 15.55 -11.32 15.17
CA HIS B 10 14.29 -11.65 14.52
C HIS B 10 13.80 -13.09 14.65
N GLY B 11 14.67 -13.99 15.12
CA GLY B 11 14.27 -15.38 15.28
C GLY B 11 15.41 -16.37 15.18
N LYS B 12 15.13 -17.65 15.39
CA LYS B 12 16.15 -18.70 15.32
C LYS B 12 16.50 -19.08 13.88
N VAL B 13 17.78 -19.35 13.66
CA VAL B 13 18.24 -19.72 12.33
C VAL B 13 19.03 -21.03 12.38
N LEU B 14 18.66 -21.93 11.48
CA LEU B 14 19.27 -23.25 11.39
C LEU B 14 20.21 -23.31 10.19
N GLY B 15 21.47 -23.63 10.43
CA GLY B 15 22.43 -23.72 9.34
C GLY B 15 22.92 -25.15 9.16
N LYS B 16 24.14 -25.31 8.68
CA LYS B 16 24.73 -26.64 8.48
C LYS B 16 26.24 -26.59 8.73
N PHE B 17 26.80 -27.72 9.14
CA PHE B 17 28.21 -27.80 9.40
C PHE B 17 28.97 -28.32 8.20
N VAL B 18 30.13 -27.72 7.96
CA VAL B 18 30.98 -28.12 6.86
C VAL B 18 32.43 -28.07 7.33
N SER B 19 33.15 -29.18 7.14
CA SER B 19 34.55 -29.25 7.55
C SER B 19 35.48 -29.05 6.37
N LEU B 20 36.52 -28.26 6.57
CA LEU B 20 37.46 -28.05 5.49
C LEU B 20 38.64 -29.00 5.72
N GLU B 21 39.26 -29.42 4.63
CA GLU B 21 40.39 -30.33 4.68
C GLU B 21 41.49 -29.76 5.57
N GLY B 22 41.77 -30.46 6.65
CA GLY B 22 42.82 -30.02 7.55
C GLY B 22 42.40 -29.06 8.65
N PHE B 23 41.11 -29.05 8.98
CA PHE B 23 40.62 -28.18 10.05
C PHE B 23 39.62 -28.95 10.91
N ALA B 24 39.93 -29.08 12.19
CA ALA B 24 39.07 -29.81 13.11
C ALA B 24 37.71 -29.13 13.23
N GLN B 25 37.70 -27.95 13.85
CA GLN B 25 36.45 -27.21 14.02
C GLN B 25 35.73 -26.99 12.69
N PRO B 26 34.57 -27.66 12.51
CA PRO B 26 33.83 -27.46 11.25
C PRO B 26 33.25 -26.04 11.23
N VAL B 27 33.07 -25.50 10.03
CA VAL B 27 32.53 -24.15 9.88
C VAL B 27 31.00 -24.17 9.82
N ALA B 28 30.36 -23.29 10.60
CA ALA B 28 28.91 -23.20 10.60
C ALA B 28 28.50 -22.26 9.45
N ILE B 29 27.71 -22.78 8.51
CA ILE B 29 27.27 -21.99 7.37
C ILE B 29 25.76 -21.74 7.38
N PHE B 30 25.38 -20.49 7.18
CA PHE B 30 23.97 -20.09 7.12
C PHE B 30 23.75 -19.36 5.80
N LEU B 31 22.87 -19.89 4.97
CA LEU B 31 22.60 -19.30 3.66
C LEU B 31 21.22 -18.63 3.59
N GLY B 32 21.17 -17.45 2.96
CA GLY B 32 19.90 -16.75 2.81
C GLY B 32 19.24 -16.22 4.07
N ILE B 33 20.00 -15.53 4.92
CA ILE B 33 19.42 -14.97 6.14
C ILE B 33 18.92 -13.59 5.76
N PRO B 34 17.59 -13.36 5.85
CA PRO B 34 16.99 -12.07 5.51
C PRO B 34 17.44 -10.94 6.43
N PHE B 35 17.95 -9.85 5.85
CA PHE B 35 18.41 -8.70 6.64
C PHE B 35 17.54 -7.48 6.35
N ALA B 36 16.44 -7.70 5.65
CA ALA B 36 15.51 -6.63 5.32
C ALA B 36 14.22 -7.22 4.79
N LYS B 37 13.16 -6.43 4.87
CA LYS B 37 11.85 -6.85 4.37
C LYS B 37 11.92 -6.82 2.84
N PRO B 38 11.40 -7.88 2.17
CA PRO B 38 11.41 -7.96 0.71
C PRO B 38 10.90 -6.65 0.08
N PRO B 39 11.72 -6.02 -0.78
CA PRO B 39 11.36 -4.75 -1.46
C PRO B 39 10.37 -4.91 -2.61
N LEU B 40 9.31 -5.69 -2.34
CA LEU B 40 8.27 -5.95 -3.33
C LEU B 40 7.14 -4.91 -3.31
N GLY B 41 6.52 -4.74 -4.47
CA GLY B 41 5.42 -3.81 -4.59
C GLY B 41 5.79 -2.37 -4.32
N PRO B 42 5.02 -1.68 -3.46
CA PRO B 42 5.27 -0.29 -3.12
C PRO B 42 6.64 -0.02 -2.49
N LEU B 43 7.27 -1.05 -1.94
CA LEU B 43 8.57 -0.91 -1.32
C LEU B 43 9.69 -0.73 -2.35
N ARG B 44 9.35 -0.94 -3.62
CA ARG B 44 10.30 -0.79 -4.71
C ARG B 44 10.70 0.69 -4.85
N PHE B 45 11.99 0.96 -4.94
CA PHE B 45 12.51 2.33 -5.07
C PHE B 45 12.38 3.11 -3.77
N THR B 46 12.50 2.40 -2.65
CA THR B 46 12.40 3.01 -1.33
C THR B 46 13.47 2.33 -0.49
N PRO B 47 13.87 2.94 0.63
CA PRO B 47 14.89 2.38 1.51
C PRO B 47 14.50 1.02 2.07
N PRO B 48 15.49 0.17 2.35
CA PRO B 48 15.19 -1.16 2.89
C PRO B 48 14.58 -1.02 4.27
N GLN B 49 13.65 -1.91 4.60
CA GLN B 49 13.02 -1.85 5.89
C GLN B 49 13.33 -3.10 6.69
N PRO B 50 13.25 -3.00 8.02
CA PRO B 50 13.53 -4.12 8.91
C PRO B 50 12.75 -5.37 8.50
N ALA B 51 13.37 -6.52 8.65
CA ALA B 51 12.72 -7.78 8.32
C ALA B 51 11.74 -8.16 9.43
N GLU B 52 10.62 -8.75 9.04
CA GLU B 52 9.60 -9.19 9.98
C GLU B 52 10.13 -10.38 10.76
N PRO B 53 9.93 -10.40 12.06
CA PRO B 53 10.43 -11.54 12.86
C PRO B 53 9.67 -12.83 12.61
N TRP B 54 10.39 -13.95 12.66
CA TRP B 54 9.75 -15.25 12.45
C TRP B 54 9.53 -16.02 13.75
N SER B 55 8.47 -16.84 13.73
CA SER B 55 8.02 -17.60 14.88
C SER B 55 8.79 -18.82 15.35
N PHE B 56 9.39 -19.58 14.44
CA PHE B 56 10.11 -20.75 14.93
C PHE B 56 11.58 -20.77 14.52
N VAL B 57 12.00 -21.88 13.91
CA VAL B 57 13.38 -22.00 13.47
C VAL B 57 13.42 -21.94 11.94
N LYS B 58 14.03 -20.87 11.42
CA LYS B 58 14.15 -20.67 9.97
C LYS B 58 15.38 -21.41 9.42
N ASN B 59 15.17 -22.20 8.37
CA ASN B 59 16.25 -22.94 7.75
C ASN B 59 17.07 -22.08 6.81
N ALA B 60 18.28 -21.74 7.22
CA ALA B 60 19.16 -20.95 6.36
C ALA B 60 20.06 -21.97 5.70
N THR B 61 19.43 -22.87 4.95
CA THR B 61 20.17 -23.94 4.31
C THR B 61 20.07 -24.00 2.79
N SER B 62 19.46 -22.98 2.19
CA SER B 62 19.34 -22.93 0.73
C SER B 62 19.85 -21.58 0.21
N TYR B 63 20.55 -21.61 -0.91
CA TYR B 63 21.07 -20.38 -1.49
C TYR B 63 19.94 -19.44 -1.85
N PRO B 64 20.05 -18.16 -1.45
CA PRO B 64 19.00 -17.18 -1.77
C PRO B 64 19.01 -16.84 -3.27
N PRO B 65 17.99 -16.11 -3.74
CA PRO B 65 17.98 -15.76 -5.17
C PRO B 65 18.91 -14.57 -5.38
N MET B 66 19.40 -14.37 -6.58
CA MET B 66 20.24 -13.20 -6.83
C MET B 66 19.26 -12.12 -7.34
N CYS B 67 19.46 -10.86 -6.97
CA CYS B 67 18.56 -9.80 -7.41
C CYS B 67 18.36 -9.84 -8.91
N THR B 68 17.18 -9.42 -9.37
CA THR B 68 16.86 -9.43 -10.79
C THR B 68 17.97 -8.76 -11.59
N GLN B 69 18.41 -9.43 -12.64
CA GLN B 69 19.47 -8.92 -13.48
C GLN B 69 19.44 -9.72 -14.76
N ASP B 70 20.31 -9.37 -15.69
CA ASP B 70 20.41 -10.10 -16.95
C ASP B 70 20.82 -11.51 -16.54
N PRO B 71 19.90 -12.48 -16.65
CA PRO B 71 20.22 -13.86 -16.27
C PRO B 71 21.48 -14.42 -16.92
N LYS B 72 21.67 -14.15 -18.21
CA LYS B 72 22.84 -14.65 -18.94
C LYS B 72 24.16 -14.04 -18.42
N ALA B 73 24.24 -12.71 -18.42
CA ALA B 73 25.43 -12.02 -17.95
C ALA B 73 25.72 -12.34 -16.50
N GLY B 74 24.68 -12.34 -15.67
CA GLY B 74 24.85 -12.62 -14.27
C GLY B 74 25.45 -13.99 -14.03
N GLN B 75 24.95 -14.98 -14.75
CA GLN B 75 25.46 -16.33 -14.61
C GLN B 75 26.92 -16.42 -15.05
N LEU B 76 27.22 -15.81 -16.18
CA LEU B 76 28.57 -15.81 -16.73
C LEU B 76 29.58 -15.23 -15.74
N LEU B 77 29.24 -14.09 -15.16
CA LEU B 77 30.12 -13.45 -14.20
C LEU B 77 30.30 -14.34 -12.97
N SER B 78 29.24 -15.04 -12.58
CA SER B 78 29.31 -15.92 -11.42
C SER B 78 30.25 -17.08 -11.69
N GLU B 79 30.23 -17.58 -12.92
CA GLU B 79 31.09 -18.70 -13.28
C GLU B 79 32.53 -18.23 -13.29
N LEU B 80 32.73 -17.06 -13.89
CA LEU B 80 34.06 -16.46 -14.01
C LEU B 80 34.70 -16.08 -12.69
N PHE B 81 33.91 -15.70 -11.69
CA PHE B 81 34.48 -15.28 -10.41
C PHE B 81 34.42 -16.28 -9.28
N THR B 82 33.49 -17.22 -9.35
CA THR B 82 33.33 -18.19 -8.27
C THR B 82 34.62 -18.92 -7.88
N ASN B 83 34.79 -19.12 -6.58
CA ASN B 83 35.98 -19.79 -6.05
C ASN B 83 35.70 -21.26 -5.67
N ARG B 84 34.45 -21.69 -5.80
CA ARG B 84 34.10 -23.07 -5.49
C ARG B 84 34.24 -23.85 -6.79
N LYS B 85 34.44 -25.17 -6.69
CA LYS B 85 34.61 -25.98 -7.90
C LYS B 85 33.44 -25.91 -8.85
N GLU B 86 32.25 -26.24 -8.35
CA GLU B 86 31.05 -26.20 -9.16
C GLU B 86 30.37 -24.86 -8.99
N ASN B 87 30.05 -24.18 -10.09
CA ASN B 87 29.35 -22.92 -9.96
C ASN B 87 27.92 -23.25 -9.60
N ILE B 88 27.35 -22.52 -8.65
CA ILE B 88 25.98 -22.75 -8.21
C ILE B 88 24.99 -21.96 -9.04
N PRO B 89 24.07 -22.63 -9.74
CA PRO B 89 23.08 -21.93 -10.56
C PRO B 89 22.10 -21.20 -9.63
N LEU B 90 21.82 -19.94 -9.93
CA LEU B 90 20.94 -19.16 -9.08
C LEU B 90 19.62 -18.79 -9.74
N LYS B 91 18.69 -18.30 -8.92
CA LYS B 91 17.38 -17.89 -9.38
C LYS B 91 17.24 -16.38 -9.22
N LEU B 92 16.51 -15.74 -10.13
CA LEU B 92 16.30 -14.30 -10.06
C LEU B 92 15.06 -13.99 -9.27
N SER B 93 15.08 -12.88 -8.55
CA SER B 93 13.93 -12.48 -7.75
C SER B 93 14.11 -11.09 -7.20
N GLU B 94 13.01 -10.39 -6.95
CA GLU B 94 13.10 -9.05 -6.39
C GLU B 94 13.40 -9.29 -4.91
N ASP B 95 12.96 -10.45 -4.43
CA ASP B 95 13.18 -10.85 -3.06
C ASP B 95 14.60 -11.39 -3.02
N CYS B 96 15.56 -10.50 -2.78
CA CYS B 96 16.97 -10.86 -2.77
C CYS B 96 17.80 -10.25 -1.64
N LEU B 97 17.17 -9.46 -0.78
CA LEU B 97 17.94 -8.87 0.30
C LEU B 97 18.29 -9.90 1.38
N TYR B 98 19.25 -10.77 1.05
CA TYR B 98 19.73 -11.82 1.96
C TYR B 98 21.25 -11.71 2.14
N LEU B 99 21.78 -12.45 3.11
CA LEU B 99 23.21 -12.50 3.38
C LEU B 99 23.61 -13.91 3.82
N ASN B 100 24.83 -14.30 3.52
CA ASN B 100 25.32 -15.62 3.88
C ASN B 100 26.41 -15.43 4.92
N ILE B 101 26.41 -16.30 5.93
CA ILE B 101 27.40 -16.22 6.99
C ILE B 101 28.23 -17.50 7.08
N TYR B 102 29.55 -17.35 7.10
CA TYR B 102 30.48 -18.46 7.25
C TYR B 102 31.27 -18.17 8.52
N THR B 103 30.93 -18.84 9.62
CA THR B 103 31.65 -18.61 10.87
C THR B 103 32.39 -19.85 11.31
N PRO B 104 33.70 -19.73 11.56
CA PRO B 104 34.58 -20.82 12.00
C PRO B 104 34.56 -20.99 13.51
N ALA B 105 33.93 -20.06 14.20
CA ALA B 105 33.86 -20.09 15.66
C ALA B 105 33.06 -21.27 16.17
N ASP B 106 33.39 -21.73 17.38
CA ASP B 106 32.65 -22.83 17.97
C ASP B 106 31.49 -22.19 18.73
N LEU B 107 30.35 -22.15 18.05
CA LEU B 107 29.14 -21.54 18.57
C LEU B 107 28.77 -21.92 20.00
N THR B 108 29.18 -23.09 20.45
CA THR B 108 28.88 -23.56 21.81
C THR B 108 29.60 -22.73 22.88
N LYS B 109 30.41 -21.78 22.44
CA LYS B 109 31.16 -20.91 23.35
C LYS B 109 31.07 -19.48 22.85
N LYS B 110 31.43 -18.53 23.69
CA LYS B 110 31.38 -17.13 23.28
C LYS B 110 32.64 -16.76 22.51
N ASN B 111 32.47 -16.29 21.28
CA ASN B 111 33.58 -15.90 20.43
C ASN B 111 33.33 -14.53 19.85
N ARG B 112 34.40 -13.77 19.67
CA ARG B 112 34.31 -12.44 19.07
C ARG B 112 35.39 -12.29 18.01
N LEU B 113 35.34 -13.16 17.00
CA LEU B 113 36.30 -13.13 15.92
C LEU B 113 36.05 -11.90 15.05
N PRO B 114 37.09 -11.45 14.33
CA PRO B 114 36.85 -10.28 13.48
C PRO B 114 35.87 -10.64 12.36
N VAL B 115 35.06 -9.68 11.94
CA VAL B 115 34.08 -9.95 10.89
C VAL B 115 34.44 -9.24 9.57
N MET B 116 34.35 -9.99 8.47
CA MET B 116 34.63 -9.44 7.16
C MET B 116 33.38 -9.57 6.30
N VAL B 117 32.83 -8.42 5.93
CA VAL B 117 31.62 -8.36 5.12
C VAL B 117 32.05 -8.15 3.68
N TRP B 118 31.64 -9.05 2.80
CA TRP B 118 31.99 -8.97 1.39
C TRP B 118 30.89 -8.38 0.53
N ILE B 119 31.26 -7.44 -0.34
CA ILE B 119 30.29 -6.84 -1.24
C ILE B 119 30.71 -7.19 -2.66
N HIS B 120 29.92 -8.04 -3.33
CA HIS B 120 30.21 -8.46 -4.70
C HIS B 120 30.15 -7.34 -5.72
N GLY B 121 30.92 -7.51 -6.79
CA GLY B 121 30.95 -6.52 -7.85
C GLY B 121 30.00 -6.90 -8.95
N GLY B 122 30.07 -6.21 -10.08
CA GLY B 122 29.20 -6.52 -11.19
C GLY B 122 28.57 -5.25 -11.74
N GLY B 123 29.33 -4.16 -11.70
CA GLY B 123 28.88 -2.87 -12.20
C GLY B 123 27.55 -2.39 -11.65
N LEU B 124 27.13 -2.96 -10.52
CA LEU B 124 25.85 -2.60 -9.90
C LEU B 124 24.65 -3.06 -10.77
N MET B 125 24.89 -3.93 -11.74
CA MET B 125 23.83 -4.43 -12.62
C MET B 125 23.64 -5.94 -12.44
N VAL B 126 24.74 -6.63 -12.18
CA VAL B 126 24.67 -8.08 -11.96
C VAL B 126 25.52 -8.46 -10.76
N GLY B 127 25.47 -9.74 -10.39
CA GLY B 127 26.25 -10.20 -9.26
C GLY B 127 25.39 -10.89 -8.23
N ALA B 128 26.02 -11.65 -7.34
CA ALA B 128 25.31 -12.37 -6.29
C ALA B 128 26.31 -12.68 -5.19
N ALA B 129 25.81 -12.90 -3.98
CA ALA B 129 26.72 -13.19 -2.88
C ALA B 129 27.08 -14.67 -2.86
N SER B 130 26.16 -15.50 -3.33
CA SER B 130 26.38 -16.94 -3.38
C SER B 130 27.57 -17.32 -4.24
N THR B 131 27.93 -16.46 -5.18
CA THR B 131 29.06 -16.71 -6.06
C THR B 131 30.32 -16.95 -5.23
N TYR B 132 30.43 -16.20 -4.13
CA TYR B 132 31.59 -16.28 -3.26
C TYR B 132 31.40 -17.22 -2.07
N ASP B 133 32.29 -18.20 -1.96
CA ASP B 133 32.24 -19.17 -0.86
C ASP B 133 33.26 -18.76 0.22
N GLY B 134 32.78 -18.37 1.39
CA GLY B 134 33.68 -17.96 2.46
C GLY B 134 34.25 -19.06 3.34
N LEU B 135 34.03 -20.30 2.95
CA LEU B 135 34.51 -21.47 3.72
C LEU B 135 36.01 -21.49 3.99
N ALA B 136 36.81 -21.36 2.93
CA ALA B 136 38.27 -21.37 3.05
C ALA B 136 38.79 -20.21 3.89
N LEU B 137 38.42 -18.98 3.52
CA LEU B 137 38.86 -17.80 4.26
C LEU B 137 38.51 -17.87 5.74
N ALA B 138 37.28 -18.26 6.04
CA ALA B 138 36.81 -18.38 7.41
C ALA B 138 37.69 -19.34 8.21
N ALA B 139 37.87 -20.54 7.68
CA ALA B 139 38.66 -21.58 8.31
C ALA B 139 40.14 -21.25 8.42
N HIS B 140 40.74 -20.85 7.31
CA HIS B 140 42.15 -20.51 7.26
C HIS B 140 42.59 -19.32 8.10
N GLU B 141 41.77 -18.28 8.18
CA GLU B 141 42.18 -17.11 8.95
C GLU B 141 41.38 -16.86 10.21
N ASN B 142 40.47 -17.79 10.50
CA ASN B 142 39.63 -17.71 11.68
C ASN B 142 38.91 -16.36 11.83
N VAL B 143 38.10 -16.04 10.83
CA VAL B 143 37.33 -14.80 10.81
C VAL B 143 35.94 -15.19 10.33
N VAL B 144 34.94 -14.37 10.66
CA VAL B 144 33.58 -14.64 10.22
C VAL B 144 33.38 -13.94 8.88
N VAL B 145 33.10 -14.72 7.84
CA VAL B 145 32.89 -14.13 6.52
C VAL B 145 31.41 -13.95 6.24
N VAL B 146 31.03 -12.73 5.85
CA VAL B 146 29.63 -12.44 5.55
C VAL B 146 29.49 -11.90 4.12
N THR B 147 28.80 -12.64 3.27
CA THR B 147 28.60 -12.17 1.90
C THR B 147 27.18 -11.63 1.83
N ILE B 148 27.06 -10.35 1.46
CA ILE B 148 25.75 -9.71 1.36
C ILE B 148 25.30 -9.47 -0.07
N GLN B 149 24.01 -9.14 -0.20
CA GLN B 149 23.41 -8.83 -1.50
C GLN B 149 22.69 -7.50 -1.38
N TYR B 150 22.55 -6.81 -2.51
CA TYR B 150 21.89 -5.52 -2.54
C TYR B 150 21.21 -5.36 -3.88
N ARG B 151 20.19 -4.51 -3.92
CA ARG B 151 19.45 -4.30 -5.15
C ARG B 151 20.32 -3.80 -6.30
N LEU B 152 20.15 -4.42 -7.46
CA LEU B 152 20.93 -4.08 -8.64
C LEU B 152 20.10 -3.44 -9.77
N GLY B 153 20.80 -2.76 -10.68
CA GLY B 153 20.17 -2.12 -11.81
C GLY B 153 19.04 -1.19 -11.43
N ILE B 154 17.96 -1.25 -12.20
CA ILE B 154 16.79 -0.41 -11.98
C ILE B 154 16.29 -0.48 -10.55
N TRP B 155 16.07 -1.68 -10.06
CA TRP B 155 15.58 -1.90 -8.71
C TRP B 155 16.41 -1.19 -7.65
N GLY B 156 17.72 -1.17 -7.83
CA GLY B 156 18.57 -0.55 -6.82
C GLY B 156 19.15 0.82 -7.07
N PHE B 157 19.05 1.31 -8.31
CA PHE B 157 19.64 2.61 -8.60
C PHE B 157 18.81 3.60 -9.41
N PHE B 158 17.53 3.29 -9.62
CA PHE B 158 16.68 4.20 -10.36
C PHE B 158 16.52 5.49 -9.59
N SER B 159 16.81 6.60 -10.26
CA SER B 159 16.71 7.92 -9.63
C SER B 159 16.10 9.00 -10.51
N THR B 160 15.09 9.68 -9.99
CA THR B 160 14.45 10.75 -10.72
C THR B 160 15.16 12.05 -10.42
N GLY B 161 16.15 11.99 -9.54
CA GLY B 161 16.90 13.18 -9.20
C GLY B 161 16.25 14.03 -8.11
N ASP B 162 15.02 13.68 -7.73
CA ASP B 162 14.35 14.44 -6.68
C ASP B 162 13.94 13.55 -5.52
N GLU B 163 13.07 14.07 -4.67
CA GLU B 163 12.63 13.33 -3.50
C GLU B 163 11.69 12.15 -3.82
N HIS B 164 11.16 12.10 -5.04
CA HIS B 164 10.25 11.02 -5.38
C HIS B 164 10.96 9.68 -5.61
N SER B 165 12.27 9.75 -5.79
CA SER B 165 13.11 8.56 -5.99
C SER B 165 14.57 9.04 -6.03
N ARG B 166 15.12 9.32 -4.86
CA ARG B 166 16.49 9.81 -4.75
C ARG B 166 17.52 8.92 -5.42
N GLY B 167 17.35 7.61 -5.26
CA GLY B 167 18.28 6.67 -5.83
C GLY B 167 19.17 6.06 -4.78
N ASN B 168 20.15 5.28 -5.21
CA ASN B 168 21.11 4.61 -4.32
C ASN B 168 20.45 3.58 -3.41
N TRP B 169 19.41 2.91 -3.89
CA TRP B 169 18.74 1.92 -3.05
C TRP B 169 19.71 0.80 -2.71
N GLY B 170 20.46 0.34 -3.72
CA GLY B 170 21.42 -0.72 -3.51
C GLY B 170 22.37 -0.42 -2.36
N HIS B 171 22.92 0.80 -2.35
CA HIS B 171 23.85 1.23 -1.30
C HIS B 171 23.17 1.26 0.05
N LEU B 172 21.91 1.70 0.10
CA LEU B 172 21.17 1.73 1.35
C LEU B 172 21.00 0.30 1.88
N ASP B 173 20.88 -0.68 0.97
CA ASP B 173 20.74 -2.07 1.37
C ASP B 173 22.05 -2.52 2.01
N GLN B 174 23.17 -2.06 1.43
CA GLN B 174 24.49 -2.39 1.97
C GLN B 174 24.57 -1.84 3.40
N VAL B 175 24.18 -0.59 3.59
CA VAL B 175 24.18 0.00 4.92
C VAL B 175 23.19 -0.75 5.82
N ALA B 176 22.09 -1.23 5.23
CA ALA B 176 21.11 -1.95 6.01
C ALA B 176 21.70 -3.29 6.46
N ALA B 177 22.50 -3.91 5.59
CA ALA B 177 23.11 -5.19 5.91
C ALA B 177 24.11 -4.99 7.04
N LEU B 178 24.90 -3.91 6.99
CA LEU B 178 25.89 -3.64 8.04
C LEU B 178 25.24 -3.46 9.43
N ARG B 179 24.08 -2.82 9.48
CA ARG B 179 23.37 -2.63 10.75
C ARG B 179 22.94 -3.99 11.30
N TRP B 180 22.55 -4.88 10.40
CA TRP B 180 22.13 -6.21 10.79
C TRP B 180 23.31 -6.93 11.44
N VAL B 181 24.49 -6.76 10.83
CA VAL B 181 25.69 -7.38 11.35
C VAL B 181 25.94 -6.85 12.77
N GLN B 182 25.80 -5.54 12.93
CA GLN B 182 26.01 -4.92 14.23
C GLN B 182 25.09 -5.50 15.29
N ASP B 183 23.84 -5.74 14.93
CA ASP B 183 22.88 -6.26 15.89
C ASP B 183 22.79 -7.77 15.96
N ASN B 184 23.56 -8.49 15.15
CA ASN B 184 23.43 -9.95 15.19
C ASN B 184 24.71 -10.78 15.12
N ILE B 185 25.71 -10.27 14.42
CA ILE B 185 26.94 -11.02 14.25
C ILE B 185 27.52 -11.66 15.51
N ALA B 186 27.26 -11.07 16.68
CA ALA B 186 27.77 -11.62 17.93
C ALA B 186 27.25 -13.03 18.16
N SER B 187 26.01 -13.27 17.75
CA SER B 187 25.37 -14.57 17.91
C SER B 187 26.07 -15.64 17.07
N PHE B 188 26.97 -15.20 16.19
CA PHE B 188 27.68 -16.14 15.33
C PHE B 188 29.16 -16.19 15.63
N GLY B 189 29.56 -15.69 16.80
CA GLY B 189 30.96 -15.72 17.15
C GLY B 189 31.72 -14.56 16.53
N GLY B 190 30.98 -13.60 16.01
CA GLY B 190 31.60 -12.43 15.41
C GLY B 190 31.71 -11.28 16.39
N ASN B 191 32.64 -10.37 16.11
CA ASN B 191 32.84 -9.22 16.96
C ASN B 191 32.35 -7.97 16.22
N PRO B 192 31.17 -7.45 16.60
CA PRO B 192 30.57 -6.26 15.97
C PRO B 192 31.47 -5.05 16.09
N GLY B 193 32.47 -5.15 16.95
CA GLY B 193 33.39 -4.05 17.15
C GLY B 193 34.56 -4.10 16.19
N SER B 194 34.69 -5.17 15.43
CA SER B 194 35.79 -5.28 14.47
C SER B 194 35.30 -5.75 13.10
N VAL B 195 34.44 -4.96 12.48
CA VAL B 195 33.89 -5.29 11.17
C VAL B 195 34.66 -4.64 10.00
N THR B 196 35.18 -5.47 9.11
CA THR B 196 35.90 -4.99 7.94
C THR B 196 35.05 -5.22 6.70
N ILE B 197 34.88 -4.17 5.89
CA ILE B 197 34.11 -4.30 4.66
C ILE B 197 35.07 -4.34 3.48
N PHE B 198 34.85 -5.28 2.58
CA PHE B 198 35.70 -5.38 1.41
C PHE B 198 34.90 -5.89 0.22
N GLY B 199 35.22 -5.34 -0.95
CA GLY B 199 34.53 -5.73 -2.16
C GLY B 199 35.46 -5.55 -3.33
N GLU B 200 35.03 -6.02 -4.49
CA GLU B 200 35.83 -5.94 -5.71
C GLU B 200 35.00 -5.27 -6.79
N SER B 201 35.64 -4.45 -7.62
CA SER B 201 34.98 -3.74 -8.71
C SER B 201 33.84 -2.85 -8.18
N ALA B 202 32.61 -3.09 -8.64
CA ALA B 202 31.47 -2.29 -8.20
C ALA B 202 31.32 -2.40 -6.68
N GLY B 203 31.80 -3.51 -6.13
CA GLY B 203 31.75 -3.72 -4.68
C GLY B 203 32.87 -2.92 -4.05
N GLY B 204 33.93 -2.70 -4.82
CA GLY B 204 35.05 -1.92 -4.33
C GLY B 204 34.65 -0.47 -4.27
N GLU B 205 33.87 -0.05 -5.28
CA GLU B 205 33.37 1.31 -5.37
C GLU B 205 32.33 1.51 -4.25
N SER B 206 31.57 0.45 -3.94
CA SER B 206 30.58 0.49 -2.87
C SER B 206 31.28 0.72 -1.54
N VAL B 207 32.36 -0.01 -1.31
CA VAL B 207 33.11 0.16 -0.08
C VAL B 207 33.62 1.59 -0.03
N SER B 208 34.16 2.06 -1.15
CA SER B 208 34.66 3.43 -1.24
C SER B 208 33.57 4.44 -0.86
N VAL B 209 32.38 4.26 -1.44
CA VAL B 209 31.23 5.12 -1.19
C VAL B 209 30.84 5.08 0.29
N LEU B 210 30.80 3.89 0.86
CA LEU B 210 30.42 3.74 2.26
C LEU B 210 31.40 4.44 3.18
N VAL B 211 32.66 4.54 2.74
CA VAL B 211 33.69 5.21 3.53
C VAL B 211 33.43 6.71 3.52
N LEU B 212 32.79 7.22 2.47
CA LEU B 212 32.49 8.64 2.37
C LEU B 212 31.12 9.01 2.95
N SER B 213 30.20 8.05 3.02
CA SER B 213 28.85 8.30 3.53
C SER B 213 28.68 8.39 5.05
N PRO B 214 27.89 9.37 5.51
CA PRO B 214 27.62 9.58 6.94
C PRO B 214 26.71 8.49 7.49
N LEU B 215 25.92 7.87 6.63
CA LEU B 215 25.00 6.81 7.04
C LEU B 215 25.68 5.52 7.52
N ALA B 216 26.81 5.21 6.90
CA ALA B 216 27.55 3.99 7.22
C ALA B 216 28.54 4.17 8.37
N LYS B 217 28.63 5.39 8.88
CA LYS B 217 29.55 5.68 9.97
C LYS B 217 29.25 4.79 11.16
N ASN B 218 30.31 4.18 11.72
CA ASN B 218 30.21 3.28 12.87
C ASN B 218 29.63 1.89 12.60
N LEU B 219 29.52 1.52 11.33
CA LEU B 219 29.00 0.20 10.96
C LEU B 219 30.12 -0.72 10.51
N PHE B 220 31.34 -0.17 10.43
CA PHE B 220 32.53 -0.91 10.04
C PHE B 220 33.74 -0.16 10.60
N HIS B 221 34.88 -0.85 10.65
CA HIS B 221 36.08 -0.26 11.21
C HIS B 221 37.33 -0.34 10.35
N ARG B 222 37.20 -0.95 9.18
CA ARG B 222 38.30 -1.11 8.24
C ARG B 222 37.66 -1.34 6.88
N ALA B 223 38.33 -0.95 5.80
CA ALA B 223 37.76 -1.13 4.48
C ALA B 223 38.81 -1.52 3.46
N ILE B 224 38.40 -2.36 2.51
CA ILE B 224 39.30 -2.80 1.45
C ILE B 224 38.59 -2.62 0.12
N SER B 225 39.21 -1.89 -0.79
CA SER B 225 38.64 -1.67 -2.12
C SER B 225 39.54 -2.34 -3.16
N GLU B 226 39.02 -3.38 -3.79
CA GLU B 226 39.79 -4.11 -4.78
C GLU B 226 39.34 -3.74 -6.18
N SER B 227 40.19 -3.06 -6.94
CA SER B 227 39.85 -2.70 -8.30
C SER B 227 38.56 -1.92 -8.38
N GLY B 228 38.52 -0.76 -7.74
CA GLY B 228 37.33 0.06 -7.79
C GLY B 228 37.19 0.98 -6.59
N VAL B 229 36.98 2.26 -6.87
CA VAL B 229 36.81 3.25 -5.82
C VAL B 229 35.72 4.23 -6.24
N ALA B 230 35.45 5.22 -5.37
CA ALA B 230 34.42 6.22 -5.64
C ALA B 230 34.78 7.23 -6.74
N LEU B 231 36.00 7.17 -7.25
CA LEU B 231 36.43 8.06 -8.32
C LEU B 231 36.42 7.36 -9.67
N THR B 232 35.88 6.13 -9.69
CA THR B 232 35.74 5.33 -10.91
C THR B 232 34.47 5.84 -11.58
N SER B 233 34.63 6.92 -12.35
CA SER B 233 33.54 7.58 -13.07
C SER B 233 32.32 6.73 -13.40
N VAL B 234 32.46 5.85 -14.40
CA VAL B 234 31.38 5.00 -14.89
C VAL B 234 30.32 4.55 -13.89
N LEU B 235 30.68 4.42 -12.62
CA LEU B 235 29.74 3.99 -11.60
C LEU B 235 29.06 5.13 -10.83
N VAL B 236 29.67 6.31 -10.81
CA VAL B 236 29.09 7.47 -10.13
C VAL B 236 28.54 8.53 -11.09
N LYS B 237 27.21 8.61 -11.15
CA LYS B 237 26.52 9.55 -12.02
C LYS B 237 26.48 10.96 -11.46
N LYS B 238 27.17 11.88 -12.14
CA LYS B 238 27.20 13.28 -11.73
C LYS B 238 26.39 14.07 -12.76
N GLY B 239 25.67 15.09 -12.30
CA GLY B 239 24.89 15.88 -13.24
C GLY B 239 23.41 15.58 -13.13
N ASP B 240 22.64 15.98 -14.14
CA ASP B 240 21.21 15.76 -14.15
C ASP B 240 20.85 14.36 -14.60
N VAL B 241 20.39 13.54 -13.65
CA VAL B 241 20.03 12.16 -13.93
C VAL B 241 18.60 12.05 -14.48
N LYS B 242 17.86 13.15 -14.42
CA LYS B 242 16.48 13.18 -14.90
C LYS B 242 16.31 12.54 -16.29
N PRO B 243 17.19 12.91 -17.25
CA PRO B 243 17.08 12.34 -18.59
C PRO B 243 17.13 10.80 -18.60
N LEU B 244 18.06 10.23 -17.85
CA LEU B 244 18.15 8.77 -17.83
C LEU B 244 16.85 8.20 -17.26
N ALA B 245 16.32 8.84 -16.22
CA ALA B 245 15.10 8.37 -15.59
C ALA B 245 13.97 8.33 -16.62
N GLU B 246 13.86 9.40 -17.39
CA GLU B 246 12.83 9.50 -18.40
C GLU B 246 13.00 8.48 -19.53
N GLN B 247 14.26 8.22 -19.89
CA GLN B 247 14.57 7.28 -20.96
C GLN B 247 14.17 5.88 -20.54
N ILE B 248 14.44 5.54 -19.28
CA ILE B 248 14.06 4.23 -18.75
C ILE B 248 12.54 4.15 -18.70
N ALA B 249 11.92 5.19 -18.10
CA ALA B 249 10.48 5.25 -17.98
C ALA B 249 9.84 4.95 -19.33
N ILE B 250 10.23 5.70 -20.35
CA ILE B 250 9.67 5.49 -21.68
C ILE B 250 9.89 4.06 -22.18
N THR B 251 11.11 3.57 -22.06
CA THR B 251 11.44 2.21 -22.52
C THR B 251 10.56 1.14 -21.87
N ALA B 252 10.07 1.44 -20.66
CA ALA B 252 9.22 0.51 -19.92
C ALA B 252 7.75 0.83 -20.19
N GLY B 253 7.51 1.73 -21.13
CA GLY B 253 6.15 2.10 -21.47
C GLY B 253 5.48 2.91 -20.39
N CYS B 254 6.13 3.98 -19.96
CA CYS B 254 5.61 4.85 -18.91
C CYS B 254 5.62 6.32 -19.29
N LYS B 255 4.59 7.03 -18.86
CA LYS B 255 4.48 8.48 -19.12
C LYS B 255 5.57 9.16 -18.34
N THR B 256 5.89 10.41 -18.69
CA THR B 256 6.93 11.12 -17.96
C THR B 256 6.40 12.45 -17.47
N THR B 257 5.08 12.57 -17.40
CA THR B 257 4.44 13.80 -16.92
C THR B 257 5.22 14.44 -15.78
N THR B 258 5.43 13.70 -14.71
CA THR B 258 6.18 14.20 -13.55
C THR B 258 6.95 13.06 -12.88
N SER B 259 7.91 13.40 -12.03
CA SER B 259 8.70 12.40 -11.32
C SER B 259 7.82 11.42 -10.54
N ALA B 260 6.87 11.97 -9.80
CA ALA B 260 5.98 11.14 -9.00
C ALA B 260 5.21 10.15 -9.91
N VAL B 261 4.89 10.58 -11.13
CA VAL B 261 4.16 9.74 -12.06
C VAL B 261 5.02 8.60 -12.59
N MET B 262 6.28 8.91 -12.89
CA MET B 262 7.19 7.91 -13.39
C MET B 262 7.41 6.80 -12.37
N VAL B 263 7.73 7.19 -11.14
CA VAL B 263 7.97 6.23 -10.07
C VAL B 263 6.74 5.35 -9.84
N HIS B 264 5.57 5.99 -9.86
CA HIS B 264 4.31 5.29 -9.68
C HIS B 264 4.09 4.26 -10.76
N CYS B 265 4.29 4.68 -12.00
CA CYS B 265 4.12 3.79 -13.14
C CYS B 265 5.06 2.58 -13.07
N LEU B 266 6.36 2.85 -12.86
CA LEU B 266 7.36 1.80 -12.78
C LEU B 266 7.12 0.86 -11.61
N ARG B 267 6.49 1.37 -10.54
CA ARG B 267 6.21 0.54 -9.39
C ARG B 267 5.14 -0.48 -9.76
N GLN B 268 4.31 -0.16 -10.75
CA GLN B 268 3.25 -1.05 -11.19
C GLN B 268 3.76 -2.17 -12.07
N LYS B 269 4.86 -1.92 -12.78
CA LYS B 269 5.44 -2.92 -13.68
C LYS B 269 5.82 -4.19 -12.93
N THR B 270 5.74 -5.32 -13.62
CA THR B 270 6.10 -6.57 -13.00
C THR B 270 7.60 -6.72 -13.10
N GLU B 271 8.17 -7.56 -12.24
CA GLU B 271 9.61 -7.80 -12.25
C GLU B 271 10.00 -8.11 -13.69
N GLU B 272 9.25 -9.01 -14.32
CA GLU B 272 9.55 -9.38 -15.68
C GLU B 272 9.59 -8.20 -16.66
N GLU B 273 8.64 -7.29 -16.52
CA GLU B 273 8.58 -6.12 -17.40
C GLU B 273 9.83 -5.27 -17.23
N LEU B 274 10.23 -5.03 -15.98
CA LEU B 274 11.41 -4.22 -15.73
C LEU B 274 12.67 -4.94 -16.24
N LEU B 275 12.69 -6.26 -16.12
CA LEU B 275 13.83 -7.04 -16.61
C LEU B 275 13.93 -6.86 -18.11
N GLU B 276 12.79 -6.89 -18.79
CA GLU B 276 12.79 -6.70 -20.23
C GLU B 276 13.30 -5.31 -20.57
N THR B 277 12.92 -4.31 -19.76
CA THR B 277 13.37 -2.94 -19.99
C THR B 277 14.89 -2.93 -19.83
N THR B 278 15.38 -3.63 -18.81
CA THR B 278 16.82 -3.70 -18.54
C THR B 278 17.56 -4.21 -19.77
N LEU B 279 17.08 -5.30 -20.35
CA LEU B 279 17.72 -5.88 -21.52
C LEU B 279 17.67 -4.96 -22.73
N LYS B 280 16.55 -4.26 -22.90
CA LYS B 280 16.40 -3.35 -24.01
C LYS B 280 17.42 -2.22 -23.88
N MET B 281 17.65 -1.76 -22.65
CA MET B 281 18.59 -0.67 -22.41
C MET B 281 20.02 -1.06 -22.78
N LYS B 282 20.30 -2.35 -22.73
CA LYS B 282 21.64 -2.86 -23.06
C LYS B 282 22.76 -2.14 -22.28
N PHE B 283 22.71 -2.35 -20.97
CA PHE B 283 23.67 -1.78 -20.08
C PHE B 283 25.08 -2.27 -19.78
N LEU B 284 25.57 -3.41 -20.27
CA LEU B 284 26.88 -3.84 -19.80
C LEU B 284 27.75 -3.80 -21.12
N SER B 285 27.08 -3.79 -22.29
CA SER B 285 27.78 -3.80 -23.58
C SER B 285 28.08 -2.39 -24.06
N LEU B 286 29.13 -2.27 -24.88
CA LEU B 286 29.58 -0.99 -25.43
C LEU B 286 28.82 -0.65 -26.70
N ASP B 287 28.45 0.62 -26.84
CA ASP B 287 27.73 1.09 -28.00
C ASP B 287 28.73 1.50 -29.09
N LEU B 288 28.60 0.91 -30.27
CA LEU B 288 29.51 1.23 -31.36
C LEU B 288 29.10 2.46 -32.16
N GLN B 289 27.90 2.46 -32.73
CA GLN B 289 27.42 3.60 -33.50
C GLN B 289 26.47 4.52 -32.73
N GLY B 290 26.53 5.81 -33.06
CA GLY B 290 25.70 6.80 -32.40
C GLY B 290 26.59 7.85 -31.79
N ASP B 291 26.13 8.48 -30.71
CA ASP B 291 26.94 9.49 -30.04
C ASP B 291 27.37 8.96 -28.68
N PRO B 292 28.68 8.81 -28.47
CA PRO B 292 29.27 8.32 -27.22
C PRO B 292 28.83 9.06 -25.96
N ARG B 293 28.61 10.37 -26.07
CA ARG B 293 28.20 11.19 -24.94
C ARG B 293 26.75 10.95 -24.53
N GLU B 294 26.07 10.06 -25.24
CA GLU B 294 24.68 9.74 -24.94
C GLU B 294 24.55 8.30 -24.41
N SER B 295 25.47 7.43 -24.84
CA SER B 295 25.47 6.03 -24.42
C SER B 295 25.57 5.90 -22.91
N GLN B 296 24.48 5.47 -22.28
CA GLN B 296 24.44 5.29 -20.83
C GLN B 296 24.90 3.89 -20.42
N PRO B 297 26.11 3.78 -19.82
CA PRO B 297 26.67 2.49 -19.39
C PRO B 297 25.82 1.71 -18.37
N LEU B 298 25.33 2.42 -17.36
CA LEU B 298 24.52 1.80 -16.33
C LEU B 298 23.87 2.81 -15.39
N LEU B 299 23.11 2.31 -14.43
CA LEU B 299 22.47 3.18 -13.45
C LEU B 299 23.37 3.07 -12.23
N GLY B 300 24.21 4.07 -11.99
CA GLY B 300 25.11 3.96 -10.85
C GLY B 300 24.73 4.73 -9.60
N THR B 301 25.75 5.05 -8.81
CA THR B 301 25.59 5.82 -7.59
C THR B 301 25.31 7.27 -7.96
N VAL B 302 24.45 7.93 -7.19
CA VAL B 302 24.13 9.33 -7.44
C VAL B 302 24.30 10.12 -6.17
N ILE B 303 24.26 11.45 -6.28
CA ILE B 303 24.39 12.31 -5.10
C ILE B 303 23.00 12.61 -4.59
N ASP B 304 22.44 11.66 -3.82
CA ASP B 304 21.09 11.77 -3.27
C ASP B 304 20.88 12.79 -2.14
N GLY B 305 21.94 13.17 -1.44
CA GLY B 305 21.80 14.11 -0.35
C GLY B 305 21.46 13.39 0.95
N MET B 306 21.47 12.06 0.88
CA MET B 306 21.18 11.18 2.02
C MET B 306 22.43 10.32 2.28
N LEU B 307 22.80 9.51 1.28
CA LEU B 307 23.97 8.65 1.37
C LEU B 307 25.24 9.45 1.08
N LEU B 308 25.16 10.33 0.10
CA LEU B 308 26.29 11.17 -0.28
C LEU B 308 25.76 12.59 -0.38
N LEU B 309 26.31 13.49 0.43
CA LEU B 309 25.83 14.89 0.42
C LEU B 309 26.42 15.71 -0.72
N LYS B 310 27.54 15.24 -1.26
CA LYS B 310 28.19 15.91 -2.39
C LYS B 310 29.01 14.88 -3.15
N THR B 311 29.67 15.29 -4.24
CA THR B 311 30.46 14.34 -5.03
C THR B 311 31.60 13.74 -4.25
N PRO B 312 32.07 12.56 -4.69
CA PRO B 312 33.18 11.87 -4.03
C PRO B 312 34.40 12.79 -3.98
N GLU B 313 34.67 13.46 -5.09
CA GLU B 313 35.80 14.38 -5.16
C GLU B 313 35.65 15.41 -4.03
N GLU B 314 34.53 16.12 -4.03
CA GLU B 314 34.27 17.14 -3.03
C GLU B 314 34.31 16.61 -1.61
N LEU B 315 33.77 15.42 -1.42
CA LEU B 315 33.73 14.81 -0.08
C LEU B 315 35.09 14.47 0.51
N GLN B 316 35.99 13.92 -0.31
CA GLN B 316 37.32 13.53 0.16
C GLN B 316 38.29 14.71 0.31
N ALA B 317 37.83 15.91 -0.05
CA ALA B 317 38.66 17.09 0.09
C ALA B 317 38.61 17.55 1.54
N GLU B 318 37.61 17.10 2.28
CA GLU B 318 37.43 17.43 3.69
C GLU B 318 37.89 16.29 4.61
N ARG B 319 38.33 16.66 5.81
CA ARG B 319 38.79 15.68 6.79
C ARG B 319 37.99 15.81 8.11
N ASN B 320 36.85 16.48 8.03
CA ASN B 320 35.98 16.70 9.19
C ASN B 320 35.09 15.48 9.47
N PHE B 321 35.44 14.35 8.85
CA PHE B 321 34.67 13.13 9.03
C PHE B 321 35.51 12.01 9.65
N HIS B 322 34.82 11.02 10.21
CA HIS B 322 35.45 9.86 10.84
C HIS B 322 36.21 9.03 9.79
N THR B 323 37.40 8.55 10.14
CA THR B 323 38.21 7.75 9.22
C THR B 323 38.65 6.41 9.80
N VAL B 324 38.91 5.45 8.92
CA VAL B 324 39.34 4.12 9.32
C VAL B 324 40.46 3.61 8.42
N PRO B 325 41.17 2.56 8.84
CA PRO B 325 42.25 2.05 8.01
C PRO B 325 41.63 1.62 6.68
N TYR B 326 42.24 2.06 5.58
CA TYR B 326 41.72 1.76 4.26
C TYR B 326 42.79 1.15 3.36
N MET B 327 42.47 0.03 2.72
CA MET B 327 43.40 -0.62 1.81
C MET B 327 42.81 -0.50 0.42
N VAL B 328 43.57 0.07 -0.51
CA VAL B 328 43.12 0.24 -1.89
C VAL B 328 44.07 -0.50 -2.81
N GLY B 329 43.55 -1.32 -3.70
CA GLY B 329 44.42 -2.07 -4.58
C GLY B 329 43.92 -2.19 -6.00
N ILE B 330 44.81 -2.62 -6.89
CA ILE B 330 44.45 -2.80 -8.29
C ILE B 330 45.25 -3.99 -8.83
N ASN B 331 44.85 -4.47 -10.00
CA ASN B 331 45.52 -5.59 -10.65
C ASN B 331 46.36 -5.04 -11.81
N LYS B 332 47.39 -5.80 -12.18
CA LYS B 332 48.31 -5.38 -13.24
C LYS B 332 47.63 -4.94 -14.54
N GLN B 333 46.72 -5.77 -15.04
CA GLN B 333 46.00 -5.50 -16.28
C GLN B 333 44.48 -5.51 -16.06
N GLU B 334 43.95 -4.43 -15.47
CA GLU B 334 42.53 -4.33 -15.18
C GLU B 334 41.62 -4.46 -16.39
N PHE B 335 42.11 -4.04 -17.55
CA PHE B 335 41.32 -4.12 -18.76
C PHE B 335 41.91 -5.20 -19.66
N GLY B 336 42.66 -6.11 -19.05
CA GLY B 336 43.32 -7.17 -19.79
C GLY B 336 42.44 -8.06 -20.65
N TRP B 337 41.38 -8.62 -20.08
CA TRP B 337 40.52 -9.50 -20.85
C TRP B 337 39.06 -9.45 -20.41
N LEU B 338 38.79 -9.92 -19.20
CA LEU B 338 37.45 -10.00 -18.62
C LEU B 338 36.47 -8.88 -19.00
N ILE B 339 36.78 -7.64 -18.64
CA ILE B 339 35.90 -6.52 -18.93
C ILE B 339 35.67 -6.28 -20.43
N PRO B 340 36.74 -6.11 -21.22
CA PRO B 340 36.57 -5.89 -22.66
C PRO B 340 35.72 -7.00 -23.30
N MET B 341 35.95 -8.22 -22.82
CA MET B 341 35.24 -9.40 -23.30
C MET B 341 33.73 -9.30 -23.02
N LEU B 342 33.38 -8.94 -21.78
CA LEU B 342 31.98 -8.81 -21.37
C LEU B 342 31.25 -7.65 -22.04
N MET B 343 31.98 -6.59 -22.35
CA MET B 343 31.37 -5.45 -23.00
C MET B 343 31.41 -5.56 -24.52
N SER B 344 32.03 -6.63 -25.00
CA SER B 344 32.11 -6.88 -26.44
C SER B 344 32.92 -5.82 -27.18
N TYR B 345 34.19 -5.66 -26.81
CA TYR B 345 35.04 -4.68 -27.47
C TYR B 345 35.48 -5.17 -28.86
N PRO B 346 35.58 -4.23 -29.82
CA PRO B 346 35.98 -4.49 -31.21
C PRO B 346 37.43 -4.99 -31.39
N LEU B 347 38.07 -5.37 -30.30
CA LEU B 347 39.45 -5.85 -30.35
C LEU B 347 39.56 -7.33 -30.74
N SER B 348 39.02 -7.66 -31.90
CA SER B 348 39.06 -9.03 -32.41
C SER B 348 40.27 -9.25 -33.32
N GLU B 349 40.95 -8.14 -33.66
CA GLU B 349 42.12 -8.17 -34.52
C GLU B 349 43.43 -8.42 -33.78
N GLY B 350 43.42 -8.20 -32.48
CA GLY B 350 44.62 -8.41 -31.68
C GLY B 350 45.65 -7.30 -31.89
N GLN B 351 45.31 -6.33 -32.73
CA GLN B 351 46.20 -5.20 -33.02
C GLN B 351 45.40 -3.94 -33.31
N LEU B 352 45.99 -2.79 -33.01
CA LEU B 352 45.32 -1.52 -33.21
C LEU B 352 46.31 -0.43 -33.62
N ASP B 353 45.83 0.53 -34.41
CA ASP B 353 46.65 1.64 -34.89
C ASP B 353 46.20 2.95 -34.26
N GLN B 354 47.07 3.96 -34.34
CA GLN B 354 46.80 5.29 -33.79
C GLN B 354 45.40 5.85 -34.07
N LYS B 355 44.95 5.74 -35.31
CA LYS B 355 43.63 6.26 -35.68
C LYS B 355 42.47 5.47 -35.09
N THR B 356 42.49 4.15 -35.24
CA THR B 356 41.42 3.30 -34.71
C THR B 356 41.32 3.49 -33.19
N ALA B 357 42.48 3.65 -32.56
CA ALA B 357 42.57 3.85 -31.12
C ALA B 357 41.76 5.06 -30.74
N MET B 358 42.09 6.20 -31.34
CA MET B 358 41.35 7.43 -31.04
C MET B 358 39.87 7.21 -31.30
N SER B 359 39.57 6.35 -32.27
CA SER B 359 38.20 6.02 -32.63
C SER B 359 37.52 5.28 -31.49
N LEU B 360 38.23 4.28 -30.94
CA LEU B 360 37.72 3.48 -29.84
C LEU B 360 37.72 4.27 -28.53
N LEU B 361 38.79 5.04 -28.29
CA LEU B 361 38.90 5.83 -27.06
C LEU B 361 37.75 6.84 -26.97
N TRP B 362 37.18 7.17 -28.12
CA TRP B 362 36.07 8.09 -28.16
C TRP B 362 34.77 7.36 -27.78
N LYS B 363 34.46 6.28 -28.49
CA LYS B 363 33.25 5.49 -28.20
C LYS B 363 33.29 4.86 -26.81
N SER B 364 34.47 4.93 -26.19
CA SER B 364 34.68 4.39 -24.85
C SER B 364 34.37 5.48 -23.84
N TYR B 365 33.84 6.59 -24.34
CA TYR B 365 33.51 7.75 -23.52
C TYR B 365 32.74 7.41 -22.23
N PRO B 366 31.63 6.64 -22.33
CA PRO B 366 30.88 6.30 -21.12
C PRO B 366 31.70 5.57 -20.05
N LEU B 367 32.89 5.11 -20.41
CA LEU B 367 33.77 4.39 -19.48
C LEU B 367 34.90 5.26 -18.93
N VAL B 368 35.56 5.99 -19.83
CA VAL B 368 36.68 6.84 -19.44
C VAL B 368 36.36 8.33 -19.35
N CYS B 369 35.24 8.74 -19.94
CA CYS B 369 34.81 10.13 -19.92
C CYS B 369 35.91 11.09 -20.39
N ILE B 370 36.55 10.75 -21.50
CA ILE B 370 37.60 11.59 -22.04
C ILE B 370 37.06 12.43 -23.19
N ALA B 371 37.27 13.74 -23.11
CA ALA B 371 36.83 14.68 -24.15
C ALA B 371 37.41 14.30 -25.50
N LYS B 372 36.67 14.56 -26.58
CA LYS B 372 37.14 14.22 -27.90
C LYS B 372 38.35 15.07 -28.31
N GLU B 373 38.53 16.19 -27.64
CA GLU B 373 39.65 17.08 -27.94
C GLU B 373 40.94 16.55 -27.30
N LEU B 374 40.80 15.83 -26.19
CA LEU B 374 41.94 15.27 -25.46
C LEU B 374 42.40 13.94 -26.07
N ILE B 375 41.46 13.23 -26.71
CA ILE B 375 41.73 11.93 -27.33
C ILE B 375 43.09 11.88 -28.04
N PRO B 376 43.40 12.89 -28.87
CA PRO B 376 44.69 12.88 -29.58
C PRO B 376 45.89 12.77 -28.64
N GLU B 377 45.96 13.70 -27.69
CA GLU B 377 47.07 13.74 -26.74
C GLU B 377 47.19 12.44 -25.93
N ALA B 378 46.06 11.97 -25.42
CA ALA B 378 46.02 10.73 -24.62
C ALA B 378 46.54 9.53 -25.39
N THR B 379 45.95 9.26 -26.56
CA THR B 379 46.38 8.13 -27.39
C THR B 379 47.87 8.24 -27.70
N GLU B 380 48.32 9.46 -27.99
CA GLU B 380 49.72 9.69 -28.31
C GLU B 380 50.62 9.30 -27.16
N LYS B 381 50.25 9.74 -25.96
CA LYS B 381 51.03 9.46 -24.76
C LYS B 381 51.20 7.96 -24.45
N TYR B 382 50.24 7.14 -24.87
CA TYR B 382 50.31 5.70 -24.61
C TYR B 382 50.75 4.86 -25.79
N LEU B 383 50.07 5.01 -26.92
CA LEU B 383 50.38 4.24 -28.11
C LEU B 383 51.52 4.81 -28.95
N GLY B 384 51.90 6.06 -28.70
CA GLY B 384 52.97 6.66 -29.45
C GLY B 384 54.33 6.06 -29.12
N GLY B 385 54.34 5.14 -28.14
CA GLY B 385 55.56 4.49 -27.72
C GLY B 385 56.26 3.72 -28.83
N THR B 386 55.53 2.84 -29.51
CA THR B 386 56.10 2.05 -30.60
C THR B 386 55.22 2.05 -31.84
N ASP B 387 55.68 1.36 -32.88
CA ASP B 387 54.95 1.27 -34.13
C ASP B 387 54.24 -0.07 -34.21
N ASP B 388 54.62 -0.98 -33.32
CA ASP B 388 54.04 -2.32 -33.27
C ASP B 388 52.53 -2.23 -32.99
N THR B 389 51.71 -2.54 -34.01
CA THR B 389 50.26 -2.49 -33.85
C THR B 389 49.73 -3.34 -32.71
N VAL B 390 50.36 -4.49 -32.46
CA VAL B 390 49.93 -5.35 -31.35
C VAL B 390 50.31 -4.71 -30.02
N LYS B 391 51.42 -3.97 -29.99
CA LYS B 391 51.82 -3.29 -28.75
C LYS B 391 50.88 -2.12 -28.47
N LYS B 392 50.34 -1.52 -29.53
CA LYS B 392 49.41 -0.40 -29.38
C LYS B 392 48.12 -0.90 -28.73
N LYS B 393 47.71 -2.11 -29.12
CA LYS B 393 46.51 -2.72 -28.56
C LYS B 393 46.66 -2.79 -27.06
N ASP B 394 47.68 -3.51 -26.62
CA ASP B 394 47.96 -3.69 -25.20
C ASP B 394 48.17 -2.37 -24.48
N LEU B 395 48.77 -1.40 -25.15
CA LEU B 395 49.01 -0.10 -24.54
C LEU B 395 47.69 0.65 -24.41
N PHE B 396 46.78 0.36 -25.34
CA PHE B 396 45.46 0.99 -25.33
C PHE B 396 44.69 0.47 -24.12
N LEU B 397 44.87 -0.83 -23.85
CA LEU B 397 44.22 -1.49 -22.73
C LEU B 397 44.75 -0.91 -21.42
N ASP B 398 46.01 -0.51 -21.42
CA ASP B 398 46.58 0.08 -20.21
C ASP B 398 46.00 1.48 -20.03
N LEU B 399 45.78 2.15 -21.15
CA LEU B 399 45.21 3.50 -21.18
C LEU B 399 43.91 3.46 -20.36
N ILE B 400 42.97 2.64 -20.83
CA ILE B 400 41.69 2.51 -20.17
C ILE B 400 41.85 2.07 -18.72
N ALA B 401 42.56 0.96 -18.52
CA ALA B 401 42.81 0.40 -17.21
C ALA B 401 43.27 1.45 -16.19
N ASP B 402 44.10 2.39 -16.63
CA ASP B 402 44.61 3.42 -15.74
C ASP B 402 43.59 4.50 -15.44
N VAL B 403 42.75 4.79 -16.42
CA VAL B 403 41.74 5.84 -16.24
C VAL B 403 40.60 5.38 -15.35
N MET B 404 40.27 4.09 -15.43
CA MET B 404 39.18 3.55 -14.64
C MET B 404 39.59 3.08 -13.27
N PHE B 405 40.80 2.55 -13.15
CA PHE B 405 41.24 2.04 -11.85
C PHE B 405 42.56 2.57 -11.32
N GLY B 406 43.60 2.52 -12.15
CA GLY B 406 44.91 3.00 -11.74
C GLY B 406 44.93 4.36 -11.07
N VAL B 407 44.69 5.40 -11.86
CA VAL B 407 44.70 6.75 -11.33
C VAL B 407 43.67 6.97 -10.22
N PRO B 408 42.39 6.61 -10.47
CA PRO B 408 41.34 6.78 -9.46
C PRO B 408 41.78 6.22 -8.10
N SER B 409 42.17 4.95 -8.08
CA SER B 409 42.60 4.28 -6.87
C SER B 409 43.68 5.01 -6.10
N VAL B 410 44.72 5.45 -6.83
CA VAL B 410 45.84 6.14 -6.22
C VAL B 410 45.47 7.52 -5.66
N ILE B 411 44.59 8.23 -6.35
CA ILE B 411 44.14 9.52 -5.88
C ILE B 411 43.40 9.29 -4.55
N VAL B 412 42.47 8.34 -4.57
CA VAL B 412 41.68 7.99 -3.36
C VAL B 412 42.60 7.65 -2.20
N ALA B 413 43.60 6.81 -2.43
CA ALA B 413 44.53 6.41 -1.38
C ALA B 413 45.28 7.59 -0.80
N ARG B 414 45.77 8.47 -1.69
CA ARG B 414 46.52 9.66 -1.29
C ARG B 414 45.66 10.59 -0.44
N ASN B 415 44.43 10.84 -0.89
CA ASN B 415 43.53 11.68 -0.13
C ASN B 415 43.30 11.06 1.23
N HIS B 416 43.02 9.75 1.25
CA HIS B 416 42.77 9.07 2.51
C HIS B 416 43.98 9.25 3.42
N ARG B 417 45.18 9.09 2.86
CA ARG B 417 46.43 9.23 3.59
C ARG B 417 46.51 10.64 4.16
N ASP B 418 46.44 11.63 3.28
CA ASP B 418 46.51 13.02 3.68
C ASP B 418 45.43 13.38 4.70
N ALA B 419 44.32 12.65 4.67
CA ALA B 419 43.25 12.89 5.61
C ALA B 419 43.69 12.45 7.01
N GLY B 420 44.82 11.73 7.08
CA GLY B 420 45.34 11.29 8.37
C GLY B 420 44.97 9.89 8.81
N ALA B 421 44.41 9.09 7.92
CA ALA B 421 44.03 7.73 8.27
C ALA B 421 44.96 6.69 7.65
N PRO B 422 45.17 5.56 8.36
CA PRO B 422 46.04 4.46 7.90
C PRO B 422 45.68 4.00 6.49
N THR B 423 46.61 4.16 5.55
CA THR B 423 46.35 3.75 4.17
C THR B 423 47.34 2.72 3.64
N TYR B 424 46.83 1.79 2.84
CA TYR B 424 47.63 0.74 2.24
C TYR B 424 47.23 0.54 0.78
N MET B 425 48.20 0.24 -0.06
CA MET B 425 47.97 -0.01 -1.47
C MET B 425 48.69 -1.29 -1.90
N TYR B 426 48.22 -1.86 -3.00
CA TYR B 426 48.82 -3.08 -3.52
C TYR B 426 48.55 -3.23 -5.02
N GLU B 427 49.41 -3.94 -5.72
CA GLU B 427 49.20 -4.16 -7.13
C GLU B 427 49.34 -5.66 -7.36
N PHE B 428 48.21 -6.30 -7.65
CA PHE B 428 48.18 -7.75 -7.87
C PHE B 428 48.59 -8.10 -9.27
N GLN B 429 49.68 -8.87 -9.39
CA GLN B 429 50.19 -9.30 -10.67
C GLN B 429 50.38 -10.81 -10.66
N TYR B 430 49.36 -11.54 -11.06
CA TYR B 430 49.41 -13.00 -11.08
C TYR B 430 48.30 -13.55 -11.98
N ARG B 431 48.58 -14.64 -12.68
CA ARG B 431 47.57 -15.23 -13.55
C ARG B 431 47.07 -16.51 -12.92
N PRO B 432 45.87 -16.48 -12.32
CA PRO B 432 45.32 -17.68 -11.68
C PRO B 432 45.15 -18.85 -12.66
N SER B 433 45.35 -20.07 -12.16
CA SER B 433 45.21 -21.27 -12.98
C SER B 433 43.73 -21.53 -13.29
N PHE B 434 42.87 -20.82 -12.56
CA PHE B 434 41.42 -20.95 -12.73
C PHE B 434 40.87 -20.00 -13.78
N SER B 435 41.76 -19.32 -14.52
CA SER B 435 41.35 -18.39 -15.55
C SER B 435 40.56 -19.10 -16.64
N SER B 436 39.72 -18.34 -17.34
CA SER B 436 38.92 -18.90 -18.42
C SER B 436 39.86 -19.37 -19.53
N ASP B 437 39.48 -20.44 -20.20
CA ASP B 437 40.28 -20.98 -21.28
C ASP B 437 40.34 -19.99 -22.44
N MET B 438 39.29 -19.19 -22.59
CA MET B 438 39.22 -18.21 -23.66
C MET B 438 40.10 -17.00 -23.37
N LYS B 439 40.68 -16.97 -22.18
CA LYS B 439 41.54 -15.85 -21.76
C LYS B 439 42.99 -16.08 -22.18
N PRO B 440 43.54 -15.18 -23.04
CA PRO B 440 44.92 -15.32 -23.50
C PRO B 440 45.90 -15.54 -22.34
N LYS B 441 46.83 -16.48 -22.54
CA LYS B 441 47.79 -16.81 -21.51
C LYS B 441 48.77 -15.70 -21.19
N THR B 442 48.80 -14.67 -22.04
CA THR B 442 49.69 -13.54 -21.82
C THR B 442 49.13 -12.53 -20.81
N VAL B 443 47.81 -12.49 -20.66
CA VAL B 443 47.18 -11.56 -19.72
C VAL B 443 47.43 -12.02 -18.28
N ILE B 444 48.11 -11.18 -17.52
CA ILE B 444 48.44 -11.50 -16.14
C ILE B 444 47.99 -10.38 -15.21
N GLY B 445 47.16 -10.71 -14.23
CA GLY B 445 46.67 -9.71 -13.31
C GLY B 445 45.43 -9.03 -13.88
N ASP B 446 44.58 -9.84 -14.51
CA ASP B 446 43.35 -9.37 -15.13
C ASP B 446 42.36 -8.98 -14.02
N HIS B 447 41.31 -8.28 -14.40
CA HIS B 447 40.26 -7.84 -13.47
C HIS B 447 39.68 -9.03 -12.70
N GLY B 448 39.71 -8.93 -11.37
CA GLY B 448 39.16 -10.00 -10.56
C GLY B 448 40.06 -11.20 -10.32
N ASP B 449 41.32 -11.13 -10.77
CA ASP B 449 42.24 -12.24 -10.58
C ASP B 449 42.70 -12.45 -9.15
N GLU B 450 42.58 -11.43 -8.32
CA GLU B 450 42.99 -11.58 -6.92
C GLU B 450 41.89 -12.26 -6.11
N LEU B 451 40.69 -12.35 -6.68
CA LEU B 451 39.56 -12.97 -6.00
C LEU B 451 39.86 -14.41 -5.59
N PHE B 452 40.59 -15.12 -6.45
CA PHE B 452 40.94 -16.51 -6.20
C PHE B 452 41.92 -16.71 -5.06
N SER B 453 42.75 -15.69 -4.80
CA SER B 453 43.70 -15.79 -3.70
C SER B 453 42.97 -15.36 -2.43
N VAL B 454 42.25 -14.24 -2.52
CA VAL B 454 41.51 -13.71 -1.37
C VAL B 454 40.51 -14.72 -0.79
N PHE B 455 39.78 -15.41 -1.66
CA PHE B 455 38.79 -16.39 -1.20
C PHE B 455 39.26 -17.84 -1.18
N GLY B 456 40.57 -18.04 -1.18
CA GLY B 456 41.12 -19.37 -1.14
C GLY B 456 40.58 -20.36 -2.16
N ALA B 457 40.53 -19.95 -3.42
CA ALA B 457 40.05 -20.86 -4.45
C ALA B 457 40.93 -22.12 -4.48
N PRO B 458 42.25 -21.98 -4.26
CA PRO B 458 43.18 -23.12 -4.27
C PRO B 458 42.80 -24.24 -3.31
N PHE B 459 41.96 -23.93 -2.33
CA PHE B 459 41.55 -24.94 -1.36
C PHE B 459 40.12 -25.46 -1.57
N LEU B 460 39.51 -25.09 -2.69
CA LEU B 460 38.15 -25.52 -3.02
C LEU B 460 38.11 -26.08 -4.43
N LYS B 461 38.92 -25.50 -5.31
CA LYS B 461 39.01 -25.95 -6.69
C LYS B 461 40.27 -26.80 -6.82
N GLU B 462 40.38 -27.57 -7.89
CA GLU B 462 41.52 -28.45 -8.09
C GLU B 462 42.54 -27.94 -9.10
N GLY B 463 43.76 -28.42 -8.99
CA GLY B 463 44.80 -28.01 -9.93
C GLY B 463 45.74 -26.91 -9.45
N ALA B 464 45.45 -26.33 -8.29
CA ALA B 464 46.29 -25.27 -7.76
C ALA B 464 47.70 -25.80 -7.48
N SER B 465 48.70 -25.14 -8.07
CA SER B 465 50.09 -25.52 -7.85
C SER B 465 50.50 -25.08 -6.45
N GLU B 466 51.60 -25.63 -5.95
CA GLU B 466 52.05 -25.25 -4.62
C GLU B 466 52.38 -23.77 -4.60
N GLU B 467 52.65 -23.20 -5.76
CA GLU B 467 52.97 -21.79 -5.84
C GLU B 467 51.72 -20.95 -5.61
N GLU B 468 50.62 -21.35 -6.26
CA GLU B 468 49.32 -20.68 -6.18
C GLU B 468 48.72 -20.83 -4.79
N ILE B 469 48.83 -22.03 -4.23
CA ILE B 469 48.31 -22.28 -2.90
C ILE B 469 48.99 -21.38 -1.88
N ARG B 470 50.31 -21.28 -1.98
CA ARG B 470 51.09 -20.47 -1.06
C ARG B 470 50.67 -19.00 -1.16
N LEU B 471 50.51 -18.53 -2.40
CA LEU B 471 50.08 -17.16 -2.66
C LEU B 471 48.75 -16.86 -1.96
N SER B 472 47.77 -17.73 -2.19
CA SER B 472 46.46 -17.56 -1.57
C SER B 472 46.58 -17.47 -0.05
N LYS B 473 47.37 -18.35 0.55
CA LYS B 473 47.55 -18.34 1.99
C LYS B 473 48.06 -16.96 2.43
N MET B 474 49.11 -16.50 1.78
CA MET B 474 49.69 -15.21 2.12
C MET B 474 48.61 -14.13 2.06
N VAL B 475 47.95 -14.01 0.91
CA VAL B 475 46.91 -13.01 0.73
C VAL B 475 45.85 -13.02 1.84
N MET B 476 45.26 -14.18 2.10
CA MET B 476 44.26 -14.26 3.15
C MET B 476 44.84 -13.80 4.47
N LYS B 477 46.11 -14.11 4.71
CA LYS B 477 46.81 -13.72 5.94
C LYS B 477 46.85 -12.20 6.05
N PHE B 478 47.28 -11.56 4.96
CA PHE B 478 47.35 -10.12 4.90
C PHE B 478 45.97 -9.54 5.14
N TRP B 479 44.99 -10.01 4.36
CA TRP B 479 43.62 -9.55 4.49
C TRP B 479 43.06 -9.71 5.92
N ALA B 480 43.17 -10.92 6.47
CA ALA B 480 42.67 -11.16 7.82
C ALA B 480 43.45 -10.35 8.88
N ASN B 481 44.76 -10.22 8.69
CA ASN B 481 45.59 -9.44 9.61
C ASN B 481 45.10 -8.01 9.63
N PHE B 482 44.79 -7.50 8.44
CA PHE B 482 44.28 -6.13 8.29
C PHE B 482 42.95 -6.03 9.00
N ALA B 483 42.09 -7.01 8.77
CA ALA B 483 40.77 -7.05 9.38
C ALA B 483 40.91 -7.06 10.90
N ARG B 484 42.02 -7.63 11.36
CA ARG B 484 42.27 -7.73 12.78
C ARG B 484 42.82 -6.46 13.41
N ASN B 485 43.96 -5.99 12.90
CA ASN B 485 44.61 -4.81 13.46
C ASN B 485 44.63 -3.56 12.59
N GLY B 486 43.98 -3.59 11.44
CA GLY B 486 44.01 -2.42 10.59
C GLY B 486 45.40 -2.28 9.98
N ASN B 487 46.16 -3.38 10.02
CA ASN B 487 47.50 -3.42 9.45
C ASN B 487 47.73 -4.84 8.92
N PRO B 488 47.97 -4.97 7.61
CA PRO B 488 48.18 -6.27 6.96
C PRO B 488 49.36 -7.09 7.48
N ASN B 489 50.43 -6.41 7.88
CA ASN B 489 51.64 -7.07 8.35
C ASN B 489 51.40 -8.10 9.44
N GLY B 490 52.39 -9.00 9.56
CA GLY B 490 52.34 -10.08 10.54
C GLY B 490 53.54 -10.97 10.31
N GLU B 491 53.95 -11.71 11.33
CA GLU B 491 55.11 -12.59 11.21
C GLU B 491 54.97 -13.66 10.15
N GLY B 492 56.05 -13.87 9.40
CA GLY B 492 56.09 -14.85 8.34
C GLY B 492 55.51 -14.30 7.05
N LEU B 493 55.39 -12.98 6.97
CA LEU B 493 54.82 -12.31 5.81
C LEU B 493 55.71 -11.15 5.36
N PRO B 494 55.88 -11.00 4.03
CA PRO B 494 56.70 -9.93 3.48
C PRO B 494 56.24 -8.61 4.08
N HIS B 495 57.17 -7.68 4.29
CA HIS B 495 56.79 -6.40 4.87
C HIS B 495 55.98 -5.57 3.90
N TRP B 496 54.83 -5.10 4.38
CA TRP B 496 53.94 -4.28 3.58
C TRP B 496 54.04 -2.88 4.15
N PRO B 497 54.71 -1.99 3.42
CA PRO B 497 54.89 -0.61 3.86
C PRO B 497 53.55 0.14 3.87
N GLU B 498 53.37 1.03 4.84
CA GLU B 498 52.14 1.79 4.89
C GLU B 498 52.22 2.82 3.78
N TYR B 499 51.09 3.12 3.14
CA TYR B 499 51.08 4.10 2.06
C TYR B 499 51.09 5.48 2.69
N ASN B 500 52.30 5.94 3.01
CA ASN B 500 52.53 7.24 3.62
C ASN B 500 53.05 8.19 2.55
N GLN B 501 53.97 9.09 2.91
CA GLN B 501 54.53 10.03 1.95
C GLN B 501 55.43 9.37 0.93
N LYS B 502 56.16 8.34 1.34
CA LYS B 502 57.05 7.64 0.42
C LYS B 502 56.22 6.92 -0.65
N GLU B 503 54.92 6.78 -0.37
CA GLU B 503 53.98 6.12 -1.26
C GLU B 503 54.37 4.68 -1.54
N GLY B 504 54.83 4.00 -0.51
CA GLY B 504 55.22 2.62 -0.65
C GLY B 504 53.98 1.75 -0.75
N TYR B 505 54.07 0.70 -1.56
CA TYR B 505 52.95 -0.21 -1.74
C TYR B 505 53.49 -1.61 -1.92
N LEU B 506 52.62 -2.60 -1.82
CA LEU B 506 53.05 -3.98 -1.97
C LEU B 506 52.65 -4.59 -3.30
N GLN B 507 53.63 -5.20 -3.97
CA GLN B 507 53.37 -5.86 -5.23
C GLN B 507 53.18 -7.32 -4.86
N ILE B 508 51.96 -7.80 -5.01
CA ILE B 508 51.60 -9.17 -4.69
C ILE B 508 51.62 -10.05 -5.92
N GLY B 509 52.33 -11.17 -5.84
CA GLY B 509 52.41 -12.09 -6.97
C GLY B 509 53.37 -13.21 -6.69
N ALA B 510 53.92 -13.82 -7.74
CA ALA B 510 54.88 -14.91 -7.58
C ALA B 510 56.01 -14.43 -6.69
N ASN B 511 56.35 -13.15 -6.85
CA ASN B 511 57.41 -12.49 -6.07
C ASN B 511 56.78 -11.30 -5.38
N THR B 512 56.50 -11.43 -4.08
CA THR B 512 55.89 -10.34 -3.35
C THR B 512 56.91 -9.50 -2.61
N GLN B 513 57.01 -8.24 -2.99
CA GLN B 513 57.95 -7.31 -2.35
C GLN B 513 57.44 -5.89 -2.46
N ALA B 514 57.82 -5.04 -1.51
CA ALA B 514 57.41 -3.64 -1.49
C ALA B 514 58.00 -2.83 -2.66
N ALA B 515 57.36 -1.71 -2.98
CA ALA B 515 57.82 -0.82 -4.06
C ALA B 515 57.38 0.60 -3.68
N GLN B 516 57.46 1.54 -4.61
CA GLN B 516 57.04 2.90 -4.28
C GLN B 516 56.41 3.69 -5.44
N LYS B 517 55.58 4.67 -5.07
CA LYS B 517 54.89 5.54 -6.02
C LYS B 517 54.20 4.82 -7.18
N LEU B 518 53.18 4.03 -6.83
CA LEU B 518 52.41 3.30 -7.83
C LEU B 518 51.66 4.27 -8.75
N LYS B 519 51.72 4.03 -10.05
CA LYS B 519 51.03 4.87 -11.02
C LYS B 519 51.25 6.37 -10.81
N ASP B 520 52.30 6.72 -10.08
CA ASP B 520 52.61 8.12 -9.79
C ASP B 520 52.79 8.94 -11.07
N LYS B 521 53.40 8.32 -12.07
CA LYS B 521 53.64 8.97 -13.35
C LYS B 521 52.35 9.19 -14.16
N GLU B 522 51.45 8.22 -14.13
CA GLU B 522 50.16 8.29 -14.84
C GLU B 522 49.20 9.27 -14.19
N VAL B 523 49.15 9.25 -12.86
CA VAL B 523 48.27 10.15 -12.12
C VAL B 523 48.64 11.56 -12.53
N ALA B 524 49.94 11.81 -12.61
CA ALA B 524 50.45 13.12 -13.02
C ALA B 524 49.90 13.50 -14.38
N PHE B 525 50.16 12.67 -15.39
CA PHE B 525 49.69 12.92 -16.74
C PHE B 525 48.18 13.18 -16.84
N TRP B 526 47.38 12.27 -16.29
CA TRP B 526 45.92 12.41 -16.34
C TRP B 526 45.37 13.59 -15.57
N THR B 527 46.04 13.99 -14.49
CA THR B 527 45.56 15.10 -13.70
C THR B 527 45.60 16.38 -14.54
N ASN B 528 46.52 16.42 -15.51
CA ASN B 528 46.64 17.60 -16.37
C ASN B 528 45.71 17.51 -17.56
N LEU B 529 45.71 16.35 -18.22
CA LEU B 529 44.86 16.18 -19.39
C LEU B 529 43.42 16.52 -19.02
N PHE B 530 42.96 16.00 -17.89
CA PHE B 530 41.60 16.25 -17.42
C PHE B 530 41.40 17.68 -16.93
N ALA B 531 42.50 18.36 -16.61
CA ALA B 531 42.46 19.76 -16.18
C ALA B 531 42.29 20.60 -17.45
N LYS B 532 42.04 19.90 -18.55
CA LYS B 532 41.84 20.51 -19.87
C LYS B 532 42.97 21.48 -20.21
N SER C 1 -43.14 1.84 16.66
CA SER C 1 -42.06 2.52 17.36
C SER C 1 -41.00 3.07 16.38
N SER C 2 -39.81 3.39 16.92
CA SER C 2 -38.71 3.93 16.12
C SER C 2 -37.59 2.90 16.03
N PRO C 3 -37.00 2.71 14.84
CA PRO C 3 -35.93 1.74 14.70
C PRO C 3 -34.89 1.89 15.81
N PRO C 4 -34.32 0.77 16.26
CA PRO C 4 -33.28 0.71 17.31
C PRO C 4 -31.96 1.33 16.85
N VAL C 5 -31.46 2.30 17.61
CA VAL C 5 -30.18 2.91 17.26
C VAL C 5 -29.21 2.78 18.40
N VAL C 6 -28.24 1.89 18.25
CA VAL C 6 -27.25 1.67 19.30
C VAL C 6 -25.96 2.37 18.95
N ASP C 7 -25.31 2.91 19.97
CA ASP C 7 -24.06 3.61 19.77
C ASP C 7 -22.88 2.72 20.14
N THR C 8 -22.11 2.31 19.14
CA THR C 8 -20.94 1.46 19.38
C THR C 8 -19.69 2.35 19.43
N VAL C 9 -18.54 1.74 19.70
CA VAL C 9 -17.30 2.49 19.77
C VAL C 9 -17.02 3.25 18.48
N HIS C 10 -17.18 2.57 17.34
CA HIS C 10 -16.91 3.17 16.04
C HIS C 10 -17.99 4.08 15.46
N GLY C 11 -19.17 4.11 16.06
CA GLY C 11 -20.23 4.97 15.56
C GLY C 11 -21.61 4.43 15.86
N LYS C 12 -22.64 5.16 15.45
CA LYS C 12 -24.02 4.73 15.70
C LYS C 12 -24.51 3.70 14.68
N VAL C 13 -25.29 2.74 15.16
CA VAL C 13 -25.83 1.69 14.31
C VAL C 13 -27.36 1.66 14.41
N LEU C 14 -28.00 1.58 13.25
CA LEU C 14 -29.45 1.56 13.14
C LEU C 14 -29.91 0.16 12.70
N GLY C 15 -30.74 -0.47 13.53
CA GLY C 15 -31.26 -1.79 13.21
C GLY C 15 -32.77 -1.77 12.96
N LYS C 16 -33.41 -2.91 13.17
CA LYS C 16 -34.87 -3.00 13.00
C LYS C 16 -35.45 -3.90 14.08
N PHE C 17 -36.72 -3.68 14.39
CA PHE C 17 -37.41 -4.46 15.39
C PHE C 17 -38.21 -5.56 14.72
N VAL C 18 -38.18 -6.73 15.34
CA VAL C 18 -38.91 -7.87 14.85
C VAL C 18 -39.52 -8.56 16.06
N SER C 19 -40.80 -8.90 15.98
CA SER C 19 -41.48 -9.57 17.08
C SER C 19 -41.67 -11.03 16.71
N LEU C 20 -41.47 -11.93 17.67
CA LEU C 20 -41.67 -13.35 17.42
C LEU C 20 -43.03 -13.70 17.99
N GLU C 21 -43.67 -14.70 17.41
CA GLU C 21 -45.00 -15.13 17.83
C GLU C 21 -45.09 -15.47 19.33
N GLY C 22 -45.85 -14.65 20.06
CA GLY C 22 -46.04 -14.88 21.48
C GLY C 22 -45.04 -14.21 22.38
N PHE C 23 -44.32 -13.22 21.87
CA PHE C 23 -43.34 -12.50 22.67
C PHE C 23 -43.62 -11.00 22.60
N ALA C 24 -43.83 -10.40 23.75
CA ALA C 24 -44.11 -8.96 23.80
C ALA C 24 -42.89 -8.18 23.35
N GLN C 25 -41.80 -8.26 24.13
CA GLN C 25 -40.58 -7.54 23.79
C GLN C 25 -40.03 -7.91 22.41
N PRO C 26 -40.15 -6.99 21.44
CA PRO C 26 -39.64 -7.28 20.09
C PRO C 26 -38.13 -7.41 20.18
N VAL C 27 -37.54 -8.17 19.26
CA VAL C 27 -36.10 -8.35 19.27
C VAL C 27 -35.46 -7.33 18.32
N ALA C 28 -34.38 -6.70 18.79
CA ALA C 28 -33.65 -5.73 17.98
C ALA C 28 -32.61 -6.48 17.15
N ILE C 29 -32.71 -6.35 15.84
CA ILE C 29 -31.82 -7.03 14.92
C ILE C 29 -30.95 -6.07 14.11
N PHE C 30 -29.63 -6.32 14.14
CA PHE C 30 -28.66 -5.51 13.40
C PHE C 30 -27.91 -6.41 12.45
N LEU C 31 -28.00 -6.10 11.16
CA LEU C 31 -27.35 -6.91 10.14
C LEU C 31 -26.14 -6.27 9.48
N GLY C 32 -25.03 -7.01 9.49
CA GLY C 32 -23.81 -6.51 8.87
C GLY C 32 -23.08 -5.39 9.61
N ILE C 33 -22.73 -5.63 10.86
CA ILE C 33 -21.99 -4.64 11.60
C ILE C 33 -20.53 -5.02 11.40
N PRO C 34 -19.75 -4.12 10.79
CA PRO C 34 -18.33 -4.35 10.54
C PRO C 34 -17.54 -4.44 11.85
N PHE C 35 -16.73 -5.50 11.97
CA PHE C 35 -15.91 -5.67 13.17
C PHE C 35 -14.44 -5.63 12.79
N ALA C 36 -14.19 -5.25 11.54
CA ALA C 36 -12.82 -5.15 11.06
C ALA C 36 -12.75 -4.41 9.73
N LYS C 37 -11.58 -3.84 9.45
CA LYS C 37 -11.37 -3.13 8.19
C LYS C 37 -11.37 -4.18 7.08
N PRO C 38 -12.08 -3.93 5.97
CA PRO C 38 -12.18 -4.83 4.82
C PRO C 38 -10.80 -5.33 4.39
N PRO C 39 -10.55 -6.66 4.47
CA PRO C 39 -9.27 -7.26 4.09
C PRO C 39 -9.01 -7.25 2.60
N LEU C 40 -9.07 -6.07 2.00
CA LEU C 40 -8.86 -5.91 0.56
C LEU C 40 -7.43 -5.52 0.23
N GLY C 41 -7.03 -5.81 -1.00
CA GLY C 41 -5.69 -5.48 -1.45
C GLY C 41 -4.55 -6.03 -0.60
N PRO C 42 -3.63 -5.16 -0.15
CA PRO C 42 -2.48 -5.56 0.67
C PRO C 42 -2.86 -6.18 2.00
N LEU C 43 -4.10 -5.94 2.45
CA LEU C 43 -4.55 -6.49 3.73
C LEU C 43 -4.85 -8.00 3.62
N ARG C 44 -4.94 -8.51 2.40
CA ARG C 44 -5.20 -9.92 2.15
C ARG C 44 -4.03 -10.74 2.70
N PHE C 45 -4.34 -11.82 3.42
CA PHE C 45 -3.31 -12.67 4.01
C PHE C 45 -2.56 -11.97 5.13
N THR C 46 -3.24 -11.08 5.87
CA THR C 46 -2.64 -10.38 7.01
C THR C 46 -3.73 -10.34 8.08
N PRO C 47 -3.34 -10.20 9.35
CA PRO C 47 -4.31 -10.15 10.44
C PRO C 47 -5.37 -9.07 10.22
N PRO C 48 -6.59 -9.30 10.73
CA PRO C 48 -7.67 -8.32 10.57
C PRO C 48 -7.34 -7.07 11.38
N GLN C 49 -7.62 -5.89 10.83
CA GLN C 49 -7.36 -4.63 11.54
C GLN C 49 -8.64 -3.94 11.97
N PRO C 50 -8.55 -3.09 13.02
CA PRO C 50 -9.70 -2.38 13.55
C PRO C 50 -10.45 -1.64 12.43
N ALA C 51 -11.77 -1.59 12.55
CA ALA C 51 -12.59 -0.92 11.55
C ALA C 51 -12.50 0.60 11.69
N GLU C 52 -12.62 1.31 10.59
CA GLU C 52 -12.57 2.77 10.61
C GLU C 52 -13.89 3.26 11.18
N PRO C 53 -13.85 4.27 12.05
CA PRO C 53 -15.09 4.79 12.65
C PRO C 53 -15.94 5.57 11.62
N TRP C 54 -17.25 5.50 11.75
CA TRP C 54 -18.11 6.20 10.82
C TRP C 54 -18.74 7.44 11.47
N SER C 55 -18.99 8.45 10.65
CA SER C 55 -19.50 9.73 11.12
C SER C 55 -20.94 9.90 11.54
N PHE C 56 -21.88 9.16 10.98
CA PHE C 56 -23.25 9.38 11.44
C PHE C 56 -23.92 8.10 11.93
N VAL C 57 -25.07 7.76 11.36
CA VAL C 57 -25.74 6.53 11.76
C VAL C 57 -25.62 5.53 10.63
N LYS C 58 -25.03 4.37 10.92
CA LYS C 58 -24.84 3.33 9.91
C LYS C 58 -25.98 2.32 9.89
N ASN C 59 -26.61 2.14 8.74
CA ASN C 59 -27.72 1.21 8.59
C ASN C 59 -27.33 -0.26 8.57
N ALA C 60 -27.52 -0.92 9.71
CA ALA C 60 -27.23 -2.34 9.81
C ALA C 60 -28.55 -3.06 9.55
N THR C 61 -29.09 -2.81 8.36
CA THR C 61 -30.37 -3.39 7.97
C THR C 61 -30.34 -4.33 6.76
N SER C 62 -29.16 -4.57 6.20
CA SER C 62 -29.03 -5.45 5.03
C SER C 62 -28.05 -6.56 5.31
N TYR C 63 -28.35 -7.77 4.83
CA TYR C 63 -27.46 -8.89 5.04
C TYR C 63 -26.12 -8.63 4.42
N PRO C 64 -25.04 -8.93 5.15
CA PRO C 64 -23.69 -8.70 4.61
C PRO C 64 -23.34 -9.78 3.59
N PRO C 65 -22.23 -9.59 2.85
CA PRO C 65 -21.82 -10.59 1.85
C PRO C 65 -21.14 -11.76 2.56
N MET C 66 -21.30 -12.97 2.02
CA MET C 66 -20.61 -14.09 2.64
C MET C 66 -19.22 -14.08 1.99
N CYS C 67 -18.19 -14.44 2.74
CA CYS C 67 -16.83 -14.45 2.18
C CYS C 67 -16.71 -15.26 0.90
N THR C 68 -15.83 -14.84 0.01
CA THR C 68 -15.67 -15.52 -1.26
C THR C 68 -15.53 -17.00 -1.03
N GLN C 69 -16.28 -17.77 -1.80
CA GLN C 69 -16.29 -19.22 -1.70
C GLN C 69 -16.97 -19.75 -2.93
N ASP C 70 -16.96 -21.07 -3.10
CA ASP C 70 -17.64 -21.69 -4.23
C ASP C 70 -19.11 -21.30 -4.11
N PRO C 71 -19.59 -20.42 -5.00
CA PRO C 71 -20.99 -19.99 -4.94
C PRO C 71 -22.07 -21.09 -4.90
N LYS C 72 -21.87 -22.18 -5.64
CA LYS C 72 -22.85 -23.26 -5.66
C LYS C 72 -22.89 -24.01 -4.33
N ALA C 73 -21.73 -24.50 -3.91
CA ALA C 73 -21.62 -25.24 -2.67
C ALA C 73 -22.05 -24.40 -1.47
N GLY C 74 -21.62 -23.15 -1.48
CA GLY C 74 -21.93 -22.25 -0.39
C GLY C 74 -23.41 -22.01 -0.21
N GLN C 75 -24.10 -21.86 -1.33
CA GLN C 75 -25.53 -21.65 -1.29
C GLN C 75 -26.21 -22.94 -0.86
N LEU C 76 -25.79 -24.05 -1.45
CA LEU C 76 -26.34 -25.34 -1.10
C LEU C 76 -26.26 -25.58 0.41
N LEU C 77 -25.11 -25.33 1.00
CA LEU C 77 -24.97 -25.53 2.44
C LEU C 77 -25.88 -24.58 3.23
N SER C 78 -26.12 -23.39 2.70
CA SER C 78 -26.97 -22.41 3.37
C SER C 78 -28.43 -22.85 3.36
N GLU C 79 -28.87 -23.49 2.27
CA GLU C 79 -30.25 -23.95 2.21
C GLU C 79 -30.43 -25.14 3.14
N LEU C 80 -29.45 -26.04 3.13
CA LEU C 80 -29.47 -27.23 3.96
C LEU C 80 -29.40 -26.97 5.47
N PHE C 81 -28.78 -25.87 5.86
CA PHE C 81 -28.63 -25.54 7.29
C PHE C 81 -29.50 -24.42 7.82
N THR C 82 -30.01 -23.58 6.94
CA THR C 82 -30.80 -22.46 7.43
C THR C 82 -32.00 -22.89 8.27
N ASN C 83 -32.29 -22.10 9.30
CA ASN C 83 -33.40 -22.37 10.21
C ASN C 83 -34.58 -21.44 9.97
N ARG C 84 -34.45 -20.52 9.01
CA ARG C 84 -35.51 -19.59 8.66
C ARG C 84 -36.25 -20.24 7.49
N LYS C 85 -37.53 -19.92 7.31
CA LYS C 85 -38.33 -20.52 6.23
C LYS C 85 -37.75 -20.33 4.84
N GLU C 86 -37.53 -19.09 4.47
CA GLU C 86 -36.98 -18.76 3.17
C GLU C 86 -35.48 -18.58 3.23
N ASN C 87 -34.72 -19.33 2.42
CA ASN C 87 -33.27 -19.17 2.43
C ASN C 87 -32.94 -17.82 1.77
N ILE C 88 -32.12 -17.04 2.45
CA ILE C 88 -31.70 -15.73 1.95
C ILE C 88 -30.53 -15.86 1.00
N PRO C 89 -30.73 -15.50 -0.27
CA PRO C 89 -29.64 -15.58 -1.25
C PRO C 89 -28.60 -14.56 -0.84
N LEU C 90 -27.33 -14.94 -0.91
CA LEU C 90 -26.27 -14.02 -0.52
C LEU C 90 -25.37 -13.64 -1.67
N LYS C 91 -24.46 -12.72 -1.39
CA LYS C 91 -23.52 -12.23 -2.36
C LYS C 91 -22.11 -12.58 -1.84
N LEU C 92 -21.17 -12.75 -2.76
CA LEU C 92 -19.78 -13.07 -2.38
C LEU C 92 -18.93 -11.81 -2.43
N SER C 93 -18.00 -11.68 -1.50
CA SER C 93 -17.12 -10.51 -1.49
C SER C 93 -15.96 -10.77 -0.55
N GLU C 94 -14.83 -10.12 -0.81
CA GLU C 94 -13.69 -10.28 0.08
C GLU C 94 -14.05 -9.42 1.28
N ASP C 95 -14.91 -8.43 1.05
CA ASP C 95 -15.37 -7.54 2.10
C ASP C 95 -16.51 -8.29 2.80
N CYS C 96 -16.15 -9.09 3.80
CA CYS C 96 -17.11 -9.92 4.50
C CYS C 96 -16.95 -10.02 6.01
N LEU C 97 -16.00 -9.28 6.58
CA LEU C 97 -15.80 -9.34 8.03
C LEU C 97 -16.89 -8.54 8.75
N TYR C 98 -18.07 -9.15 8.84
CA TYR C 98 -19.21 -8.54 9.51
C TYR C 98 -19.82 -9.53 10.50
N LEU C 99 -20.72 -9.01 11.33
CA LEU C 99 -21.41 -9.85 12.31
C LEU C 99 -22.85 -9.38 12.48
N ASN C 100 -23.75 -10.33 12.77
CA ASN C 100 -25.15 -10.01 12.98
C ASN C 100 -25.49 -10.16 14.44
N ILE C 101 -26.28 -9.22 14.96
CA ILE C 101 -26.68 -9.23 16.36
C ILE C 101 -28.20 -9.34 16.50
N TYR C 102 -28.62 -10.24 17.40
CA TYR C 102 -30.04 -10.45 17.69
C TYR C 102 -30.17 -10.30 19.21
N THR C 103 -30.61 -9.13 19.64
CA THR C 103 -30.75 -8.88 21.08
C THR C 103 -32.20 -8.70 21.52
N PRO C 104 -32.64 -9.54 22.47
CA PRO C 104 -34.00 -9.51 22.99
C PRO C 104 -34.14 -8.45 24.08
N ALA C 105 -33.02 -7.88 24.50
CA ALA C 105 -33.03 -6.87 25.54
C ALA C 105 -33.76 -5.59 25.14
N ASP C 106 -34.30 -4.90 26.14
CA ASP C 106 -34.99 -3.64 25.91
C ASP C 106 -33.87 -2.61 26.04
N LEU C 107 -33.33 -2.23 24.89
CA LEU C 107 -32.23 -1.28 24.80
C LEU C 107 -32.47 0.04 25.53
N THR C 108 -33.73 0.38 25.78
CA THR C 108 -34.05 1.63 26.48
C THR C 108 -33.62 1.60 27.94
N LYS C 109 -33.14 0.45 28.40
CA LYS C 109 -32.69 0.28 29.77
C LYS C 109 -31.38 -0.49 29.76
N LYS C 110 -30.69 -0.55 30.90
CA LYS C 110 -29.43 -1.27 30.95
C LYS C 110 -29.62 -2.76 31.21
N ASN C 111 -29.15 -3.58 30.27
CA ASN C 111 -29.27 -5.02 30.40
C ASN C 111 -27.92 -5.69 30.17
N ARG C 112 -27.70 -6.81 30.83
CA ARG C 112 -26.46 -7.56 30.67
C ARG C 112 -26.79 -9.03 30.50
N LEU C 113 -27.54 -9.36 29.46
CA LEU C 113 -27.92 -10.74 29.19
C LEU C 113 -26.71 -11.53 28.74
N PRO C 114 -26.72 -12.86 28.93
CA PRO C 114 -25.57 -13.65 28.50
C PRO C 114 -25.46 -13.57 26.97
N VAL C 115 -24.23 -13.56 26.46
CA VAL C 115 -24.00 -13.45 25.02
C VAL C 115 -23.53 -14.76 24.40
N MET C 116 -24.19 -15.16 23.31
CA MET C 116 -23.85 -16.38 22.60
C MET C 116 -23.39 -16.05 21.19
N VAL C 117 -22.09 -16.23 20.96
CA VAL C 117 -21.47 -15.96 19.66
C VAL C 117 -21.39 -17.26 18.87
N TRP C 118 -22.06 -17.28 17.71
CA TRP C 118 -22.09 -18.45 16.85
C TRP C 118 -21.06 -18.44 15.73
N ILE C 119 -20.35 -19.56 15.53
CA ILE C 119 -19.36 -19.67 14.48
C ILE C 119 -19.79 -20.75 13.48
N HIS C 120 -20.25 -20.32 12.31
CA HIS C 120 -20.72 -21.25 11.29
C HIS C 120 -19.66 -22.25 10.81
N GLY C 121 -20.13 -23.39 10.32
CA GLY C 121 -19.23 -24.42 9.81
C GLY C 121 -19.20 -24.34 8.30
N GLY C 122 -18.55 -25.32 7.67
CA GLY C 122 -18.45 -25.33 6.22
C GLY C 122 -17.04 -25.66 5.78
N GLY C 123 -16.39 -26.52 6.57
CA GLY C 123 -15.02 -26.93 6.27
C GLY C 123 -14.01 -25.81 6.12
N LEU C 124 -14.31 -24.63 6.65
CA LEU C 124 -13.44 -23.45 6.54
C LEU C 124 -13.30 -23.00 5.07
N MET C 125 -14.14 -23.54 4.19
CA MET C 125 -14.12 -23.23 2.76
C MET C 125 -15.39 -22.50 2.33
N VAL C 126 -16.53 -22.85 2.95
CA VAL C 126 -17.80 -22.21 2.62
C VAL C 126 -18.54 -21.88 3.90
N GLY C 127 -19.66 -21.18 3.78
CA GLY C 127 -20.44 -20.80 4.94
C GLY C 127 -20.70 -19.31 5.07
N ALA C 128 -21.64 -18.96 5.93
CA ALA C 128 -22.00 -17.56 6.17
C ALA C 128 -22.77 -17.44 7.47
N ALA C 129 -22.76 -16.23 8.04
CA ALA C 129 -23.44 -15.99 9.30
C ALA C 129 -24.93 -15.79 9.11
N SER C 130 -25.31 -15.20 7.97
CA SER C 130 -26.71 -14.92 7.67
C SER C 130 -27.57 -16.17 7.54
N THR C 131 -26.92 -17.30 7.32
CA THR C 131 -27.61 -18.59 7.19
C THR C 131 -28.40 -18.86 8.45
N TYR C 132 -27.80 -18.49 9.58
CA TYR C 132 -28.36 -18.70 10.90
C TYR C 132 -29.11 -17.48 11.42
N ASP C 133 -30.38 -17.70 11.71
CA ASP C 133 -31.25 -16.64 12.23
C ASP C 133 -31.37 -16.83 13.74
N GLY C 134 -30.95 -15.81 14.49
CA GLY C 134 -30.99 -15.91 15.94
C GLY C 134 -32.23 -15.37 16.64
N LEU C 135 -33.27 -15.07 15.87
CA LEU C 135 -34.52 -14.54 16.42
C LEU C 135 -35.23 -15.43 17.44
N ALA C 136 -35.35 -16.72 17.14
CA ALA C 136 -36.03 -17.67 18.02
C ALA C 136 -35.26 -17.89 19.31
N LEU C 137 -33.97 -18.19 19.19
CA LEU C 137 -33.11 -18.44 20.37
C LEU C 137 -33.00 -17.23 21.28
N ALA C 138 -32.86 -16.04 20.70
CA ALA C 138 -32.74 -14.80 21.46
C ALA C 138 -34.00 -14.58 22.28
N ALA C 139 -35.15 -14.62 21.60
CA ALA C 139 -36.46 -14.42 22.22
C ALA C 139 -36.84 -15.50 23.26
N HIS C 140 -36.65 -16.76 22.88
CA HIS C 140 -36.99 -17.90 23.73
C HIS C 140 -36.16 -18.06 24.99
N GLU C 141 -34.86 -17.81 24.92
CA GLU C 141 -34.02 -17.98 26.10
C GLU C 141 -33.47 -16.68 26.66
N ASN C 142 -33.92 -15.57 26.07
CA ASN C 142 -33.50 -14.25 26.52
C ASN C 142 -31.98 -14.09 26.62
N VAL C 143 -31.31 -14.23 25.47
CA VAL C 143 -29.86 -14.11 25.36
C VAL C 143 -29.57 -13.34 24.08
N VAL C 144 -28.39 -12.74 24.01
CA VAL C 144 -28.00 -11.99 22.82
C VAL C 144 -27.28 -12.97 21.89
N VAL C 145 -27.82 -13.16 20.69
CA VAL C 145 -27.18 -14.05 19.74
C VAL C 145 -26.36 -13.21 18.77
N VAL C 146 -25.12 -13.63 18.55
CA VAL C 146 -24.22 -12.95 17.65
C VAL C 146 -23.66 -13.97 16.68
N THR C 147 -23.95 -13.80 15.39
CA THR C 147 -23.45 -14.71 14.37
C THR C 147 -22.32 -13.96 13.65
N ILE C 148 -21.12 -14.53 13.65
CA ILE C 148 -19.97 -13.88 13.01
C ILE C 148 -19.47 -14.57 11.75
N GLN C 149 -18.69 -13.83 10.98
CA GLN C 149 -18.12 -14.36 9.76
C GLN C 149 -16.60 -14.22 9.84
N TYR C 150 -15.90 -15.05 9.07
CA TYR C 150 -14.45 -15.04 9.06
C TYR C 150 -13.98 -15.49 7.69
N ARG C 151 -12.83 -15.00 7.25
CA ARG C 151 -12.29 -15.37 5.95
C ARG C 151 -12.23 -16.88 5.77
N LEU C 152 -12.66 -17.34 4.59
CA LEU C 152 -12.68 -18.75 4.27
C LEU C 152 -11.67 -19.12 3.17
N GLY C 153 -11.45 -20.41 2.99
CA GLY C 153 -10.53 -20.90 1.97
C GLY C 153 -9.19 -20.20 1.89
N ILE C 154 -8.74 -19.96 0.66
CA ILE C 154 -7.47 -19.30 0.41
C ILE C 154 -7.32 -18.01 1.19
N TRP C 155 -8.34 -17.16 1.10
CA TRP C 155 -8.35 -15.87 1.77
C TRP C 155 -8.09 -15.92 3.27
N GLY C 156 -8.64 -16.93 3.93
CA GLY C 156 -8.45 -17.03 5.37
C GLY C 156 -7.49 -18.07 5.90
N PHE C 157 -7.01 -18.97 5.03
CA PHE C 157 -6.10 -20.01 5.50
C PHE C 157 -4.84 -20.27 4.70
N PHE C 158 -4.57 -19.44 3.69
CA PHE C 158 -3.37 -19.64 2.90
C PHE C 158 -2.14 -19.44 3.78
N SER C 159 -1.22 -20.39 3.72
CA SER C 159 -0.02 -20.31 4.54
C SER C 159 1.23 -20.82 3.83
N THR C 160 2.30 -20.02 3.87
CA THR C 160 3.55 -20.42 3.24
C THR C 160 4.41 -21.14 4.26
N GLY C 161 3.90 -21.24 5.49
CA GLY C 161 4.63 -21.91 6.55
C GLY C 161 5.68 -21.06 7.24
N ASP C 162 5.87 -19.84 6.77
CA ASP C 162 6.86 -18.94 7.37
C ASP C 162 6.23 -17.60 7.71
N GLU C 163 7.06 -16.64 8.07
CA GLU C 163 6.58 -15.33 8.47
C GLU C 163 5.90 -14.51 7.38
N HIS C 164 6.11 -14.89 6.12
CA HIS C 164 5.52 -14.15 5.02
C HIS C 164 4.03 -14.36 4.87
N SER C 165 3.52 -15.41 5.52
CA SER C 165 2.10 -15.73 5.51
C SER C 165 1.91 -16.92 6.44
N ARG C 166 1.91 -16.64 7.73
CA ARG C 166 1.75 -17.66 8.76
C ARG C 166 0.51 -18.49 8.52
N GLY C 167 -0.61 -17.80 8.29
CA GLY C 167 -1.84 -18.52 8.06
C GLY C 167 -2.83 -18.27 9.18
N ASN C 168 -3.90 -19.05 9.21
CA ASN C 168 -4.94 -18.93 10.21
C ASN C 168 -5.61 -17.55 10.26
N TRP C 169 -5.71 -16.87 9.11
CA TRP C 169 -6.32 -15.54 9.08
C TRP C 169 -7.77 -15.67 9.56
N GLY C 170 -8.46 -16.69 9.06
CA GLY C 170 -9.85 -16.92 9.42
C GLY C 170 -10.06 -16.95 10.92
N HIS C 171 -9.17 -17.68 11.62
CA HIS C 171 -9.28 -17.78 13.06
C HIS C 171 -8.98 -16.44 13.72
N LEU C 172 -8.02 -15.71 13.18
CA LEU C 172 -7.71 -14.40 13.72
C LEU C 172 -8.92 -13.47 13.60
N ASP C 173 -9.75 -13.69 12.59
CA ASP C 173 -10.95 -12.89 12.40
C ASP C 173 -11.96 -13.26 13.48
N GLN C 174 -12.02 -14.53 13.83
CA GLN C 174 -12.94 -14.94 14.86
C GLN C 174 -12.47 -14.26 16.16
N VAL C 175 -11.16 -14.28 16.40
CA VAL C 175 -10.64 -13.64 17.59
C VAL C 175 -10.95 -12.14 17.55
N ALA C 176 -10.82 -11.53 16.38
CA ALA C 176 -11.09 -10.10 16.21
C ALA C 176 -12.54 -9.78 16.51
N ALA C 177 -13.45 -10.66 16.11
CA ALA C 177 -14.88 -10.46 16.35
C ALA C 177 -15.17 -10.54 17.84
N LEU C 178 -14.58 -11.52 18.52
CA LEU C 178 -14.77 -11.67 19.96
C LEU C 178 -14.32 -10.43 20.75
N ARG C 179 -13.24 -9.79 20.31
CA ARG C 179 -12.78 -8.58 20.97
C ARG C 179 -13.81 -7.47 20.76
N TRP C 180 -14.42 -7.46 19.57
CA TRP C 180 -15.42 -6.45 19.26
C TRP C 180 -16.61 -6.61 20.19
N VAL C 181 -16.99 -7.87 20.46
CA VAL C 181 -18.08 -8.18 21.36
C VAL C 181 -17.71 -7.64 22.75
N GLN C 182 -16.47 -7.87 23.17
CA GLN C 182 -15.99 -7.40 24.46
C GLN C 182 -16.14 -5.90 24.58
N ASP C 183 -15.80 -5.19 23.52
CA ASP C 183 -15.86 -3.75 23.57
C ASP C 183 -17.18 -3.11 23.20
N ASN C 184 -18.12 -3.87 22.68
CA ASN C 184 -19.39 -3.28 22.25
C ASN C 184 -20.68 -3.95 22.71
N ILE C 185 -20.66 -5.26 22.92
CA ILE C 185 -21.89 -5.98 23.28
C ILE C 185 -22.74 -5.35 24.38
N ALA C 186 -22.11 -4.60 25.29
CA ALA C 186 -22.86 -3.95 26.37
C ALA C 186 -23.90 -2.98 25.84
N SER C 187 -23.58 -2.32 24.74
CA SER C 187 -24.50 -1.37 24.13
C SER C 187 -25.71 -2.06 23.52
N PHE C 188 -25.70 -3.39 23.52
CA PHE C 188 -26.82 -4.16 22.96
C PHE C 188 -27.53 -5.02 24.01
N GLY C 189 -27.29 -4.72 25.29
CA GLY C 189 -27.93 -5.50 26.34
C GLY C 189 -27.20 -6.78 26.67
N GLY C 190 -26.00 -6.91 26.12
CA GLY C 190 -25.19 -8.10 26.38
C GLY C 190 -24.20 -7.90 27.51
N ASN C 191 -23.86 -8.99 28.19
CA ASN C 191 -22.91 -8.92 29.27
C ASN C 191 -21.57 -9.46 28.80
N PRO C 192 -20.59 -8.57 28.58
CA PRO C 192 -19.25 -8.96 28.11
C PRO C 192 -18.55 -9.92 29.05
N GLY C 193 -19.10 -10.07 30.25
CA GLY C 193 -18.49 -10.95 31.24
C GLY C 193 -19.01 -12.37 31.17
N SER C 194 -19.99 -12.61 30.31
CA SER C 194 -20.56 -13.94 30.16
C SER C 194 -20.77 -14.24 28.67
N VAL C 195 -19.65 -14.36 27.95
CA VAL C 195 -19.70 -14.65 26.52
C VAL C 195 -19.43 -16.13 26.25
N THR C 196 -20.39 -16.78 25.59
CA THR C 196 -20.27 -18.20 25.25
C THR C 196 -20.10 -18.35 23.76
N ILE C 197 -19.05 -19.07 23.34
CA ILE C 197 -18.83 -19.31 21.92
C ILE C 197 -19.29 -20.72 21.58
N PHE C 198 -19.95 -20.86 20.45
CA PHE C 198 -20.42 -22.16 20.01
C PHE C 198 -20.50 -22.21 18.49
N GLY C 199 -20.03 -23.32 17.92
CA GLY C 199 -20.05 -23.47 16.48
C GLY C 199 -20.30 -24.92 16.14
N GLU C 200 -20.56 -25.19 14.87
CA GLU C 200 -20.83 -26.54 14.42
C GLU C 200 -19.85 -26.90 13.31
N SER C 201 -19.39 -28.16 13.30
CA SER C 201 -18.44 -28.66 12.32
C SER C 201 -17.17 -27.81 12.29
N ALA C 202 -16.87 -27.17 11.16
CA ALA C 202 -15.67 -26.34 11.08
C ALA C 202 -15.75 -25.26 12.17
N GLY C 203 -16.97 -24.89 12.53
CA GLY C 203 -17.19 -23.89 13.56
C GLY C 203 -16.90 -24.49 14.93
N GLY C 204 -17.19 -25.77 15.07
CA GLY C 204 -16.93 -26.45 16.32
C GLY C 204 -15.42 -26.60 16.44
N GLU C 205 -14.76 -26.88 15.32
CA GLU C 205 -13.30 -27.02 15.34
C GLU C 205 -12.71 -25.66 15.70
N SER C 206 -13.33 -24.59 15.21
CA SER C 206 -12.87 -23.24 15.51
C SER C 206 -12.99 -22.94 17.01
N VAL C 207 -14.13 -23.29 17.59
CA VAL C 207 -14.31 -23.08 19.02
C VAL C 207 -13.22 -23.90 19.73
N SER C 208 -13.06 -25.15 19.31
CA SER C 208 -12.05 -26.03 19.90
C SER C 208 -10.69 -25.35 19.90
N VAL C 209 -10.31 -24.79 18.75
CA VAL C 209 -9.02 -24.12 18.58
C VAL C 209 -8.90 -22.87 19.45
N LEU C 210 -9.95 -22.05 19.49
CA LEU C 210 -9.93 -20.85 20.30
C LEU C 210 -9.72 -21.21 21.77
N VAL C 211 -10.22 -22.38 22.16
CA VAL C 211 -10.10 -22.83 23.54
C VAL C 211 -8.65 -23.17 23.85
N LEU C 212 -7.89 -23.57 22.84
CA LEU C 212 -6.48 -23.90 23.03
C LEU C 212 -5.55 -22.71 22.77
N SER C 213 -6.05 -21.69 22.09
CA SER C 213 -5.25 -20.53 21.75
C SER C 213 -5.13 -19.51 22.88
N PRO C 214 -3.91 -18.96 23.08
CA PRO C 214 -3.61 -17.96 24.11
C PRO C 214 -4.19 -16.58 23.74
N LEU C 215 -4.27 -16.29 22.44
CA LEU C 215 -4.82 -15.03 21.97
C LEU C 215 -6.27 -14.86 22.38
N ALA C 216 -7.05 -15.93 22.24
CA ALA C 216 -8.47 -15.91 22.55
C ALA C 216 -8.80 -15.94 24.03
N LYS C 217 -7.80 -16.09 24.87
CA LYS C 217 -8.03 -16.11 26.31
C LYS C 217 -8.67 -14.81 26.77
N ASN C 218 -9.71 -14.93 27.60
CA ASN C 218 -10.45 -13.80 28.15
C ASN C 218 -11.43 -13.13 27.22
N LEU C 219 -11.74 -13.78 26.09
CA LEU C 219 -12.69 -13.22 25.14
C LEU C 219 -13.99 -13.99 25.17
N PHE C 220 -14.00 -15.05 25.98
CA PHE C 220 -15.18 -15.92 26.14
C PHE C 220 -15.09 -16.66 27.48
N HIS C 221 -16.23 -17.13 27.99
CA HIS C 221 -16.28 -17.82 29.27
C HIS C 221 -16.91 -19.19 29.30
N ARG C 222 -17.33 -19.68 28.14
CA ARG C 222 -17.95 -21.00 27.99
C ARG C 222 -17.84 -21.34 26.51
N ALA C 223 -17.68 -22.62 26.21
CA ALA C 223 -17.55 -23.04 24.83
C ALA C 223 -18.36 -24.30 24.52
N ILE C 224 -18.95 -24.33 23.32
CA ILE C 224 -19.73 -25.47 22.87
C ILE C 224 -19.23 -25.86 21.49
N SER C 225 -18.86 -27.13 21.33
CA SER C 225 -18.41 -27.67 20.06
C SER C 225 -19.39 -28.74 19.62
N GLU C 226 -20.09 -28.45 18.53
CA GLU C 226 -21.08 -29.35 17.97
C GLU C 226 -20.52 -30.06 16.73
N SER C 227 -20.23 -31.34 16.84
CA SER C 227 -19.71 -32.11 15.70
C SER C 227 -18.41 -31.56 15.11
N GLY C 228 -17.38 -31.45 15.95
CA GLY C 228 -16.12 -30.93 15.48
C GLY C 228 -15.24 -30.34 16.57
N VAL C 229 -14.02 -30.86 16.67
CA VAL C 229 -13.06 -30.38 17.65
C VAL C 229 -11.72 -30.22 16.96
N ALA C 230 -10.71 -29.79 17.70
CA ALA C 230 -9.37 -29.57 17.17
C ALA C 230 -8.60 -30.85 16.87
N LEU C 231 -9.22 -32.00 17.09
CA LEU C 231 -8.57 -33.27 16.80
C LEU C 231 -9.20 -33.90 15.56
N THR C 232 -10.04 -33.12 14.88
CA THR C 232 -10.69 -33.55 13.64
C THR C 232 -9.65 -33.24 12.57
N SER C 233 -8.78 -34.23 12.33
CA SER C 233 -7.67 -34.15 11.38
C SER C 233 -7.84 -33.27 10.15
N VAL C 234 -8.70 -33.72 9.24
CA VAL C 234 -8.95 -33.03 7.99
C VAL C 234 -8.85 -31.50 8.04
N LEU C 235 -9.25 -30.91 9.17
CA LEU C 235 -9.22 -29.45 9.34
C LEU C 235 -7.91 -28.85 9.85
N VAL C 236 -7.10 -29.64 10.55
CA VAL C 236 -5.83 -29.15 11.08
C VAL C 236 -4.62 -29.72 10.32
N LYS C 237 -3.95 -28.85 9.56
CA LYS C 237 -2.79 -29.23 8.76
C LYS C 237 -1.53 -29.33 9.60
N LYS C 238 -1.00 -30.55 9.71
CA LYS C 238 0.23 -30.76 10.45
C LYS C 238 1.33 -31.09 9.45
N GLY C 239 2.54 -30.60 9.70
CA GLY C 239 3.64 -30.88 8.80
C GLY C 239 4.03 -29.69 7.96
N ASP C 240 4.71 -29.94 6.84
CA ASP C 240 5.16 -28.88 5.92
C ASP C 240 4.03 -28.46 4.99
N VAL C 241 3.49 -27.27 5.23
CA VAL C 241 2.39 -26.75 4.41
C VAL C 241 2.91 -26.09 3.15
N LYS C 242 4.23 -25.94 3.07
CA LYS C 242 4.87 -25.29 1.93
C LYS C 242 4.46 -25.89 0.58
N PRO C 243 4.39 -27.22 0.49
CA PRO C 243 3.98 -27.82 -0.79
C PRO C 243 2.59 -27.35 -1.26
N LEU C 244 1.63 -27.28 -0.33
CA LEU C 244 0.28 -26.86 -0.67
C LEU C 244 0.32 -25.42 -1.14
N ALA C 245 1.11 -24.59 -0.47
CA ALA C 245 1.23 -23.18 -0.83
C ALA C 245 1.70 -23.04 -2.26
N GLU C 246 2.69 -23.85 -2.64
CA GLU C 246 3.25 -23.82 -3.97
C GLU C 246 2.27 -24.35 -5.01
N GLN C 247 1.50 -25.35 -4.63
CA GLN C 247 0.52 -25.93 -5.54
C GLN C 247 -0.58 -24.92 -5.83
N ILE C 248 -0.99 -24.17 -4.81
CA ILE C 248 -2.02 -23.14 -4.98
C ILE C 248 -1.43 -22.00 -5.80
N ALA C 249 -0.21 -21.61 -5.47
CA ALA C 249 0.49 -20.54 -6.18
C ALA C 249 0.56 -20.83 -7.69
N ILE C 250 0.99 -22.03 -8.03
CA ILE C 250 1.09 -22.42 -9.44
C ILE C 250 -0.28 -22.39 -10.10
N THR C 251 -1.26 -23.03 -9.46
CA THR C 251 -2.63 -23.07 -9.98
C THR C 251 -3.22 -21.69 -10.24
N ALA C 252 -2.70 -20.68 -9.54
CA ALA C 252 -3.16 -19.31 -9.70
C ALA C 252 -2.26 -18.60 -10.70
N GLY C 253 -1.30 -19.34 -11.24
CA GLY C 253 -0.37 -18.78 -12.21
C GLY C 253 0.64 -17.89 -11.54
N CYS C 254 1.21 -18.39 -10.44
CA CYS C 254 2.20 -17.63 -9.67
C CYS C 254 3.55 -18.33 -9.57
N LYS C 255 4.61 -17.52 -9.56
CA LYS C 255 5.95 -18.05 -9.44
C LYS C 255 6.09 -18.57 -8.00
N THR C 256 7.06 -19.44 -7.78
CA THR C 256 7.27 -19.97 -6.44
C THR C 256 8.69 -19.74 -5.98
N THR C 257 9.39 -18.83 -6.67
CA THR C 257 10.78 -18.49 -6.34
C THR C 257 10.99 -18.51 -4.83
N THR C 258 10.24 -17.68 -4.10
CA THR C 258 10.33 -17.64 -2.64
C THR C 258 8.94 -17.43 -2.03
N SER C 259 8.84 -17.59 -0.72
CA SER C 259 7.57 -17.41 -0.03
C SER C 259 7.07 -15.98 -0.28
N ALA C 260 7.94 -15.01 -0.01
CA ALA C 260 7.61 -13.60 -0.18
C ALA C 260 7.04 -13.34 -1.56
N VAL C 261 7.60 -14.00 -2.56
CA VAL C 261 7.16 -13.85 -3.94
C VAL C 261 5.75 -14.40 -4.15
N MET C 262 5.48 -15.59 -3.59
CA MET C 262 4.17 -16.20 -3.74
C MET C 262 3.06 -15.34 -3.15
N VAL C 263 3.26 -14.85 -1.93
CA VAL C 263 2.25 -14.02 -1.28
C VAL C 263 2.02 -12.72 -2.07
N HIS C 264 3.11 -12.11 -2.52
CA HIS C 264 3.03 -10.89 -3.29
C HIS C 264 2.22 -11.12 -4.56
N CYS C 265 2.55 -12.19 -5.28
CA CYS C 265 1.85 -12.53 -6.51
C CYS C 265 0.38 -12.76 -6.26
N LEU C 266 0.06 -13.57 -5.25
CA LEU C 266 -1.33 -13.85 -4.92
C LEU C 266 -2.12 -12.62 -4.44
N ARG C 267 -1.42 -11.64 -3.89
CA ARG C 267 -2.10 -10.43 -3.43
C ARG C 267 -2.49 -9.56 -4.62
N GLN C 268 -1.86 -9.80 -5.77
CA GLN C 268 -2.16 -9.03 -6.97
C GLN C 268 -3.34 -9.59 -7.71
N LYS C 269 -3.61 -10.87 -7.51
CA LYS C 269 -4.72 -11.53 -8.17
C LYS C 269 -6.06 -10.93 -7.75
N THR C 270 -7.04 -11.00 -8.64
CA THR C 270 -8.34 -10.46 -8.34
C THR C 270 -9.12 -11.50 -7.55
N GLU C 271 -10.09 -11.05 -6.76
CA GLU C 271 -10.90 -11.95 -5.95
C GLU C 271 -11.42 -13.05 -6.85
N GLU C 272 -11.81 -12.69 -8.05
CA GLU C 272 -12.32 -13.66 -9.00
C GLU C 272 -11.26 -14.65 -9.46
N GLU C 273 -10.03 -14.19 -9.67
CA GLU C 273 -8.96 -15.07 -10.10
C GLU C 273 -8.69 -16.10 -9.03
N LEU C 274 -8.74 -15.68 -7.77
CA LEU C 274 -8.51 -16.58 -6.67
C LEU C 274 -9.67 -17.56 -6.53
N LEU C 275 -10.88 -17.11 -6.88
CA LEU C 275 -12.04 -17.98 -6.79
C LEU C 275 -11.93 -19.06 -7.83
N GLU C 276 -11.45 -18.70 -9.02
CA GLU C 276 -11.28 -19.69 -10.08
C GLU C 276 -10.25 -20.71 -9.67
N THR C 277 -9.21 -20.26 -8.98
CA THR C 277 -8.17 -21.15 -8.50
C THR C 277 -8.84 -22.10 -7.51
N THR C 278 -9.66 -21.55 -6.62
CA THR C 278 -10.37 -22.37 -5.63
C THR C 278 -11.12 -23.50 -6.33
N LEU C 279 -11.86 -23.18 -7.38
CA LEU C 279 -12.63 -24.19 -8.10
C LEU C 279 -11.72 -25.19 -8.84
N LYS C 280 -10.56 -24.74 -9.26
CA LYS C 280 -9.65 -25.63 -9.94
C LYS C 280 -9.13 -26.65 -8.92
N MET C 281 -8.82 -26.17 -7.72
CA MET C 281 -8.30 -27.04 -6.65
C MET C 281 -9.29 -28.13 -6.25
N LYS C 282 -10.58 -27.88 -6.44
CA LYS C 282 -11.61 -28.87 -6.08
C LYS C 282 -11.49 -29.37 -4.66
N PHE C 283 -11.64 -28.43 -3.75
CA PHE C 283 -11.57 -28.73 -2.34
C PHE C 283 -12.64 -29.39 -1.48
N LEU C 284 -13.88 -29.56 -1.88
CA LEU C 284 -14.86 -30.07 -0.92
C LEU C 284 -15.17 -31.53 -1.42
N SER C 285 -14.86 -31.84 -2.69
CA SER C 285 -15.17 -33.16 -3.25
C SER C 285 -14.04 -34.13 -3.04
N LEU C 286 -14.38 -35.42 -3.03
CA LEU C 286 -13.42 -36.51 -2.82
C LEU C 286 -12.77 -36.90 -4.14
N ASP C 287 -11.47 -37.11 -4.10
CA ASP C 287 -10.71 -37.50 -5.27
C ASP C 287 -10.77 -39.02 -5.43
N LEU C 288 -11.19 -39.50 -6.59
CA LEU C 288 -11.30 -40.94 -6.82
C LEU C 288 -10.01 -41.60 -7.30
N GLN C 289 -9.47 -41.13 -8.42
CA GLN C 289 -8.23 -41.70 -8.95
C GLN C 289 -7.01 -40.87 -8.59
N GLY C 290 -5.87 -41.54 -8.48
CA GLY C 290 -4.64 -40.85 -8.14
C GLY C 290 -4.08 -41.42 -6.85
N ASP C 291 -3.34 -40.60 -6.10
CA ASP C 291 -2.77 -41.04 -4.85
C ASP C 291 -3.46 -40.29 -3.71
N PRO C 292 -4.19 -41.02 -2.86
CA PRO C 292 -4.92 -40.45 -1.71
C PRO C 292 -4.06 -39.59 -0.78
N ARG C 293 -2.79 -39.95 -0.63
CA ARG C 293 -1.89 -39.21 0.24
C ARG C 293 -1.50 -37.86 -0.32
N GLU C 294 -1.94 -37.56 -1.54
CA GLU C 294 -1.62 -36.28 -2.16
C GLU C 294 -2.85 -35.39 -2.23
N SER C 295 -4.03 -36.02 -2.31
CA SER C 295 -5.29 -35.27 -2.38
C SER C 295 -5.46 -34.33 -1.20
N GLN C 296 -5.40 -33.03 -1.46
CA GLN C 296 -5.56 -32.04 -0.42
C GLN C 296 -7.03 -31.64 -0.28
N PRO C 297 -7.69 -32.05 0.81
CA PRO C 297 -9.11 -31.76 1.07
C PRO C 297 -9.46 -30.27 1.18
N LEU C 298 -8.61 -29.51 1.88
CA LEU C 298 -8.86 -28.09 2.05
C LEU C 298 -7.68 -27.38 2.70
N LEU C 299 -7.82 -26.07 2.88
CA LEU C 299 -6.77 -25.29 3.52
C LEU C 299 -7.28 -25.09 4.94
N GLY C 300 -6.68 -25.77 5.90
CA GLY C 300 -7.16 -25.62 7.25
C GLY C 300 -6.33 -24.82 8.22
N THR C 301 -6.52 -25.14 9.49
CA THR C 301 -5.80 -24.52 10.59
C THR C 301 -4.37 -25.02 10.54
N VAL C 302 -3.41 -24.15 10.84
CA VAL C 302 -2.01 -24.55 10.88
C VAL C 302 -1.40 -24.10 12.19
N ILE C 303 -0.18 -24.54 12.47
CA ILE C 303 0.52 -24.17 13.70
C ILE C 303 1.40 -22.96 13.36
N ASP C 304 0.77 -21.79 13.37
CA ASP C 304 1.42 -20.52 13.03
C ASP C 304 2.39 -19.92 14.05
N GLY C 305 2.30 -20.35 15.30
CA GLY C 305 3.19 -19.81 16.30
C GLY C 305 2.66 -18.50 16.88
N MET C 306 1.44 -18.13 16.54
CA MET C 306 0.80 -16.92 17.05
C MET C 306 -0.49 -17.37 17.70
N LEU C 307 -1.38 -17.96 16.91
CA LEU C 307 -2.66 -18.45 17.40
C LEU C 307 -2.45 -19.78 18.14
N LEU C 308 -1.70 -20.69 17.51
CA LEU C 308 -1.38 -21.99 18.11
C LEU C 308 0.14 -22.10 18.13
N LEU C 309 0.70 -22.42 19.30
CA LEU C 309 2.16 -22.54 19.44
C LEU C 309 2.67 -23.96 19.18
N LYS C 310 1.75 -24.92 19.18
CA LYS C 310 2.06 -26.32 18.90
C LYS C 310 0.79 -27.04 18.51
N THR C 311 0.89 -28.32 18.16
CA THR C 311 -0.29 -29.08 17.74
C THR C 311 -1.34 -29.20 18.83
N PRO C 312 -2.62 -29.37 18.44
CA PRO C 312 -3.70 -29.48 19.41
C PRO C 312 -3.46 -30.64 20.38
N GLU C 313 -2.87 -31.73 19.89
CA GLU C 313 -2.57 -32.89 20.71
C GLU C 313 -1.60 -32.45 21.81
N GLU C 314 -0.51 -31.81 21.40
CA GLU C 314 0.51 -31.32 22.32
C GLU C 314 -0.02 -30.26 23.29
N LEU C 315 -0.84 -29.36 22.78
CA LEU C 315 -1.40 -28.29 23.60
C LEU C 315 -2.31 -28.78 24.72
N GLN C 316 -3.19 -29.73 24.41
CA GLN C 316 -4.14 -30.24 25.40
C GLN C 316 -3.51 -31.18 26.43
N ALA C 317 -2.23 -31.50 26.25
CA ALA C 317 -1.52 -32.37 27.17
C ALA C 317 -1.14 -31.57 28.43
N GLU C 318 -1.11 -30.25 28.28
CA GLU C 318 -0.77 -29.34 29.37
C GLU C 318 -2.01 -28.70 30.00
N ARG C 319 -1.91 -28.36 31.28
CA ARG C 319 -3.02 -27.74 32.01
C ARG C 319 -2.60 -26.38 32.57
N ASN C 320 -1.43 -25.90 32.12
CA ASN C 320 -0.87 -24.62 32.56
C ASN C 320 -1.61 -23.43 31.93
N PHE C 321 -2.74 -23.70 31.29
CA PHE C 321 -3.50 -22.64 30.64
C PHE C 321 -4.89 -22.45 31.26
N HIS C 322 -5.49 -21.27 31.03
CA HIS C 322 -6.82 -20.93 31.52
C HIS C 322 -7.89 -21.85 30.91
N THR C 323 -8.82 -22.33 31.74
CA THR C 323 -9.89 -23.21 31.27
C THR C 323 -11.30 -22.71 31.58
N VAL C 324 -12.26 -23.12 30.76
CA VAL C 324 -13.65 -22.71 30.94
C VAL C 324 -14.58 -23.88 30.69
N PRO C 325 -15.86 -23.77 31.11
CA PRO C 325 -16.84 -24.85 30.92
C PRO C 325 -16.95 -25.18 29.43
N TYR C 326 -16.72 -26.45 29.10
CA TYR C 326 -16.75 -26.89 27.71
C TYR C 326 -17.76 -28.00 27.47
N MET C 327 -18.61 -27.81 26.47
CA MET C 327 -19.61 -28.81 26.10
C MET C 327 -19.20 -29.32 24.74
N VAL C 328 -19.01 -30.63 24.61
CA VAL C 328 -18.62 -31.23 23.34
C VAL C 328 -19.66 -32.27 22.96
N GLY C 329 -20.18 -32.19 21.75
CA GLY C 329 -21.18 -33.16 21.34
C GLY C 329 -21.06 -33.66 19.92
N ILE C 330 -21.80 -34.71 19.60
CA ILE C 330 -21.81 -35.29 18.26
C ILE C 330 -23.22 -35.78 17.93
N ASN C 331 -23.46 -36.09 16.65
CA ASN C 331 -24.75 -36.60 16.25
C ASN C 331 -24.64 -38.10 15.99
N LYS C 332 -25.76 -38.81 16.10
CA LYS C 332 -25.77 -40.25 15.94
C LYS C 332 -25.09 -40.77 14.67
N GLN C 333 -25.36 -40.12 13.55
CA GLN C 333 -24.77 -40.53 12.27
C GLN C 333 -24.14 -39.34 11.56
N GLU C 334 -22.97 -38.92 12.05
CA GLU C 334 -22.23 -37.78 11.49
C GLU C 334 -21.95 -37.87 9.99
N PHE C 335 -21.74 -39.09 9.49
CA PHE C 335 -21.46 -39.31 8.08
C PHE C 335 -22.66 -40.00 7.42
N GLY C 336 -23.84 -39.78 8.01
CA GLY C 336 -25.06 -40.39 7.50
C GLY C 336 -25.44 -40.07 6.07
N TRP C 337 -25.46 -38.78 5.73
CA TRP C 337 -25.85 -38.37 4.39
C TRP C 337 -25.17 -37.09 3.92
N LEU C 338 -25.50 -35.98 4.59
CA LEU C 338 -24.98 -34.65 4.27
C LEU C 338 -23.56 -34.58 3.75
N ILE C 339 -22.59 -34.97 4.58
CA ILE C 339 -21.21 -34.89 4.16
C ILE C 339 -20.91 -35.76 2.94
N PRO C 340 -21.22 -37.08 2.99
CA PRO C 340 -20.96 -37.97 1.86
C PRO C 340 -21.55 -37.43 0.55
N MET C 341 -22.76 -36.89 0.65
CA MET C 341 -23.47 -36.31 -0.48
C MET C 341 -22.70 -35.13 -1.06
N LEU C 342 -22.28 -34.20 -0.20
CA LEU C 342 -21.54 -33.01 -0.63
C LEU C 342 -20.20 -33.32 -1.26
N MET C 343 -19.54 -34.37 -0.77
CA MET C 343 -18.24 -34.78 -1.30
C MET C 343 -18.32 -35.75 -2.45
N SER C 344 -19.54 -36.11 -2.82
CA SER C 344 -19.78 -37.02 -3.93
C SER C 344 -19.18 -38.40 -3.74
N TYR C 345 -19.57 -39.07 -2.66
CA TYR C 345 -19.07 -40.42 -2.41
C TYR C 345 -19.70 -41.42 -3.34
N PRO C 346 -18.91 -42.43 -3.75
CA PRO C 346 -19.29 -43.52 -4.67
C PRO C 346 -20.38 -44.47 -4.13
N LEU C 347 -21.06 -44.07 -3.05
CA LEU C 347 -22.08 -44.92 -2.44
C LEU C 347 -23.44 -44.79 -3.11
N SER C 348 -23.49 -45.05 -4.41
CA SER C 348 -24.74 -44.95 -5.16
C SER C 348 -25.47 -46.28 -5.22
N GLU C 349 -24.77 -47.34 -4.85
CA GLU C 349 -25.32 -48.68 -4.86
C GLU C 349 -26.17 -48.99 -3.64
N GLY C 350 -25.89 -48.31 -2.54
CA GLY C 350 -26.63 -48.56 -1.31
C GLY C 350 -26.06 -49.74 -0.55
N GLN C 351 -24.99 -50.32 -1.08
CA GLN C 351 -24.35 -51.45 -0.44
C GLN C 351 -22.85 -51.51 -0.72
N LEU C 352 -22.10 -52.12 0.19
CA LEU C 352 -20.65 -52.20 0.03
C LEU C 352 -20.11 -53.53 0.56
N ASP C 353 -19.03 -54.02 -0.05
CA ASP C 353 -18.42 -55.26 0.39
C ASP C 353 -17.03 -55.00 1.00
N GLN C 354 -16.50 -56.00 1.68
CA GLN C 354 -15.19 -55.88 2.33
C GLN C 354 -14.10 -55.24 1.46
N LYS C 355 -13.91 -55.74 0.24
CA LYS C 355 -12.87 -55.19 -0.62
C LYS C 355 -13.13 -53.75 -1.07
N THR C 356 -14.35 -53.46 -1.48
CA THR C 356 -14.66 -52.11 -1.92
C THR C 356 -14.52 -51.11 -0.78
N ALA C 357 -14.83 -51.57 0.42
CA ALA C 357 -14.73 -50.73 1.61
C ALA C 357 -13.28 -50.33 1.83
N MET C 358 -12.38 -51.30 1.82
CA MET C 358 -10.96 -51.02 2.00
C MET C 358 -10.49 -50.06 0.92
N SER C 359 -11.04 -50.22 -0.28
CA SER C 359 -10.72 -49.37 -1.41
C SER C 359 -11.15 -47.94 -1.15
N LEU C 360 -12.36 -47.77 -0.60
CA LEU C 360 -12.88 -46.45 -0.29
C LEU C 360 -12.17 -45.88 0.91
N LEU C 361 -12.03 -46.69 1.96
CA LEU C 361 -11.38 -46.23 3.17
C LEU C 361 -9.99 -45.69 2.88
N TRP C 362 -9.38 -46.20 1.79
CA TRP C 362 -8.06 -45.74 1.40
C TRP C 362 -8.15 -44.38 0.72
N LYS C 363 -9.04 -44.26 -0.25
CA LYS C 363 -9.22 -43.01 -0.97
C LYS C 363 -9.76 -41.93 -0.05
N SER C 364 -10.27 -42.35 1.11
CA SER C 364 -10.81 -41.42 2.09
C SER C 364 -9.70 -40.92 2.99
N TYR C 365 -8.47 -41.23 2.62
CA TYR C 365 -7.29 -40.85 3.38
C TYR C 365 -7.31 -39.41 3.85
N PRO C 366 -7.50 -38.44 2.93
CA PRO C 366 -7.52 -37.05 3.37
C PRO C 366 -8.55 -36.70 4.46
N LEU C 367 -9.50 -37.60 4.69
CA LEU C 367 -10.54 -37.39 5.70
C LEU C 367 -10.26 -38.13 7.00
N VAL C 368 -9.83 -39.38 6.89
CA VAL C 368 -9.57 -40.21 8.06
C VAL C 368 -8.09 -40.42 8.37
N CYS C 369 -7.21 -40.13 7.42
CA CYS C 369 -5.76 -40.29 7.61
C CYS C 369 -5.35 -41.66 8.14
N ILE C 370 -5.96 -42.71 7.61
CA ILE C 370 -5.64 -44.07 8.04
C ILE C 370 -4.64 -44.72 7.09
N ALA C 371 -3.52 -45.20 7.64
CA ALA C 371 -2.49 -45.85 6.83
C ALA C 371 -3.09 -46.98 6.02
N LYS C 372 -2.47 -47.31 4.89
CA LYS C 372 -2.98 -48.36 4.03
C LYS C 372 -2.77 -49.74 4.65
N GLU C 373 -1.84 -49.82 5.58
CA GLU C 373 -1.54 -51.07 6.25
C GLU C 373 -2.57 -51.33 7.32
N LEU C 374 -3.19 -50.27 7.82
CA LEU C 374 -4.19 -50.41 8.87
C LEU C 374 -5.58 -50.68 8.28
N ILE C 375 -5.79 -50.28 7.03
CA ILE C 375 -7.06 -50.45 6.34
C ILE C 375 -7.73 -51.81 6.59
N PRO C 376 -6.99 -52.91 6.38
CA PRO C 376 -7.54 -54.26 6.58
C PRO C 376 -8.16 -54.46 7.95
N GLU C 377 -7.39 -54.13 8.98
CA GLU C 377 -7.85 -54.29 10.34
C GLU C 377 -9.04 -53.41 10.69
N ALA C 378 -9.00 -52.15 10.28
CA ALA C 378 -10.09 -51.21 10.55
C ALA C 378 -11.38 -51.68 9.91
N THR C 379 -11.33 -51.96 8.61
CA THR C 379 -12.51 -52.42 7.89
C THR C 379 -13.06 -53.69 8.49
N GLU C 380 -12.16 -54.57 8.95
CA GLU C 380 -12.56 -55.83 9.54
C GLU C 380 -13.29 -55.62 10.86
N LYS C 381 -12.80 -54.67 11.65
CA LYS C 381 -13.39 -54.34 12.94
C LYS C 381 -14.83 -53.83 12.83
N TYR C 382 -15.14 -53.12 11.76
CA TYR C 382 -16.47 -52.55 11.56
C TYR C 382 -17.42 -53.33 10.65
N LEU C 383 -16.96 -53.67 9.45
CA LEU C 383 -17.80 -54.39 8.50
C LEU C 383 -17.80 -55.90 8.68
N GLY C 384 -16.81 -56.43 9.38
CA GLY C 384 -16.76 -57.86 9.59
C GLY C 384 -17.91 -58.36 10.41
N GLY C 385 -18.69 -57.44 10.97
CA GLY C 385 -19.82 -57.83 11.80
C GLY C 385 -20.80 -58.77 11.12
N THR C 386 -21.24 -58.41 9.91
CA THR C 386 -22.19 -59.21 9.15
C THR C 386 -21.79 -59.42 7.70
N ASP C 387 -22.63 -60.13 6.97
CA ASP C 387 -22.40 -60.43 5.56
C ASP C 387 -23.30 -59.56 4.70
N ASP C 388 -24.28 -58.94 5.37
CA ASP C 388 -25.24 -58.09 4.70
C ASP C 388 -24.51 -56.90 4.08
N THR C 389 -24.45 -56.84 2.75
CA THR C 389 -23.77 -55.74 2.06
C THR C 389 -24.31 -54.37 2.40
N VAL C 390 -25.60 -54.25 2.64
CA VAL C 390 -26.16 -52.96 2.98
C VAL C 390 -25.73 -52.55 4.38
N LYS C 391 -25.62 -53.51 5.28
CA LYS C 391 -25.18 -53.21 6.64
C LYS C 391 -23.72 -52.76 6.64
N LYS C 392 -22.91 -53.34 5.75
CA LYS C 392 -21.50 -52.96 5.65
C LYS C 392 -21.39 -51.50 5.20
N LYS C 393 -22.34 -51.06 4.39
CA LYS C 393 -22.35 -49.68 3.92
C LYS C 393 -22.52 -48.80 5.15
N ASP C 394 -23.63 -48.98 5.86
CA ASP C 394 -23.90 -48.18 7.04
C ASP C 394 -22.80 -48.26 8.10
N LEU C 395 -22.20 -49.44 8.23
CA LEU C 395 -21.13 -49.65 9.21
C LEU C 395 -19.87 -48.93 8.75
N PHE C 396 -19.73 -48.78 7.44
CA PHE C 396 -18.58 -48.10 6.85
C PHE C 396 -18.74 -46.61 7.15
N LEU C 397 -19.97 -46.14 7.11
CA LEU C 397 -20.27 -44.74 7.40
C LEU C 397 -20.03 -44.46 8.88
N ASP C 398 -20.20 -45.46 9.72
CA ASP C 398 -19.95 -45.29 11.16
C ASP C 398 -18.44 -45.23 11.36
N LEU C 399 -17.72 -46.04 10.59
CA LEU C 399 -16.26 -46.09 10.64
C LEU C 399 -15.76 -44.66 10.48
N ILE C 400 -16.10 -44.05 9.36
CA ILE C 400 -15.67 -42.68 9.11
C ILE C 400 -16.19 -41.72 10.18
N ALA C 401 -17.49 -41.75 10.43
CA ALA C 401 -18.08 -40.86 11.43
C ALA C 401 -17.32 -40.89 12.75
N ASP C 402 -16.86 -42.07 13.17
CA ASP C 402 -16.14 -42.16 14.43
C ASP C 402 -14.74 -41.56 14.37
N VAL C 403 -14.04 -41.83 13.28
CA VAL C 403 -12.67 -41.31 13.13
C VAL C 403 -12.64 -39.79 13.04
N MET C 404 -13.63 -39.18 12.38
CA MET C 404 -13.67 -37.74 12.23
C MET C 404 -14.27 -36.97 13.40
N PHE C 405 -15.30 -37.54 14.04
CA PHE C 405 -15.96 -36.86 15.15
C PHE C 405 -16.08 -37.64 16.46
N GLY C 406 -16.56 -38.87 16.36
CA GLY C 406 -16.74 -39.69 17.55
C GLY C 406 -15.55 -39.69 18.49
N VAL C 407 -14.49 -40.38 18.09
CA VAL C 407 -13.29 -40.50 18.89
C VAL C 407 -12.61 -39.17 19.21
N PRO C 408 -12.40 -38.31 18.19
CA PRO C 408 -11.76 -37.00 18.39
C PRO C 408 -12.46 -36.21 19.49
N SER C 409 -13.78 -36.09 19.35
CA SER C 409 -14.62 -35.36 20.31
C SER C 409 -14.47 -35.90 21.73
N VAL C 410 -14.56 -37.21 21.89
CA VAL C 410 -14.46 -37.81 23.23
C VAL C 410 -13.08 -37.64 23.83
N ILE C 411 -12.03 -37.74 23.02
CA ILE C 411 -10.68 -37.57 23.56
C ILE C 411 -10.55 -36.12 24.06
N VAL C 412 -11.07 -35.18 23.28
CA VAL C 412 -11.04 -33.77 23.64
C VAL C 412 -11.73 -33.52 24.96
N ALA C 413 -12.93 -34.08 25.12
CA ALA C 413 -13.70 -33.91 26.36
C ALA C 413 -12.91 -34.47 27.55
N ARG C 414 -12.40 -35.68 27.38
CA ARG C 414 -11.63 -36.32 28.42
C ARG C 414 -10.47 -35.48 28.85
N ASN C 415 -9.69 -35.00 27.90
CA ASN C 415 -8.56 -34.15 28.24
C ASN C 415 -8.99 -32.87 28.92
N HIS C 416 -10.11 -32.30 28.51
CA HIS C 416 -10.61 -31.08 29.13
C HIS C 416 -11.01 -31.39 30.57
N ARG C 417 -11.66 -32.54 30.76
CA ARG C 417 -12.07 -32.96 32.09
C ARG C 417 -10.84 -33.16 32.98
N ASP C 418 -9.87 -33.94 32.51
CA ASP C 418 -8.66 -34.21 33.28
C ASP C 418 -7.84 -32.96 33.58
N ALA C 419 -8.04 -31.92 32.79
CA ALA C 419 -7.33 -30.66 32.98
C ALA C 419 -7.95 -29.94 34.17
N GLY C 420 -9.12 -30.39 34.57
CA GLY C 420 -9.79 -29.78 35.70
C GLY C 420 -10.94 -28.83 35.39
N ALA C 421 -11.33 -28.71 34.14
CA ALA C 421 -12.43 -27.80 33.81
C ALA C 421 -13.75 -28.53 33.57
N PRO C 422 -14.88 -27.88 33.92
CA PRO C 422 -16.23 -28.46 33.74
C PRO C 422 -16.48 -28.90 32.30
N THR C 423 -16.72 -30.20 32.10
CA THR C 423 -16.96 -30.73 30.76
C THR C 423 -18.36 -31.35 30.68
N TYR C 424 -18.92 -31.34 29.48
CA TYR C 424 -20.24 -31.91 29.23
C TYR C 424 -20.26 -32.49 27.82
N MET C 425 -20.89 -33.63 27.67
CA MET C 425 -20.99 -34.27 26.36
C MET C 425 -22.42 -34.64 26.03
N TYR C 426 -22.71 -34.80 24.75
CA TYR C 426 -24.04 -35.18 24.33
C TYR C 426 -23.99 -35.91 22.97
N GLU C 427 -25.03 -36.69 22.70
CA GLU C 427 -25.13 -37.39 21.44
C GLU C 427 -26.54 -37.13 20.92
N PHE C 428 -26.64 -36.33 19.86
CA PHE C 428 -27.92 -35.97 19.27
C PHE C 428 -28.42 -37.05 18.31
N GLN C 429 -29.56 -37.63 18.63
CA GLN C 429 -30.16 -38.67 17.80
C GLN C 429 -31.61 -38.30 17.48
N TYR C 430 -31.79 -37.61 16.35
CA TYR C 430 -33.11 -37.19 15.93
C TYR C 430 -33.07 -36.82 14.46
N ARG C 431 -34.18 -37.00 13.76
CA ARG C 431 -34.21 -36.63 12.35
C ARG C 431 -35.18 -35.49 12.15
N PRO C 432 -34.66 -34.26 11.96
CA PRO C 432 -35.50 -33.07 11.76
C PRO C 432 -36.42 -33.17 10.55
N SER C 433 -37.66 -32.71 10.72
CA SER C 433 -38.64 -32.75 9.64
C SER C 433 -38.18 -31.79 8.55
N PHE C 434 -37.16 -31.00 8.85
CA PHE C 434 -36.65 -30.05 7.89
C PHE C 434 -35.50 -30.63 7.04
N SER C 435 -35.31 -31.94 7.11
CA SER C 435 -34.25 -32.58 6.35
C SER C 435 -34.52 -32.47 4.86
N SER C 436 -33.48 -32.61 4.06
CA SER C 436 -33.66 -32.54 2.61
C SER C 436 -34.50 -33.74 2.20
N ASP C 437 -35.29 -33.57 1.14
CA ASP C 437 -36.13 -34.66 0.66
C ASP C 437 -35.24 -35.77 0.10
N MET C 438 -34.06 -35.38 -0.38
CA MET C 438 -33.12 -36.31 -0.95
C MET C 438 -32.39 -37.12 0.12
N LYS C 439 -32.66 -36.81 1.39
CA LYS C 439 -32.03 -37.51 2.50
C LYS C 439 -32.86 -38.73 2.90
N PRO C 440 -32.27 -39.94 2.85
CA PRO C 440 -33.02 -41.14 3.22
C PRO C 440 -33.64 -41.05 4.61
N LYS C 441 -34.90 -41.48 4.68
CA LYS C 441 -35.66 -41.43 5.93
C LYS C 441 -35.08 -42.27 7.04
N THR C 442 -34.16 -43.16 6.71
CA THR C 442 -33.55 -44.02 7.71
C THR C 442 -32.42 -43.30 8.46
N VAL C 443 -31.83 -42.29 7.82
CA VAL C 443 -30.74 -41.56 8.45
C VAL C 443 -31.27 -40.66 9.56
N ILE C 444 -30.85 -40.94 10.79
CA ILE C 444 -31.28 -40.18 11.94
C ILE C 444 -30.07 -39.67 12.70
N GLY C 445 -30.05 -38.36 12.94
CA GLY C 445 -28.93 -37.76 13.63
C GLY C 445 -27.79 -37.53 12.66
N ASP C 446 -28.12 -36.99 11.50
CA ASP C 446 -27.12 -36.69 10.47
C ASP C 446 -26.34 -35.44 10.89
N HIS C 447 -25.25 -35.18 10.18
CA HIS C 447 -24.40 -34.02 10.45
C HIS C 447 -25.26 -32.75 10.39
N GLY C 448 -25.12 -31.90 11.40
CA GLY C 448 -25.87 -30.65 11.43
C GLY C 448 -27.35 -30.73 11.75
N ASP C 449 -27.83 -31.91 12.12
CA ASP C 449 -29.25 -32.07 12.45
C ASP C 449 -29.67 -31.38 13.74
N GLU C 450 -28.72 -31.15 14.64
CA GLU C 450 -29.08 -30.50 15.90
C GLU C 450 -29.23 -29.01 15.70
N LEU C 451 -28.77 -28.50 14.56
CA LEU C 451 -28.85 -27.08 14.26
C LEU C 451 -30.30 -26.58 14.30
N PHE C 452 -31.25 -27.42 13.87
CA PHE C 452 -32.65 -27.04 13.86
C PHE C 452 -33.27 -26.92 15.24
N SER C 453 -32.69 -27.63 16.20
CA SER C 453 -33.18 -27.59 17.57
C SER C 453 -32.55 -26.40 18.27
N VAL C 454 -31.23 -26.29 18.16
CA VAL C 454 -30.46 -25.20 18.76
C VAL C 454 -30.98 -23.82 18.32
N PHE C 455 -31.20 -23.64 17.02
CA PHE C 455 -31.68 -22.36 16.52
C PHE C 455 -33.20 -22.20 16.38
N GLY C 456 -33.94 -23.04 17.10
CA GLY C 456 -35.39 -22.96 17.09
C GLY C 456 -36.08 -22.93 15.74
N ALA C 457 -35.63 -23.79 14.83
CA ALA C 457 -36.22 -23.87 13.50
C ALA C 457 -37.74 -24.12 13.58
N PRO C 458 -38.19 -24.95 14.54
CA PRO C 458 -39.62 -25.23 14.67
C PRO C 458 -40.47 -23.97 14.85
N PHE C 459 -39.84 -22.87 15.24
CA PHE C 459 -40.59 -21.64 15.45
C PHE C 459 -40.44 -20.62 14.31
N LEU C 460 -39.72 -20.99 13.26
CA LEU C 460 -39.54 -20.09 12.13
C LEU C 460 -40.03 -20.81 10.86
N LYS C 461 -39.81 -22.11 10.78
CA LYS C 461 -40.25 -22.92 9.65
C LYS C 461 -41.54 -23.62 10.03
N GLU C 462 -42.33 -24.04 9.03
CA GLU C 462 -43.59 -24.70 9.28
C GLU C 462 -43.57 -26.22 9.23
N GLY C 463 -44.56 -26.84 9.89
CA GLY C 463 -44.65 -28.29 9.89
C GLY C 463 -44.05 -29.00 11.09
N ALA C 464 -43.41 -28.27 11.98
CA ALA C 464 -42.82 -28.91 13.16
C ALA C 464 -43.93 -29.53 13.99
N SER C 465 -43.74 -30.80 14.37
CA SER C 465 -44.72 -31.49 15.20
C SER C 465 -44.50 -31.02 16.63
N GLU C 466 -45.48 -31.28 17.49
CA GLU C 466 -45.37 -30.87 18.89
C GLU C 466 -44.17 -31.54 19.54
N GLU C 467 -43.76 -32.65 18.95
CA GLU C 467 -42.62 -33.39 19.47
C GLU C 467 -41.32 -32.65 19.17
N GLU C 468 -41.19 -32.18 17.93
CA GLU C 468 -40.02 -31.46 17.46
C GLU C 468 -39.90 -30.10 18.13
N ILE C 469 -41.04 -29.44 18.28
CA ILE C 469 -41.09 -28.14 18.91
C ILE C 469 -40.58 -28.26 20.33
N ARG C 470 -41.10 -29.28 21.01
CA ARG C 470 -40.73 -29.54 22.39
C ARG C 470 -39.23 -29.79 22.49
N LEU C 471 -38.70 -30.57 21.54
CA LEU C 471 -37.27 -30.90 21.51
C LEU C 471 -36.41 -29.65 21.39
N SER C 472 -36.82 -28.75 20.49
CA SER C 472 -36.08 -27.50 20.29
C SER C 472 -36.09 -26.66 21.56
N LYS C 473 -37.24 -26.56 22.20
CA LYS C 473 -37.32 -25.77 23.42
C LYS C 473 -36.30 -26.29 24.42
N MET C 474 -36.30 -27.61 24.61
CA MET C 474 -35.38 -28.25 25.54
C MET C 474 -33.93 -27.91 25.26
N VAL C 475 -33.51 -28.12 24.02
CA VAL C 475 -32.14 -27.85 23.61
C VAL C 475 -31.76 -26.39 23.83
N MET C 476 -32.60 -25.47 23.37
CA MET C 476 -32.31 -24.06 23.57
C MET C 476 -32.13 -23.76 25.05
N LYS C 477 -33.00 -24.33 25.87
CA LYS C 477 -32.95 -24.16 27.32
C LYS C 477 -31.60 -24.62 27.89
N PHE C 478 -31.20 -25.83 27.51
CA PHE C 478 -29.94 -26.41 27.94
C PHE C 478 -28.80 -25.51 27.50
N TRP C 479 -28.80 -25.14 26.23
CA TRP C 479 -27.76 -24.28 25.67
C TRP C 479 -27.68 -22.94 26.39
N ALA C 480 -28.83 -22.28 26.55
CA ALA C 480 -28.88 -20.99 27.24
C ALA C 480 -28.49 -21.13 28.71
N ASN C 481 -28.95 -22.19 29.37
CA ASN C 481 -28.59 -22.41 30.77
C ASN C 481 -27.08 -22.55 30.86
N PHE C 482 -26.49 -23.27 29.91
CA PHE C 482 -25.05 -23.46 29.89
C PHE C 482 -24.40 -22.09 29.75
N ALA C 483 -24.91 -21.30 28.81
CA ALA C 483 -24.39 -19.97 28.55
C ALA C 483 -24.47 -19.12 29.81
N ARG C 484 -25.47 -19.39 30.63
CA ARG C 484 -25.66 -18.62 31.86
C ARG C 484 -24.76 -19.06 33.00
N ASN C 485 -24.84 -20.34 33.34
CA ASN C 485 -24.09 -20.88 34.46
C ASN C 485 -22.92 -21.80 34.15
N GLY C 486 -22.68 -22.09 32.88
CA GLY C 486 -21.58 -22.99 32.59
C GLY C 486 -22.04 -24.39 32.99
N ASN C 487 -23.36 -24.57 33.07
CA ASN C 487 -23.99 -25.84 33.43
C ASN C 487 -25.35 -25.86 32.71
N PRO C 488 -25.58 -26.88 31.88
CA PRO C 488 -26.84 -27.01 31.13
C PRO C 488 -28.09 -27.23 31.94
N ASN C 489 -27.96 -27.95 33.04
CA ASN C 489 -29.10 -28.28 33.87
C ASN C 489 -29.96 -27.10 34.26
N GLY C 490 -31.19 -27.39 34.65
CA GLY C 490 -32.15 -26.37 35.02
C GLY C 490 -33.48 -27.04 35.30
N GLU C 491 -34.32 -26.41 36.11
CA GLU C 491 -35.62 -27.01 36.45
C GLU C 491 -36.47 -27.22 35.22
N GLY C 492 -37.13 -28.36 35.20
CA GLY C 492 -38.00 -28.69 34.07
C GLY C 492 -37.22 -29.32 32.94
N LEU C 493 -35.98 -29.75 33.23
CA LEU C 493 -35.13 -30.36 32.22
C LEU C 493 -34.50 -31.62 32.75
N PRO C 494 -34.38 -32.64 31.89
CA PRO C 494 -33.77 -33.93 32.26
C PRO C 494 -32.40 -33.65 32.80
N HIS C 495 -31.99 -34.38 33.82
CA HIS C 495 -30.67 -34.16 34.38
C HIS C 495 -29.60 -34.49 33.37
N TRP C 496 -28.60 -33.62 33.27
CA TRP C 496 -27.50 -33.81 32.36
C TRP C 496 -26.30 -33.99 33.28
N PRO C 497 -25.79 -35.23 33.36
CA PRO C 497 -24.63 -35.49 34.22
C PRO C 497 -23.40 -34.77 33.68
N GLU C 498 -22.49 -34.39 34.57
CA GLU C 498 -21.27 -33.73 34.14
C GLU C 498 -20.36 -34.84 33.60
N TYR C 499 -19.60 -34.55 32.56
CA TYR C 499 -18.70 -35.54 32.00
C TYR C 499 -17.48 -35.63 32.90
N ASN C 500 -17.62 -36.40 33.98
CA ASN C 500 -16.54 -36.60 34.94
C ASN C 500 -15.89 -37.95 34.68
N GLN C 501 -15.47 -38.65 35.74
CA GLN C 501 -14.83 -39.94 35.55
C GLN C 501 -15.80 -41.04 35.12
N LYS C 502 -17.06 -40.93 35.53
CA LYS C 502 -18.07 -41.92 35.15
C LYS C 502 -18.34 -41.79 33.65
N GLU C 503 -17.93 -40.63 33.11
CA GLU C 503 -18.08 -40.30 31.70
C GLU C 503 -19.53 -40.28 31.26
N GLY C 504 -20.37 -39.78 32.15
CA GLY C 504 -21.79 -39.67 31.83
C GLY C 504 -22.01 -38.57 30.80
N TYR C 505 -22.99 -38.79 29.94
CA TYR C 505 -23.31 -37.83 28.90
C TYR C 505 -24.82 -37.88 28.67
N LEU C 506 -25.35 -36.89 27.97
CA LEU C 506 -26.78 -36.86 27.71
C LEU C 506 -27.09 -37.26 26.27
N GLN C 507 -28.09 -38.11 26.11
CA GLN C 507 -28.50 -38.53 24.78
C GLN C 507 -29.73 -37.68 24.51
N ILE C 508 -29.62 -36.77 23.55
CA ILE C 508 -30.72 -35.88 23.22
C ILE C 508 -31.49 -36.40 22.03
N GLY C 509 -32.81 -36.43 22.16
CA GLY C 509 -33.65 -36.91 21.09
C GLY C 509 -35.07 -37.07 21.57
N ALA C 510 -35.84 -37.89 20.88
CA ALA C 510 -37.23 -38.12 21.24
C ALA C 510 -37.33 -38.50 22.72
N ASN C 511 -36.35 -39.27 23.19
CA ASN C 511 -36.29 -39.67 24.59
C ASN C 511 -34.93 -39.23 25.08
N THR C 512 -34.89 -38.16 25.86
CA THR C 512 -33.64 -37.63 26.36
C THR C 512 -33.34 -38.11 27.76
N GLN C 513 -32.24 -38.83 27.91
CA GLN C 513 -31.84 -39.35 29.21
C GLN C 513 -30.33 -39.56 29.26
N ALA C 514 -29.76 -39.49 30.46
CA ALA C 514 -28.33 -39.69 30.63
C ALA C 514 -27.89 -41.11 30.29
N ALA C 515 -26.60 -41.28 30.03
CA ALA C 515 -25.99 -42.56 29.70
C ALA C 515 -24.52 -42.41 30.10
N GLN C 516 -23.68 -43.38 29.75
CA GLN C 516 -22.26 -43.28 30.13
C GLN C 516 -21.27 -43.84 29.11
N LYS C 517 -20.01 -43.43 29.23
CA LYS C 517 -18.93 -43.88 28.37
C LYS C 517 -19.20 -43.85 26.87
N LEU C 518 -19.57 -42.70 26.37
CA LEU C 518 -19.84 -42.50 24.96
C LEU C 518 -18.63 -42.89 24.11
N LYS C 519 -18.86 -43.69 23.07
CA LYS C 519 -17.79 -44.11 22.17
C LYS C 519 -16.55 -44.63 22.89
N ASP C 520 -16.71 -45.03 24.14
CA ASP C 520 -15.59 -45.51 24.95
C ASP C 520 -14.86 -46.68 24.29
N LYS C 521 -15.64 -47.58 23.72
CA LYS C 521 -15.12 -48.77 23.07
C LYS C 521 -14.37 -48.45 21.78
N GLU C 522 -14.86 -47.47 21.02
CA GLU C 522 -14.23 -47.07 19.77
C GLU C 522 -12.94 -46.30 19.99
N VAL C 523 -12.96 -45.37 20.94
CA VAL C 523 -11.78 -44.59 21.26
C VAL C 523 -10.65 -45.55 21.58
N ALA C 524 -10.98 -46.61 22.30
CA ALA C 524 -9.99 -47.63 22.67
C ALA C 524 -9.42 -48.29 21.42
N PHE C 525 -10.30 -48.76 20.53
CA PHE C 525 -9.84 -49.42 19.32
C PHE C 525 -8.93 -48.54 18.49
N TRP C 526 -9.39 -47.33 18.18
CA TRP C 526 -8.62 -46.40 17.36
C TRP C 526 -7.34 -45.86 17.99
N THR C 527 -7.28 -45.81 19.32
CA THR C 527 -6.08 -45.32 19.96
C THR C 527 -4.96 -46.35 19.73
N ASN C 528 -5.33 -47.61 19.54
CA ASN C 528 -4.34 -48.64 19.30
C ASN C 528 -4.00 -48.74 17.83
N LEU C 529 -5.02 -48.73 16.98
CA LEU C 529 -4.80 -48.83 15.55
C LEU C 529 -3.84 -47.73 15.10
N PHE C 530 -4.11 -46.51 15.56
CA PHE C 530 -3.29 -45.36 15.20
C PHE C 530 -1.92 -45.36 15.86
N ALA C 531 -1.78 -46.15 16.93
CA ALA C 531 -0.50 -46.25 17.63
C ALA C 531 0.31 -47.25 16.82
N LYS C 532 -0.19 -47.56 15.64
CA LYS C 532 0.46 -48.48 14.71
C LYS C 532 0.82 -49.80 15.41
#